data_5ZQH
# 
_entry.id   5ZQH 
# 
_audit_conform.dict_name       mmcif_pdbx.dic 
_audit_conform.dict_version    5.380 
_audit_conform.dict_location   http://mmcif.pdb.org/dictionaries/ascii/mmcif_pdbx.dic 
# 
loop_
_database_2.database_id 
_database_2.database_code 
_database_2.pdbx_database_accession 
_database_2.pdbx_DOI 
PDB   5ZQH         pdb_00005zqh 10.2210/pdb5zqh/pdb 
WWPDB D_1300007490 ?            ?                   
# 
_pdbx_database_status.status_code                     REL 
_pdbx_database_status.status_code_sf                  REL 
_pdbx_database_status.status_code_mr                  ? 
_pdbx_database_status.entry_id                        5ZQH 
_pdbx_database_status.recvd_initial_deposition_date   2018-04-19 
_pdbx_database_status.SG_entry                        N 
_pdbx_database_status.deposit_site                    PDBJ 
_pdbx_database_status.process_site                    PDBJ 
_pdbx_database_status.status_code_cs                  ? 
_pdbx_database_status.methods_development_category    ? 
_pdbx_database_status.pdb_format_compatible           Y 
_pdbx_database_status.status_code_nmr_data            ? 
# 
loop_
_audit_author.name 
_audit_author.pdbx_ordinal 
_audit_author.identifier_ORCID 
'Kim, M.'  1 ? 
'Hong, M.' 2 ? 
# 
_citation.abstract                  ? 
_citation.abstract_id_CAS           ? 
_citation.book_id_ISBN              ? 
_citation.book_publisher            ? 
_citation.book_publisher_city       ? 
_citation.book_title                ? 
_citation.coordinate_linkage        ? 
_citation.country                   US 
_citation.database_id_Medline       ? 
_citation.details                   ? 
_citation.id                        primary 
_citation.journal_abbrev            Biochem.Biophys.Res.Commun. 
_citation.journal_id_ASTM           BBRCA9 
_citation.journal_id_CSD            0146 
_citation.journal_id_ISSN           1090-2104 
_citation.journal_full              ? 
_citation.journal_issue             ? 
_citation.journal_volume            532 
_citation.language                  ? 
_citation.page_first                251 
_citation.page_last                 257 
_citation.title                     
;Structure-based functional analysis of a PadR transcription factor from Streptococcus pneumoniae and characteristic features in the PadR subfamily-2.
;
_citation.year                      2020 
_citation.database_id_CSD           ? 
_citation.pdbx_database_id_DOI      10.1016/j.bbrc.2020.08.035 
_citation.pdbx_database_id_PubMed   32868077 
_citation.unpublished_flag          ? 
# 
loop_
_citation_author.citation_id 
_citation_author.name 
_citation_author.ordinal 
_citation_author.identifier_ORCID 
primary 'Lee, C.'    1 ? 
primary 'Kim, M.I.'  2 ? 
primary 'Park, J.'   3 ? 
primary 'Oh, H.'     4 ? 
primary 'Kim, J.'    5 ? 
primary 'Hong, J.'   6 ? 
primary 'Jeon, B.Y.' 7 ? 
primary 'Ka, H.'     8 ? 
primary 'Hong, M.'   9 ? 
# 
_cell.angle_alpha                  90.000 
_cell.angle_alpha_esd              ? 
_cell.angle_beta                   127.890 
_cell.angle_beta_esd               ? 
_cell.angle_gamma                  90.000 
_cell.angle_gamma_esd              ? 
_cell.entry_id                     5ZQH 
_cell.details                      ? 
_cell.formula_units_Z              ? 
_cell.length_a                     82.301 
_cell.length_a_esd                 ? 
_cell.length_b                     30.612 
_cell.length_b_esd                 ? 
_cell.length_c                     51.481 
_cell.length_c_esd                 ? 
_cell.volume                       ? 
_cell.volume_esd                   ? 
_cell.Z_PDB                        4 
_cell.reciprocal_angle_alpha       ? 
_cell.reciprocal_angle_beta        ? 
_cell.reciprocal_angle_gamma       ? 
_cell.reciprocal_angle_alpha_esd   ? 
_cell.reciprocal_angle_beta_esd    ? 
_cell.reciprocal_angle_gamma_esd   ? 
_cell.reciprocal_length_a          ? 
_cell.reciprocal_length_b          ? 
_cell.reciprocal_length_c          ? 
_cell.reciprocal_length_a_esd      ? 
_cell.reciprocal_length_b_esd      ? 
_cell.reciprocal_length_c_esd      ? 
_cell.pdbx_unique_axis             ? 
# 
_symmetry.entry_id                         5ZQH 
_symmetry.cell_setting                     ? 
_symmetry.Int_Tables_number                5 
_symmetry.space_group_name_Hall            ? 
_symmetry.space_group_name_H-M             'C 1 2 1' 
_symmetry.pdbx_full_space_group_name_H-M   ? 
# 
loop_
_entity.id 
_entity.type 
_entity.src_method 
_entity.pdbx_description 
_entity.formula_weight 
_entity.pdbx_number_of_molecules 
_entity.pdbx_ec 
_entity.pdbx_mutation 
_entity.pdbx_fragment 
_entity.details 
1 polymer man 'PadR family transcriptional regulator' 11878.516 1  ? ? ? ? 
2 water   nat water                                   18.015    16 ? ? ? ? 
# 
_entity_name_com.entity_id   1 
_entity_name_com.name        'putative PadR-like protein' 
# 
_entity_poly.entity_id                      1 
_entity_poly.type                           'polypeptide(L)' 
_entity_poly.nstd_linkage                   no 
_entity_poly.nstd_monomer                   no 
_entity_poly.pdbx_seq_one_letter_code       
;ETQLLKGVLEGCVLDMIGQKERYGYELVQTLREAGFDTIVPGTIYPLLQKLEKNQWIRGDMRPSPDGPDRKYFSLMKEGE
ERVSVFWQQWDDLSQKVEGIKN
;
_entity_poly.pdbx_seq_one_letter_code_can   
;ETQLLKGVLEGCVLDMIGQKERYGYELVQTLREAGFDTIVPGTIYPLLQKLEKNQWIRGDMRPSPDGPDRKYFSLMKEGE
ERVSVFWQQWDDLSQKVEGIKN
;
_entity_poly.pdbx_strand_id                 A 
_entity_poly.pdbx_target_identifier         ? 
# 
loop_
_entity_poly_seq.entity_id 
_entity_poly_seq.num 
_entity_poly_seq.mon_id 
_entity_poly_seq.hetero 
1 1   GLU n 
1 2   THR n 
1 3   GLN n 
1 4   LEU n 
1 5   LEU n 
1 6   LYS n 
1 7   GLY n 
1 8   VAL n 
1 9   LEU n 
1 10  GLU n 
1 11  GLY n 
1 12  CYS n 
1 13  VAL n 
1 14  LEU n 
1 15  ASP n 
1 16  MET n 
1 17  ILE n 
1 18  GLY n 
1 19  GLN n 
1 20  LYS n 
1 21  GLU n 
1 22  ARG n 
1 23  TYR n 
1 24  GLY n 
1 25  TYR n 
1 26  GLU n 
1 27  LEU n 
1 28  VAL n 
1 29  GLN n 
1 30  THR n 
1 31  LEU n 
1 32  ARG n 
1 33  GLU n 
1 34  ALA n 
1 35  GLY n 
1 36  PHE n 
1 37  ASP n 
1 38  THR n 
1 39  ILE n 
1 40  VAL n 
1 41  PRO n 
1 42  GLY n 
1 43  THR n 
1 44  ILE n 
1 45  TYR n 
1 46  PRO n 
1 47  LEU n 
1 48  LEU n 
1 49  GLN n 
1 50  LYS n 
1 51  LEU n 
1 52  GLU n 
1 53  LYS n 
1 54  ASN n 
1 55  GLN n 
1 56  TRP n 
1 57  ILE n 
1 58  ARG n 
1 59  GLY n 
1 60  ASP n 
1 61  MET n 
1 62  ARG n 
1 63  PRO n 
1 64  SER n 
1 65  PRO n 
1 66  ASP n 
1 67  GLY n 
1 68  PRO n 
1 69  ASP n 
1 70  ARG n 
1 71  LYS n 
1 72  TYR n 
1 73  PHE n 
1 74  SER n 
1 75  LEU n 
1 76  MET n 
1 77  LYS n 
1 78  GLU n 
1 79  GLY n 
1 80  GLU n 
1 81  GLU n 
1 82  ARG n 
1 83  VAL n 
1 84  SER n 
1 85  VAL n 
1 86  PHE n 
1 87  TRP n 
1 88  GLN n 
1 89  GLN n 
1 90  TRP n 
1 91  ASP n 
1 92  ASP n 
1 93  LEU n 
1 94  SER n 
1 95  GLN n 
1 96  LYS n 
1 97  VAL n 
1 98  GLU n 
1 99  GLY n 
1 100 ILE n 
1 101 LYS n 
1 102 ASN n 
# 
_entity_src_gen.entity_id                          1 
_entity_src_gen.pdbx_src_id                        1 
_entity_src_gen.pdbx_alt_source_flag               sample 
_entity_src_gen.pdbx_seq_type                      'Biological sequence' 
_entity_src_gen.pdbx_beg_seq_num                   1 
_entity_src_gen.pdbx_end_seq_num                   102 
_entity_src_gen.gene_src_common_name               ? 
_entity_src_gen.gene_src_genus                     ? 
_entity_src_gen.pdbx_gene_src_gene                 ? 
_entity_src_gen.gene_src_species                   ? 
_entity_src_gen.gene_src_strain                    ? 
_entity_src_gen.gene_src_tissue                    ? 
_entity_src_gen.gene_src_tissue_fraction           ? 
_entity_src_gen.gene_src_details                   ? 
_entity_src_gen.pdbx_gene_src_fragment             ? 
_entity_src_gen.pdbx_gene_src_scientific_name      'Streptococcus pneumoniae' 
_entity_src_gen.pdbx_gene_src_ncbi_taxonomy_id     1313 
_entity_src_gen.pdbx_gene_src_variant              ? 
_entity_src_gen.pdbx_gene_src_cell_line            ? 
_entity_src_gen.pdbx_gene_src_atcc                 ? 
_entity_src_gen.pdbx_gene_src_organ                ? 
_entity_src_gen.pdbx_gene_src_organelle            ? 
_entity_src_gen.pdbx_gene_src_cell                 ? 
_entity_src_gen.pdbx_gene_src_cellular_location    ? 
_entity_src_gen.host_org_common_name               ? 
_entity_src_gen.pdbx_host_org_scientific_name      'Escherichia coli' 
_entity_src_gen.pdbx_host_org_ncbi_taxonomy_id     562 
_entity_src_gen.host_org_genus                     ? 
_entity_src_gen.pdbx_host_org_gene                 ? 
_entity_src_gen.pdbx_host_org_organ                ? 
_entity_src_gen.host_org_species                   ? 
_entity_src_gen.pdbx_host_org_tissue               ? 
_entity_src_gen.pdbx_host_org_tissue_fraction      ? 
_entity_src_gen.pdbx_host_org_strain               ? 
_entity_src_gen.pdbx_host_org_variant              ? 
_entity_src_gen.pdbx_host_org_cell_line            ? 
_entity_src_gen.pdbx_host_org_atcc                 ? 
_entity_src_gen.pdbx_host_org_culture_collection   ? 
_entity_src_gen.pdbx_host_org_cell                 ? 
_entity_src_gen.pdbx_host_org_organelle            ? 
_entity_src_gen.pdbx_host_org_cellular_location    ? 
_entity_src_gen.pdbx_host_org_vector_type          ? 
_entity_src_gen.pdbx_host_org_vector               ? 
_entity_src_gen.host_org_details                   ? 
_entity_src_gen.expression_system_id               ? 
_entity_src_gen.plasmid_name                       ? 
_entity_src_gen.plasmid_details                    ? 
_entity_src_gen.pdbx_description                   ? 
# 
_struct_ref.id                         1 
_struct_ref.db_name                    UNP 
_struct_ref.db_code                    A0A229FJD3_STREE 
_struct_ref.pdbx_db_accession          A0A229FJD3 
_struct_ref.pdbx_db_isoform            ? 
_struct_ref.entity_id                  1 
_struct_ref.pdbx_seq_one_letter_code   
;ETQLLKGVLEGCVLDMIGQKERYGYELVQTLREAGFDTIVPGTIYPLLQKLEKNQWIRGDMRPSPDGPDRKYFSLMKEGE
ERVSVFWQQWDDLSQKVEGIKN
;
_struct_ref.pdbx_align_begin           4 
# 
_struct_ref_seq.align_id                      1 
_struct_ref_seq.ref_id                        1 
_struct_ref_seq.pdbx_PDB_id_code              5ZQH 
_struct_ref_seq.pdbx_strand_id                A 
_struct_ref_seq.seq_align_beg                 1 
_struct_ref_seq.pdbx_seq_align_beg_ins_code   ? 
_struct_ref_seq.seq_align_end                 102 
_struct_ref_seq.pdbx_seq_align_end_ins_code   ? 
_struct_ref_seq.pdbx_db_accession             A0A229FJD3 
_struct_ref_seq.db_align_beg                  4 
_struct_ref_seq.pdbx_db_align_beg_ins_code    ? 
_struct_ref_seq.db_align_end                  105 
_struct_ref_seq.pdbx_db_align_end_ins_code    ? 
_struct_ref_seq.pdbx_auth_seq_align_beg       4 
_struct_ref_seq.pdbx_auth_seq_align_end       105 
# 
loop_
_chem_comp.id 
_chem_comp.type 
_chem_comp.mon_nstd_flag 
_chem_comp.name 
_chem_comp.pdbx_synonyms 
_chem_comp.formula 
_chem_comp.formula_weight 
ALA 'L-peptide linking' y ALANINE         ? 'C3 H7 N O2'     89.093  
ARG 'L-peptide linking' y ARGININE        ? 'C6 H15 N4 O2 1' 175.209 
ASN 'L-peptide linking' y ASPARAGINE      ? 'C4 H8 N2 O3'    132.118 
ASP 'L-peptide linking' y 'ASPARTIC ACID' ? 'C4 H7 N O4'     133.103 
CYS 'L-peptide linking' y CYSTEINE        ? 'C3 H7 N O2 S'   121.158 
GLN 'L-peptide linking' y GLUTAMINE       ? 'C5 H10 N2 O3'   146.144 
GLU 'L-peptide linking' y 'GLUTAMIC ACID' ? 'C5 H9 N O4'     147.129 
GLY 'peptide linking'   y GLYCINE         ? 'C2 H5 N O2'     75.067  
HOH non-polymer         . WATER           ? 'H2 O'           18.015  
ILE 'L-peptide linking' y ISOLEUCINE      ? 'C6 H13 N O2'    131.173 
LEU 'L-peptide linking' y LEUCINE         ? 'C6 H13 N O2'    131.173 
LYS 'L-peptide linking' y LYSINE          ? 'C6 H15 N2 O2 1' 147.195 
MET 'L-peptide linking' y METHIONINE      ? 'C5 H11 N O2 S'  149.211 
PHE 'L-peptide linking' y PHENYLALANINE   ? 'C9 H11 N O2'    165.189 
PRO 'L-peptide linking' y PROLINE         ? 'C5 H9 N O2'     115.130 
SER 'L-peptide linking' y SERINE          ? 'C3 H7 N O3'     105.093 
THR 'L-peptide linking' y THREONINE       ? 'C4 H9 N O3'     119.119 
TRP 'L-peptide linking' y TRYPTOPHAN      ? 'C11 H12 N2 O2'  204.225 
TYR 'L-peptide linking' y TYROSINE        ? 'C9 H11 N O3'    181.189 
VAL 'L-peptide linking' y VALINE          ? 'C5 H11 N O2'    117.146 
# 
_exptl.absorpt_coefficient_mu     ? 
_exptl.absorpt_correction_T_max   ? 
_exptl.absorpt_correction_T_min   ? 
_exptl.absorpt_correction_type    ? 
_exptl.absorpt_process_details    ? 
_exptl.entry_id                   5ZQH 
_exptl.crystals_number            1 
_exptl.details                    ? 
_exptl.method                     'X-RAY DIFFRACTION' 
_exptl.method_details             ? 
# 
_exptl_crystal.colour                      ? 
_exptl_crystal.density_diffrn              ? 
_exptl_crystal.density_Matthews            2.15 
_exptl_crystal.density_method              ? 
_exptl_crystal.density_percent_sol         42.90 
_exptl_crystal.description                 ? 
_exptl_crystal.F_000                       ? 
_exptl_crystal.id                          1 
_exptl_crystal.preparation                 ? 
_exptl_crystal.size_max                    ? 
_exptl_crystal.size_mid                    ? 
_exptl_crystal.size_min                    ? 
_exptl_crystal.size_rad                    ? 
_exptl_crystal.colour_lustre               ? 
_exptl_crystal.colour_modifier             ? 
_exptl_crystal.colour_primary              ? 
_exptl_crystal.density_meas                ? 
_exptl_crystal.density_meas_esd            ? 
_exptl_crystal.density_meas_gt             ? 
_exptl_crystal.density_meas_lt             ? 
_exptl_crystal.density_meas_temp           ? 
_exptl_crystal.density_meas_temp_esd       ? 
_exptl_crystal.density_meas_temp_gt        ? 
_exptl_crystal.density_meas_temp_lt        ? 
_exptl_crystal.pdbx_crystal_image_url      ? 
_exptl_crystal.pdbx_crystal_image_format   ? 
_exptl_crystal.pdbx_mosaicity              ? 
_exptl_crystal.pdbx_mosaicity_esd          ? 
# 
_exptl_crystal_grow.apparatus       ? 
_exptl_crystal_grow.atmosphere      ? 
_exptl_crystal_grow.crystal_id      1 
_exptl_crystal_grow.details         ? 
_exptl_crystal_grow.method          'VAPOR DIFFUSION, SITTING DROP' 
_exptl_crystal_grow.method_ref      ? 
_exptl_crystal_grow.pH              4 
_exptl_crystal_grow.pressure        ? 
_exptl_crystal_grow.pressure_esd    ? 
_exptl_crystal_grow.seeding         ? 
_exptl_crystal_grow.seeding_ref     ? 
_exptl_crystal_grow.temp            291 
_exptl_crystal_grow.temp_details    ? 
_exptl_crystal_grow.temp_esd        ? 
_exptl_crystal_grow.time            ? 
_exptl_crystal_grow.pdbx_details    '0.2M Ammonium sulfate, 25% PEG3350' 
_exptl_crystal_grow.pdbx_pH_range   ? 
# 
_diffrn.ambient_environment    ? 
_diffrn.ambient_temp           100 
_diffrn.ambient_temp_details   ? 
_diffrn.ambient_temp_esd       ? 
_diffrn.crystal_id             1 
_diffrn.crystal_support        ? 
_diffrn.crystal_treatment      ? 
_diffrn.details                ? 
_diffrn.id                     1 
_diffrn.ambient_pressure       ? 
_diffrn.ambient_pressure_esd   ? 
_diffrn.ambient_pressure_gt    ? 
_diffrn.ambient_pressure_lt    ? 
_diffrn.ambient_temp_gt        ? 
_diffrn.ambient_temp_lt        ? 
# 
_diffrn_detector.details                      ? 
_diffrn_detector.detector                     CCD 
_diffrn_detector.diffrn_id                    1 
_diffrn_detector.type                         'ADSC QUANTUM 270' 
_diffrn_detector.area_resol_mean              ? 
_diffrn_detector.dtime                        ? 
_diffrn_detector.pdbx_frames_total            ? 
_diffrn_detector.pdbx_collection_time_total   ? 
_diffrn_detector.pdbx_collection_date         2017-12-28 
# 
_diffrn_radiation.collimation                      ? 
_diffrn_radiation.diffrn_id                        1 
_diffrn_radiation.filter_edge                      ? 
_diffrn_radiation.inhomogeneity                    ? 
_diffrn_radiation.monochromator                    ? 
_diffrn_radiation.polarisn_norm                    ? 
_diffrn_radiation.polarisn_ratio                   ? 
_diffrn_radiation.probe                            ? 
_diffrn_radiation.type                             ? 
_diffrn_radiation.xray_symbol                      ? 
_diffrn_radiation.wavelength_id                    1 
_diffrn_radiation.pdbx_monochromatic_or_laue_m_l   M 
_diffrn_radiation.pdbx_wavelength_list             ? 
_diffrn_radiation.pdbx_wavelength                  ? 
_diffrn_radiation.pdbx_diffrn_protocol             'SINGLE WAVELENGTH' 
_diffrn_radiation.pdbx_analyzer                    ? 
_diffrn_radiation.pdbx_scattering_type             x-ray 
# 
_diffrn_radiation_wavelength.id           1 
_diffrn_radiation_wavelength.wavelength   1.00003 
_diffrn_radiation_wavelength.wt           1.0 
# 
_diffrn_source.current                     ? 
_diffrn_source.details                     ? 
_diffrn_source.diffrn_id                   1 
_diffrn_source.power                       ? 
_diffrn_source.size                        ? 
_diffrn_source.source                      SYNCHROTRON 
_diffrn_source.target                      ? 
_diffrn_source.type                        'PAL/PLS BEAMLINE 7A (6B, 6C1)' 
_diffrn_source.voltage                     ? 
_diffrn_source.take-off_angle              ? 
_diffrn_source.pdbx_wavelength_list        1.00003 
_diffrn_source.pdbx_wavelength             ? 
_diffrn_source.pdbx_synchrotron_beamline   '7A (6B, 6C1)' 
_diffrn_source.pdbx_synchrotron_site       PAL/PLS 
# 
_reflns.B_iso_Wilson_estimate            ? 
_reflns.entry_id                         5ZQH 
_reflns.data_reduction_details           ? 
_reflns.data_reduction_method            ? 
_reflns.d_resolution_high                2.400 
_reflns.d_resolution_low                 50.000 
_reflns.details                          ? 
_reflns.limit_h_max                      ? 
_reflns.limit_h_min                      ? 
_reflns.limit_k_max                      ? 
_reflns.limit_k_min                      ? 
_reflns.limit_l_max                      ? 
_reflns.limit_l_min                      ? 
_reflns.number_all                       ? 
_reflns.number_obs                       4026 
_reflns.observed_criterion               ? 
_reflns.observed_criterion_F_max         ? 
_reflns.observed_criterion_F_min         ? 
_reflns.observed_criterion_I_max         ? 
_reflns.observed_criterion_I_min         ? 
_reflns.observed_criterion_sigma_F       ? 
_reflns.observed_criterion_sigma_I       ? 
_reflns.percent_possible_obs             97.800 
_reflns.R_free_details                   ? 
_reflns.Rmerge_F_all                     ? 
_reflns.Rmerge_F_obs                     ? 
_reflns.Friedel_coverage                 ? 
_reflns.number_gt                        ? 
_reflns.threshold_expression             ? 
_reflns.pdbx_redundancy                  3.000 
_reflns.pdbx_Rmerge_I_obs                0.038 
_reflns.pdbx_Rmerge_I_all                ? 
_reflns.pdbx_Rsym_value                  ? 
_reflns.pdbx_netI_over_av_sigmaI         ? 
_reflns.pdbx_netI_over_sigmaI            30.000 
_reflns.pdbx_res_netI_over_av_sigmaI_2   ? 
_reflns.pdbx_res_netI_over_sigmaI_2      ? 
_reflns.pdbx_chi_squared                 2.556 
_reflns.pdbx_scaling_rejects             ? 
_reflns.pdbx_d_res_high_opt              ? 
_reflns.pdbx_d_res_low_opt               ? 
_reflns.pdbx_d_res_opt_method            ? 
_reflns.phase_calculation_details        ? 
_reflns.pdbx_Rrim_I_all                  0.047 
_reflns.pdbx_Rpim_I_all                  0.027 
_reflns.pdbx_d_opt                       ? 
_reflns.pdbx_number_measured_all         ? 
_reflns.pdbx_diffrn_id                   1 
_reflns.pdbx_ordinal                     1 
_reflns.pdbx_CC_half                     ? 
_reflns.pdbx_R_split                     ? 
# 
loop_
_reflns_shell.d_res_high 
_reflns_shell.d_res_low 
_reflns_shell.meanI_over_sigI_all 
_reflns_shell.meanI_over_sigI_obs 
_reflns_shell.number_measured_all 
_reflns_shell.number_measured_obs 
_reflns_shell.number_possible 
_reflns_shell.number_unique_all 
_reflns_shell.number_unique_obs 
_reflns_shell.percent_possible_all 
_reflns_shell.percent_possible_obs 
_reflns_shell.Rmerge_F_all 
_reflns_shell.Rmerge_F_obs 
_reflns_shell.Rmerge_I_all 
_reflns_shell.Rmerge_I_obs 
_reflns_shell.meanI_over_sigI_gt 
_reflns_shell.meanI_over_uI_all 
_reflns_shell.meanI_over_uI_gt 
_reflns_shell.number_measured_gt 
_reflns_shell.number_unique_gt 
_reflns_shell.percent_possible_gt 
_reflns_shell.Rmerge_F_gt 
_reflns_shell.Rmerge_I_gt 
_reflns_shell.pdbx_redundancy 
_reflns_shell.pdbx_Rsym_value 
_reflns_shell.pdbx_chi_squared 
_reflns_shell.pdbx_netI_over_sigmaI_all 
_reflns_shell.pdbx_netI_over_sigmaI_obs 
_reflns_shell.pdbx_Rrim_I_all 
_reflns_shell.pdbx_Rpim_I_all 
_reflns_shell.pdbx_rejects 
_reflns_shell.pdbx_ordinal 
_reflns_shell.pdbx_diffrn_id 
_reflns_shell.pdbx_CC_half 
_reflns_shell.pdbx_R_split 
2.400 2.440  ? ? ? ? ? ? 200 100.000 ? ? ? ? 0.075 ? ? ? ? ? ? ? ? 3.100 ? 3.002 ? ? 0.091 0.051 ? 1  1 0.994 ? 
2.440 2.490  ? ? ? ? ? ? 212 99.500  ? ? ? ? 0.063 ? ? ? ? ? ? ? ? 3.000 ? 2.900 ? ? 0.077 0.044 ? 2  1 0.995 ? 
2.490 2.530  ? ? ? ? ? ? 180 98.900  ? ? ? ? 0.062 ? ? ? ? ? ? ? ? 3.100 ? 2.627 ? ? 0.076 0.043 ? 3  1 0.994 ? 
2.530 2.590  ? ? ? ? ? ? 231 99.600  ? ? ? ? 0.058 ? ? ? ? ? ? ? ? 3.000 ? 2.874 ? ? 0.071 0.041 ? 4  1 0.992 ? 
2.590 2.640  ? ? ? ? ? ? 182 99.500  ? ? ? ? 0.054 ? ? ? ? ? ? ? ? 3.000 ? 2.830 ? ? 0.065 0.037 ? 5  1 0.996 ? 
2.640 2.700  ? ? ? ? ? ? 199 98.500  ? ? ? ? 0.056 ? ? ? ? ? ? ? ? 2.900 ? 2.806 ? ? 0.069 0.040 ? 6  1 0.990 ? 
2.700 2.770  ? ? ? ? ? ? 214 99.500  ? ? ? ? 0.054 ? ? ? ? ? ? ? ? 3.000 ? 2.814 ? ? 0.066 0.037 ? 7  1 0.995 ? 
2.770 2.850  ? ? ? ? ? ? 189 99.000  ? ? ? ? 0.049 ? ? ? ? ? ? ? ? 3.000 ? 2.699 ? ? 0.060 0.034 ? 8  1 0.995 ? 
2.850 2.930  ? ? ? ? ? ? 204 99.000  ? ? ? ? 0.048 ? ? ? ? ? ? ? ? 3.000 ? 2.646 ? ? 0.059 0.034 ? 9  1 0.994 ? 
2.930 3.020  ? ? ? ? ? ? 198 100.000 ? ? ? ? 0.045 ? ? ? ? ? ? ? ? 3.000 ? 2.597 ? ? 0.055 0.031 ? 10 1 0.996 ? 
3.020 3.130  ? ? ? ? ? ? 212 99.100  ? ? ? ? 0.045 ? ? ? ? ? ? ? ? 3.100 ? 2.896 ? ? 0.054 0.030 ? 11 1 0.995 ? 
3.130 3.260  ? ? ? ? ? ? 198 100.000 ? ? ? ? 0.043 ? ? ? ? ? ? ? ? 2.900 ? 2.750 ? ? 0.052 0.030 ? 12 1 0.997 ? 
3.260 3.410  ? ? ? ? ? ? 220 100.000 ? ? ? ? 0.037 ? ? ? ? ? ? ? ? 3.000 ? 2.346 ? ? 0.046 0.026 ? 13 1 0.997 ? 
3.410 3.580  ? ? ? ? ? ? 188 99.500  ? ? ? ? 0.037 ? ? ? ? ? ? ? ? 3.000 ? 2.389 ? ? 0.045 0.026 ? 14 1 0.996 ? 
3.580 3.810  ? ? ? ? ? ? 214 99.100  ? ? ? ? 0.037 ? ? ? ? ? ? ? ? 2.900 ? 2.287 ? ? 0.046 0.026 ? 15 1 0.995 ? 
3.810 4.100  ? ? ? ? ? ? 197 98.500  ? ? ? ? 0.035 ? ? ? ? ? ? ? ? 3.000 ? 2.450 ? ? 0.042 0.024 ? 16 1 0.996 ? 
4.100 4.520  ? ? ? ? ? ? 199 95.200  ? ? ? ? 0.031 ? ? ? ? ? ? ? ? 3.000 ? 1.838 ? ? 0.038 0.021 ? 17 1 0.997 ? 
4.520 5.170  ? ? ? ? ? ? 204 96.200  ? ? ? ? 0.031 ? ? ? ? ? ? ? ? 2.800 ? 1.939 ? ? 0.039 0.022 ? 18 1 0.997 ? 
5.170 6.510  ? ? ? ? ? ? 207 98.600  ? ? ? ? 0.030 ? ? ? ? ? ? ? ? 2.900 ? 2.000 ? ? 0.037 0.021 ? 19 1 0.997 ? 
6.510 50.000 ? ? ? ? ? ? 178 78.100  ? ? ? ? 0.035 ? ? ? ? ? ? ? ? 2.700 ? 2.209 ? ? 0.043 0.025 ? 20 1 0.993 ? 
# 
_refine.aniso_B[1][1]                            -0.4900 
_refine.aniso_B[1][2]                            0.0000 
_refine.aniso_B[1][3]                            -1.7900 
_refine.aniso_B[2][2]                            4.1200 
_refine.aniso_B[2][3]                            0.0000 
_refine.aniso_B[3][3]                            -0.3800 
_refine.B_iso_max                                36.560 
_refine.B_iso_mean                               10.4300 
_refine.B_iso_min                                4.710 
_refine.correlation_coeff_Fo_to_Fc               0.8650 
_refine.correlation_coeff_Fo_to_Fc_free          0.8620 
_refine.details                                  'U VALUES      : REFINED INDIVIDUALLY' 
_refine.diff_density_max                         ? 
_refine.diff_density_max_esd                     ? 
_refine.diff_density_min                         ? 
_refine.diff_density_min_esd                     ? 
_refine.diff_density_rms                         ? 
_refine.diff_density_rms_esd                     ? 
_refine.entry_id                                 5ZQH 
_refine.pdbx_refine_id                           'X-RAY DIFFRACTION' 
_refine.ls_abs_structure_details                 ? 
_refine.ls_abs_structure_Flack                   ? 
_refine.ls_abs_structure_Flack_esd               ? 
_refine.ls_abs_structure_Rogers                  ? 
_refine.ls_abs_structure_Rogers_esd              ? 
_refine.ls_d_res_high                            2.4000 
_refine.ls_d_res_low                             40.6300 
_refine.ls_extinction_coef                       ? 
_refine.ls_extinction_coef_esd                   ? 
_refine.ls_extinction_expression                 ? 
_refine.ls_extinction_method                     ? 
_refine.ls_goodness_of_fit_all                   ? 
_refine.ls_goodness_of_fit_all_esd               ? 
_refine.ls_goodness_of_fit_obs                   ? 
_refine.ls_goodness_of_fit_obs_esd               ? 
_refine.ls_hydrogen_treatment                    ? 
_refine.ls_matrix_type                           ? 
_refine.ls_number_constraints                    ? 
_refine.ls_number_parameters                     ? 
_refine.ls_number_reflns_all                     ? 
_refine.ls_number_reflns_obs                     3820 
_refine.ls_number_reflns_R_free                  203 
_refine.ls_number_reflns_R_work                  ? 
_refine.ls_number_restraints                     ? 
_refine.ls_percent_reflns_obs                    97.7600 
_refine.ls_percent_reflns_R_free                 5.0000 
_refine.ls_R_factor_all                          ? 
_refine.ls_R_factor_obs                          0.2912 
_refine.ls_R_factor_R_free                       0.2982 
_refine.ls_R_factor_R_free_error                 ? 
_refine.ls_R_factor_R_free_error_details         ? 
_refine.ls_R_factor_R_work                       0.2909 
_refine.ls_R_Fsqd_factor_obs                     ? 
_refine.ls_R_I_factor_obs                        ? 
_refine.ls_redundancy_reflns_all                 ? 
_refine.ls_redundancy_reflns_obs                 ? 
_refine.ls_restrained_S_all                      ? 
_refine.ls_restrained_S_obs                      ? 
_refine.ls_shift_over_esd_max                    ? 
_refine.ls_shift_over_esd_mean                   ? 
_refine.ls_structure_factor_coef                 ? 
_refine.ls_weighting_details                     ? 
_refine.ls_weighting_scheme                      ? 
_refine.ls_wR_factor_all                         ? 
_refine.ls_wR_factor_obs                         ? 
_refine.ls_wR_factor_R_free                      ? 
_refine.ls_wR_factor_R_work                      ? 
_refine.occupancy_max                            ? 
_refine.occupancy_min                            ? 
_refine.solvent_model_details                    ? 
_refine.solvent_model_param_bsol                 ? 
_refine.solvent_model_param_ksol                 ? 
_refine.ls_R_factor_gt                           ? 
_refine.ls_goodness_of_fit_gt                    ? 
_refine.ls_goodness_of_fit_ref                   ? 
_refine.ls_shift_over_su_max                     ? 
_refine.ls_shift_over_su_max_lt                  ? 
_refine.ls_shift_over_su_mean                    ? 
_refine.ls_shift_over_su_mean_lt                 ? 
_refine.pdbx_ls_sigma_I                          ? 
_refine.pdbx_ls_sigma_F                          0.000 
_refine.pdbx_ls_sigma_Fsqd                       ? 
_refine.pdbx_data_cutoff_high_absF               ? 
_refine.pdbx_data_cutoff_high_rms_absF           ? 
_refine.pdbx_data_cutoff_low_absF                ? 
_refine.pdbx_isotropic_thermal_model             ? 
_refine.pdbx_ls_cross_valid_method               THROUGHOUT 
_refine.pdbx_method_to_determine_struct          'MOLECULAR REPLACEMENT' 
_refine.pdbx_starting_model                      4esf 
_refine.pdbx_stereochemistry_target_values       ? 
_refine.pdbx_R_Free_selection_details            RANDOM 
_refine.pdbx_stereochem_target_val_spec_case     ? 
_refine.pdbx_overall_ESU_R                       0.9620 
_refine.pdbx_overall_ESU_R_Free                  0.3440 
_refine.pdbx_solvent_vdw_probe_radii             1.2000 
_refine.pdbx_solvent_ion_probe_radii             0.8000 
_refine.pdbx_solvent_shrinkage_radii             0.8000 
_refine.pdbx_real_space_R                        ? 
_refine.pdbx_density_correlation                 ? 
_refine.pdbx_pd_number_of_powder_patterns        ? 
_refine.pdbx_pd_number_of_points                 ? 
_refine.pdbx_pd_meas_number_of_points            ? 
_refine.pdbx_pd_proc_ls_prof_R_factor            ? 
_refine.pdbx_pd_proc_ls_prof_wR_factor           ? 
_refine.pdbx_pd_Marquardt_correlation_coeff      ? 
_refine.pdbx_pd_Fsqrd_R_factor                   ? 
_refine.pdbx_pd_ls_matrix_band_width             ? 
_refine.pdbx_overall_phase_error                 ? 
_refine.pdbx_overall_SU_R_free_Cruickshank_DPI   ? 
_refine.pdbx_overall_SU_R_free_Blow_DPI          ? 
_refine.pdbx_overall_SU_R_Blow_DPI               ? 
_refine.pdbx_TLS_residual_ADP_flag               ? 
_refine.pdbx_diffrn_id                           1 
_refine.overall_SU_B                             ? 
_refine.overall_SU_ML                            ? 
_refine.overall_SU_R_Cruickshank_DPI             ? 
_refine.overall_SU_R_free                        ? 
_refine.overall_FOM_free_R_set                   ? 
_refine.overall_FOM_work_R_set                   ? 
_refine.pdbx_average_fsc_overall                 ? 
_refine.pdbx_average_fsc_work                    ? 
_refine.pdbx_average_fsc_free                    ? 
# 
_refine_hist.cycle_id                         final 
_refine_hist.pdbx_refine_id                   'X-RAY DIFFRACTION' 
_refine_hist.d_res_high                       2.4000 
_refine_hist.d_res_low                        40.6300 
_refine_hist.pdbx_number_atoms_ligand         0 
_refine_hist.number_atoms_solvent             16 
_refine_hist.number_atoms_total               843 
_refine_hist.pdbx_number_residues_total       101 
_refine_hist.pdbx_B_iso_mean_solvent          20.69 
_refine_hist.pdbx_number_atoms_protein        827 
_refine_hist.pdbx_number_atoms_nucleic_acid   0 
# 
loop_
_refine_ls_restr.pdbx_refine_id 
_refine_ls_restr.criterion 
_refine_ls_restr.dev_ideal 
_refine_ls_restr.dev_ideal_target 
_refine_ls_restr.number 
_refine_ls_restr.rejects 
_refine_ls_restr.type 
_refine_ls_restr.weight 
_refine_ls_restr.pdbx_restraint_function 
'X-RAY DIFFRACTION' ? 0.008  0.020  838  ? r_bond_refined_d       ? ? 
'X-RAY DIFFRACTION' ? 1.560  1.973  1127 ? r_angle_refined_deg    ? ? 
'X-RAY DIFFRACTION' ? 5.235  5.000  99   ? r_dihedral_angle_1_deg ? ? 
'X-RAY DIFFRACTION' ? 45.975 24.884 43   ? r_dihedral_angle_2_deg ? ? 
'X-RAY DIFFRACTION' ? 20.156 15.000 158  ? r_dihedral_angle_3_deg ? ? 
'X-RAY DIFFRACTION' ? 15.513 15.000 6    ? r_dihedral_angle_4_deg ? ? 
'X-RAY DIFFRACTION' ? 0.101  0.200  118  ? r_chiral_restr         ? ? 
'X-RAY DIFFRACTION' ? 0.009  0.021  633  ? r_gen_planes_refined   ? ? 
# 
_refine_ls_shell.pdbx_refine_id                   'X-RAY DIFFRACTION' 
_refine_ls_shell.d_res_high                       2.4000 
_refine_ls_shell.d_res_low                        2.4620 
_refine_ls_shell.number_reflns_all                ? 
_refine_ls_shell.number_reflns_obs                ? 
_refine_ls_shell.number_reflns_R_free             19 
_refine_ls_shell.number_reflns_R_work             288 
_refine_ls_shell.percent_reflns_obs               100.0000 
_refine_ls_shell.percent_reflns_R_free            ? 
_refine_ls_shell.R_factor_all                     ? 
_refine_ls_shell.R_factor_obs                     ? 
_refine_ls_shell.R_factor_R_free                  0.4190 
_refine_ls_shell.R_factor_R_free_error            0.0000 
_refine_ls_shell.R_factor_R_work                  0.3 
_refine_ls_shell.redundancy_reflns_all            ? 
_refine_ls_shell.redundancy_reflns_obs            ? 
_refine_ls_shell.wR_factor_all                    ? 
_refine_ls_shell.wR_factor_obs                    ? 
_refine_ls_shell.wR_factor_R_free                 ? 
_refine_ls_shell.wR_factor_R_work                 ? 
_refine_ls_shell.pdbx_total_number_of_bins_used   ? 
_refine_ls_shell.pdbx_phase_error                 ? 
_refine_ls_shell.pdbx_fsc_work                    ? 
_refine_ls_shell.pdbx_fsc_free                    ? 
# 
_struct.entry_id                     5ZQH 
_struct.title                        'Crystal structure of Streptococcus transcriptional regulator' 
_struct.pdbx_model_details           ? 
_struct.pdbx_formula_weight          ? 
_struct.pdbx_formula_weight_method   ? 
_struct.pdbx_model_type_details      ? 
_struct.pdbx_CASP_flag               N 
# 
_struct_keywords.entry_id        5ZQH 
_struct_keywords.text            'Bacteria, PadR, antibiotic resistance, regulator, transcription, DNA BINDING PROTEIN' 
_struct_keywords.pdbx_keywords   'DNA BINDING PROTEIN' 
# 
loop_
_struct_asym.id 
_struct_asym.pdbx_blank_PDB_chainid_flag 
_struct_asym.pdbx_modified 
_struct_asym.entity_id 
_struct_asym.details 
A N N 1 ? 
B N N 2 ? 
# 
loop_
_struct_conf.conf_type_id 
_struct_conf.id 
_struct_conf.pdbx_PDB_helix_id 
_struct_conf.beg_label_comp_id 
_struct_conf.beg_label_asym_id 
_struct_conf.beg_label_seq_id 
_struct_conf.pdbx_beg_PDB_ins_code 
_struct_conf.end_label_comp_id 
_struct_conf.end_label_asym_id 
_struct_conf.end_label_seq_id 
_struct_conf.pdbx_end_PDB_ins_code 
_struct_conf.beg_auth_comp_id 
_struct_conf.beg_auth_asym_id 
_struct_conf.beg_auth_seq_id 
_struct_conf.end_auth_comp_id 
_struct_conf.end_auth_asym_id 
_struct_conf.end_auth_seq_id 
_struct_conf.pdbx_PDB_helix_class 
_struct_conf.details 
_struct_conf.pdbx_PDB_helix_length 
HELX_P HELX_P1 AA1 THR A 2  ? LYS A 20  ? THR A 5  LYS A 23  1 ? 19 
HELX_P HELX_P2 AA2 GLY A 24 ? ALA A 34  ? GLY A 27 ALA A 37  1 ? 11 
HELX_P HELX_P3 AA3 ILE A 44 ? ASN A 54  ? ILE A 47 ASN A 57  1 ? 11 
HELX_P HELX_P4 AA4 MET A 76 ? ASN A 102 ? MET A 79 ASN A 105 1 ? 27 
# 
_struct_conf_type.id          HELX_P 
_struct_conf_type.criteria    ? 
_struct_conf_type.reference   ? 
# 
_struct_sheet.id               AA1 
_struct_sheet.type             ? 
_struct_sheet.number_strands   3 
_struct_sheet.details          ? 
# 
loop_
_struct_sheet_order.sheet_id 
_struct_sheet_order.range_id_1 
_struct_sheet_order.range_id_2 
_struct_sheet_order.offset 
_struct_sheet_order.sense 
AA1 1 2 ? anti-parallel 
AA1 2 3 ? anti-parallel 
# 
loop_
_struct_sheet_range.sheet_id 
_struct_sheet_range.id 
_struct_sheet_range.beg_label_comp_id 
_struct_sheet_range.beg_label_asym_id 
_struct_sheet_range.beg_label_seq_id 
_struct_sheet_range.pdbx_beg_PDB_ins_code 
_struct_sheet_range.end_label_comp_id 
_struct_sheet_range.end_label_asym_id 
_struct_sheet_range.end_label_seq_id 
_struct_sheet_range.pdbx_end_PDB_ins_code 
_struct_sheet_range.beg_auth_comp_id 
_struct_sheet_range.beg_auth_asym_id 
_struct_sheet_range.beg_auth_seq_id 
_struct_sheet_range.end_auth_comp_id 
_struct_sheet_range.end_auth_asym_id 
_struct_sheet_range.end_auth_seq_id 
AA1 1 ARG A 22 ? TYR A 23 ? ARG A 25 TYR A 26 
AA1 2 ASP A 69 ? LEU A 75 ? ASP A 72 LEU A 78 
AA1 3 ILE A 57 ? PRO A 63 ? ILE A 60 PRO A 66 
# 
loop_
_pdbx_struct_sheet_hbond.sheet_id 
_pdbx_struct_sheet_hbond.range_id_1 
_pdbx_struct_sheet_hbond.range_id_2 
_pdbx_struct_sheet_hbond.range_1_label_atom_id 
_pdbx_struct_sheet_hbond.range_1_label_comp_id 
_pdbx_struct_sheet_hbond.range_1_label_asym_id 
_pdbx_struct_sheet_hbond.range_1_label_seq_id 
_pdbx_struct_sheet_hbond.range_1_PDB_ins_code 
_pdbx_struct_sheet_hbond.range_1_auth_atom_id 
_pdbx_struct_sheet_hbond.range_1_auth_comp_id 
_pdbx_struct_sheet_hbond.range_1_auth_asym_id 
_pdbx_struct_sheet_hbond.range_1_auth_seq_id 
_pdbx_struct_sheet_hbond.range_2_label_atom_id 
_pdbx_struct_sheet_hbond.range_2_label_comp_id 
_pdbx_struct_sheet_hbond.range_2_label_asym_id 
_pdbx_struct_sheet_hbond.range_2_label_seq_id 
_pdbx_struct_sheet_hbond.range_2_PDB_ins_code 
_pdbx_struct_sheet_hbond.range_2_auth_atom_id 
_pdbx_struct_sheet_hbond.range_2_auth_comp_id 
_pdbx_struct_sheet_hbond.range_2_auth_asym_id 
_pdbx_struct_sheet_hbond.range_2_auth_seq_id 
AA1 1 2 N ARG A 22 ? N ARG A 25 O PHE A 73 ? O PHE A 76 
AA1 2 3 O SER A 74 ? O SER A 77 N ARG A 58 ? N ARG A 61 
# 
_atom_sites.entry_id                    5ZQH 
_atom_sites.fract_transf_matrix[1][1]   -0.00861010 
_atom_sites.fract_transf_matrix[1][2]   -0.00533140 
_atom_sites.fract_transf_matrix[1][3]   -0.01159600 
_atom_sites.fract_transf_matrix[2][1]   -0.02693466 
_atom_sites.fract_transf_matrix[2][2]   0.00451152 
_atom_sites.fract_transf_matrix[2][3]   0.01792493 
_atom_sites.fract_transf_matrix[3][1]   -0.01012280 
_atom_sites.fract_transf_matrix[3][2]   0.01279088 
_atom_sites.fract_transf_matrix[3][3]   -0.01843022 
_atom_sites.fract_transf_vector[1]      0.294815 
_atom_sites.fract_transf_vector[2]      0.789027 
_atom_sites.fract_transf_vector[3]      0.254813 
# 
loop_
_atom_type.symbol 
C 
N 
O 
S 
# 
loop_
_atom_site.group_PDB 
_atom_site.id 
_atom_site.type_symbol 
_atom_site.label_atom_id 
_atom_site.label_alt_id 
_atom_site.label_comp_id 
_atom_site.label_asym_id 
_atom_site.label_entity_id 
_atom_site.label_seq_id 
_atom_site.pdbx_PDB_ins_code 
_atom_site.Cartn_x 
_atom_site.Cartn_y 
_atom_site.Cartn_z 
_atom_site.occupancy 
_atom_site.B_iso_or_equiv 
_atom_site.pdbx_formal_charge 
_atom_site.auth_seq_id 
_atom_site.auth_comp_id 
_atom_site.auth_asym_id 
_atom_site.auth_atom_id 
_atom_site.pdbx_PDB_model_num 
ATOM   1   N N   . GLU A 1 1   ? -0.974  -11.249 -9.929  1.00 4.80  ? 4   GLU A N   1 
ATOM   2   C CA  . GLU A 1 1   ? -2.038  -11.781 -10.831 1.00 4.80  ? 4   GLU A CA  1 
ATOM   3   C C   . GLU A 1 1   ? -2.591  -10.690 -11.789 1.00 4.78  ? 4   GLU A C   1 
ATOM   4   O O   . GLU A 1 1   ? -1.835  -10.168 -12.611 1.00 4.79  ? 4   GLU A O   1 
ATOM   5   C CB  . GLU A 1 1   ? -3.138  -12.449 -9.998  1.00 4.81  ? 4   GLU A CB  1 
ATOM   6   C CG  . GLU A 1 1   ? -3.918  -13.536 -10.725 1.00 4.82  ? 4   GLU A CG  1 
ATOM   7   C CD  . GLU A 1 1   ? -5.363  -13.618 -10.264 1.00 4.82  ? 4   GLU A CD  1 
ATOM   8   O OE1 . GLU A 1 1   ? -5.963  -12.556 -9.974  1.00 4.82  ? 4   GLU A OE1 1 
ATOM   9   O OE2 . GLU A 1 1   ? -5.900  -14.745 -10.194 1.00 4.81  ? 4   GLU A OE2 1 
ATOM   10  N N   . THR A 1 2   ? -3.880  -10.345 -11.680 1.00 4.76  ? 5   THR A N   1 
ATOM   11  C CA  . THR A 1 2   ? -4.556  -9.447  -12.642 1.00 4.74  ? 5   THR A CA  1 
ATOM   12  C C   . THR A 1 2   ? -4.222  -7.969  -12.428 1.00 4.73  ? 5   THR A C   1 
ATOM   13  O O   . THR A 1 2   ? -3.777  -7.578  -11.341 1.00 4.71  ? 5   THR A O   1 
ATOM   14  C CB  . THR A 1 2   ? -6.098  -9.614  -12.633 1.00 4.73  ? 5   THR A CB  1 
ATOM   15  O OG1 . THR A 1 2   ? -6.620  -9.258  -11.347 1.00 4.72  ? 5   THR A OG1 1 
ATOM   16  C CG2 . THR A 1 2   ? -6.517  -11.044 -12.990 1.00 4.73  ? 5   THR A CG2 1 
ATOM   17  N N   . GLN A 1 3   ? -4.455  -7.160  -13.470 1.00 4.73  ? 6   GLN A N   1 
ATOM   18  C CA  . GLN A 1 3   ? -4.249  -5.703  -13.428 1.00 4.74  ? 6   GLN A CA  1 
ATOM   19  C C   . GLN A 1 3   ? -5.074  -5.022  -12.342 1.00 4.75  ? 6   GLN A C   1 
ATOM   20  O O   . GLN A 1 3   ? -4.581  -4.111  -11.667 1.00 4.73  ? 6   GLN A O   1 
ATOM   21  C CB  . GLN A 1 3   ? -4.556  -5.059  -14.781 1.00 4.73  ? 6   GLN A CB  1 
ATOM   22  C CG  . GLN A 1 3   ? -3.457  -5.208  -15.822 1.00 4.72  ? 6   GLN A CG  1 
ATOM   23  C CD  . GLN A 1 3   ? -3.895  -4.740  -17.199 1.00 4.72  ? 6   GLN A CD  1 
ATOM   24  O OE1 . GLN A 1 3   ? -4.905  -5.201  -17.741 1.00 4.71  ? 6   GLN A OE1 1 
ATOM   25  N NE2 . GLN A 1 3   ? -3.131  -3.821  -17.777 1.00 4.71  ? 6   GLN A NE2 1 
ATOM   26  N N   . LEU A 1 4   ? -6.322  -5.473  -12.186 1.00 4.77  ? 7   LEU A N   1 
ATOM   27  C CA  . LEU A 1 4   ? -7.219  -4.996  -11.131 1.00 4.82  ? 7   LEU A CA  1 
ATOM   28  C C   . LEU A 1 4   ? -6.635  -5.232  -9.734  1.00 4.86  ? 7   LEU A C   1 
ATOM   29  O O   . LEU A 1 4   ? -6.577  -4.300  -8.924  1.00 4.86  ? 7   LEU A O   1 
ATOM   30  C CB  . LEU A 1 4   ? -8.618  -5.626  -11.265 1.00 4.80  ? 7   LEU A CB  1 
ATOM   31  C CG  . LEU A 1 4   ? -9.655  -5.500  -10.137 1.00 4.79  ? 7   LEU A CG  1 
ATOM   32  C CD1 . LEU A 1 4   ? -10.109 -4.064  -9.886  1.00 4.78  ? 7   LEU A CD1 1 
ATOM   33  C CD2 . LEU A 1 4   ? -10.847 -6.401  -10.423 1.00 4.79  ? 7   LEU A CD2 1 
ATOM   34  N N   . LEU A 1 5   ? -6.199  -6.469  -9.477  1.00 4.92  ? 8   LEU A N   1 
ATOM   35  C CA  . LEU A 1 5   ? -5.630  -6.860  -8.188  1.00 5.00  ? 8   LEU A CA  1 
ATOM   36  C C   . LEU A 1 5   ? -4.406  -6.022  -7.823  1.00 5.06  ? 8   LEU A C   1 
ATOM   37  O O   . LEU A 1 5   ? -4.319  -5.519  -6.703  1.00 5.07  ? 8   LEU A O   1 
ATOM   38  C CB  . LEU A 1 5   ? -5.322  -8.373  -8.137  1.00 4.99  ? 8   LEU A CB  1 
ATOM   39  C CG  . LEU A 1 5   ? -4.828  -9.026  -6.828  1.00 4.99  ? 8   LEU A CG  1 
ATOM   40  C CD1 . LEU A 1 5   ? -5.785  -8.809  -5.663  1.00 4.99  ? 8   LEU A CD1 1 
ATOM   41  C CD2 . LEU A 1 5   ? -4.571  -10.515 -7.019  1.00 4.98  ? 8   LEU A CD2 1 
ATOM   42  N N   . LYS A 1 6   ? -3.491  -5.864  -8.782  1.00 5.14  ? 9   LYS A N   1 
ATOM   43  C CA  . LYS A 1 6   ? -2.284  -5.039  -8.622  1.00 5.22  ? 9   LYS A CA  1 
ATOM   44  C C   . LYS A 1 6   ? -2.610  -3.584  -8.293  1.00 5.26  ? 9   LYS A C   1 
ATOM   45  O O   . LYS A 1 6   ? -1.977  -2.990  -7.421  1.00 5.27  ? 9   LYS A O   1 
ATOM   46  C CB  . LYS A 1 6   ? -1.401  -5.113  -9.871  1.00 5.23  ? 9   LYS A CB  1 
ATOM   47  C CG  . LYS A 1 6   ? -0.489  -6.322  -9.912  1.00 5.27  ? 9   LYS A CG  1 
ATOM   48  C CD  . LYS A 1 6   ? -0.145  -6.702  -11.344 1.00 5.26  ? 9   LYS A CD  1 
ATOM   49  C CE  . LYS A 1 6   ? 0.880   -7.826  -11.376 1.00 5.26  ? 9   LYS A CE  1 
ATOM   50  N NZ  . LYS A 1 6   ? 1.085   -8.341  -12.758 1.00 5.27  ? 9   LYS A NZ  1 
ATOM   51  N N   . GLY A 1 7   ? -3.605  -3.033  -8.985  1.00 5.32  ? 10  GLY A N   1 
ATOM   52  C CA  . GLY A 1 7   ? -4.078  -1.673  -8.748  1.00 5.41  ? 10  GLY A CA  1 
ATOM   53  C C   . GLY A 1 7   ? -4.621  -1.485  -7.344  1.00 5.46  ? 10  GLY A C   1 
ATOM   54  O O   . GLY A 1 7   ? -4.341  -0.467  -6.702  1.00 5.47  ? 10  GLY A O   1 
ATOM   55  N N   . VAL A 1 8   ? -5.379  -2.477  -6.868  1.00 5.51  ? 11  VAL A N   1 
ATOM   56  C CA  . VAL A 1 8   ? -5.972  -2.434  -5.525  1.00 5.59  ? 11  VAL A CA  1 
ATOM   57  C C   . VAL A 1 8   ? -4.903  -2.484  -4.420  1.00 5.64  ? 11  VAL A C   1 
ATOM   58  O O   . VAL A 1 8   ? -4.884  -1.581  -3.561  1.00 5.68  ? 11  VAL A O   1 
ATOM   59  C CB  . VAL A 1 8   ? -7.111  -3.474  -5.328  1.00 5.58  ? 11  VAL A CB  1 
ATOM   60  C CG1 . VAL A 1 8   ? -7.517  -3.590  -3.863  1.00 5.58  ? 11  VAL A CG1 1 
ATOM   61  C CG2 . VAL A 1 8   ? -8.323  -3.095  -6.167  1.00 5.58  ? 11  VAL A CG2 1 
ATOM   62  N N   . LEU A 1 9   ? -4.016  -3.493  -4.439  1.00 5.69  ? 12  LEU A N   1 
ATOM   63  C CA  . LEU A 1 9   ? -2.947  -3.546  -3.422  1.00 5.75  ? 12  LEU A CA  1 
ATOM   64  C C   . LEU A 1 9   ? -1.983  -2.364  -3.443  1.00 5.76  ? 12  LEU A C   1 
ATOM   65  O O   . LEU A 1 9   ? -1.468  -1.997  -2.386  1.00 5.77  ? 12  LEU A O   1 
ATOM   66  C CB  . LEU A 1 9   ? -2.204  -4.894  -3.278  1.00 5.77  ? 12  LEU A CB  1 
ATOM   67  C CG  . LEU A 1 9   ? -1.864  -5.958  -4.312  1.00 5.79  ? 12  LEU A CG  1 
ATOM   68  C CD1 . LEU A 1 9   ? -0.458  -6.505  -4.082  1.00 5.79  ? 12  LEU A CD1 1 
ATOM   69  C CD2 . LEU A 1 9   ? -2.872  -7.082  -4.176  1.00 5.79  ? 12  LEU A CD2 1 
ATOM   70  N N   . GLU A 1 10  ? -1.758  -1.767  -4.616  1.00 5.76  ? 13  GLU A N   1 
ATOM   71  C CA  . GLU A 1 10  ? -0.948  -0.548  -4.694  1.00 5.79  ? 13  GLU A CA  1 
ATOM   72  C C   . GLU A 1 10  ? -1.578  0.552   -3.847  1.00 5.78  ? 13  GLU A C   1 
ATOM   73  O O   . GLU A 1 10  ? -0.947  1.049   -2.914  1.00 5.76  ? 13  GLU A O   1 
ATOM   74  C CB  . GLU A 1 10  ? -0.740  -0.064  -6.128  1.00 5.81  ? 13  GLU A CB  1 
ATOM   75  C CG  . GLU A 1 10  ? 0.368   0.977   -6.224  1.00 5.86  ? 13  GLU A CG  1 
ATOM   76  C CD  . GLU A 1 10  ? 0.404   1.697   -7.556  1.00 5.91  ? 13  GLU A CD  1 
ATOM   77  O OE1 . GLU A 1 10  ? -0.444  2.591   -7.776  1.00 5.91  ? 13  GLU A OE1 1 
ATOM   78  O OE2 . GLU A 1 10  ? 1.300   1.381   -8.375  1.00 5.94  ? 13  GLU A OE2 1 
ATOM   79  N N   . GLY A 1 11  ? -2.826  0.893   -4.175  1.00 5.79  ? 14  GLY A N   1 
ATOM   80  C CA  . GLY A 1 11  ? -3.632  1.851   -3.419  1.00 5.82  ? 14  GLY A CA  1 
ATOM   81  C C   . GLY A 1 11  ? -3.742  1.542   -1.938  1.00 5.84  ? 14  GLY A C   1 
ATOM   82  O O   . GLY A 1 11  ? -3.555  2.437   -1.111  1.00 5.84  ? 14  GLY A O   1 
ATOM   83  N N   . CYS A 1 12  ? -4.019  0.274   -1.612  1.00 5.87  ? 15  CYS A N   1 
ATOM   84  C CA  . CYS A 1 12  ? -4.133  -0.184  -0.212  1.00 5.89  ? 15  CYS A CA  1 
ATOM   85  C C   . CYS A 1 12  ? -2.823  -0.076  0.578   1.00 5.91  ? 15  CYS A C   1 
ATOM   86  O O   . CYS A 1 12  ? -2.831  0.432   1.698   1.00 5.92  ? 15  CYS A O   1 
ATOM   87  C CB  . CYS A 1 12  ? -4.724  -1.601  -0.124  1.00 5.87  ? 15  CYS A CB  1 
ATOM   88  S SG  . CYS A 1 12  ? -6.468  -1.703  -0.604  1.00 5.84  ? 15  CYS A SG  1 
ATOM   89  N N   . VAL A 1 13  ? -1.713  -0.536  -0.013  1.00 5.95  ? 16  VAL A N   1 
ATOM   90  C CA  . VAL A 1 13  ? -0.357  -0.399  0.586   1.00 6.00  ? 16  VAL A CA  1 
ATOM   91  C C   . VAL A 1 13  ? 0.025   1.075   0.813   1.00 6.03  ? 16  VAL A C   1 
ATOM   92  O O   . VAL A 1 13  ? 0.517   1.438   1.883   1.00 6.04  ? 16  VAL A O   1 
ATOM   93  C CB  . VAL A 1 13  ? 0.728   -1.186  -0.218  1.00 5.99  ? 16  VAL A CB  1 
ATOM   94  C CG1 . VAL A 1 13  ? 2.146   -0.716  0.081   1.00 5.97  ? 16  VAL A CG1 1 
ATOM   95  C CG2 . VAL A 1 13  ? 0.618   -2.677  0.065   1.00 5.99  ? 16  VAL A CG2 1 
ATOM   96  N N   . LEU A 1 14  ? -0.220  1.902   -0.199  1.00 6.10  ? 17  LEU A N   1 
ATOM   97  C CA  . LEU A 1 14  ? -0.035  3.354   -0.130  1.00 6.17  ? 17  LEU A CA  1 
ATOM   98  C C   . LEU A 1 14  ? -0.861  4.021   0.981   1.00 6.20  ? 17  LEU A C   1 
ATOM   99  O O   . LEU A 1 14  ? -0.330  4.850   1.730   1.00 6.20  ? 17  LEU A O   1 
ATOM   100 C CB  . LEU A 1 14  ? -0.344  3.981   -1.497  1.00 6.18  ? 17  LEU A CB  1 
ATOM   101 C CG  . LEU A 1 14  ? 0.700   4.698   -2.373  1.00 6.20  ? 17  LEU A CG  1 
ATOM   102 C CD1 . LEU A 1 14  ? 2.159   4.392   -2.049  1.00 6.18  ? 17  LEU A CD1 1 
ATOM   103 C CD2 . LEU A 1 14  ? 0.399   4.458   -3.849  1.00 6.19  ? 17  LEU A CD2 1 
ATOM   104 N N   . ASP A 1 15  ? -2.138  3.641   1.089   1.00 6.25  ? 18  ASP A N   1 
ATOM   105 C CA  . ASP A 1 15  ? -3.042  4.152   2.131   1.00 6.31  ? 18  ASP A CA  1 
ATOM   106 C C   . ASP A 1 15  ? -2.587  3.771   3.542   1.00 6.37  ? 18  ASP A C   1 
ATOM   107 O O   . ASP A 1 15  ? -2.566  4.624   4.432   1.00 6.39  ? 18  ASP A O   1 
ATOM   108 C CB  . ASP A 1 15  ? -4.485  3.691   1.880   1.00 6.28  ? 18  ASP A CB  1 
ATOM   109 C CG  . ASP A 1 15  ? -5.507  4.436   2.740   1.00 6.27  ? 18  ASP A CG  1 
ATOM   110 O OD1 . ASP A 1 15  ? -5.645  5.671   2.590   1.00 6.25  ? 18  ASP A OD1 1 
ATOM   111 O OD2 . ASP A 1 15  ? -6.185  3.776   3.555   1.00 6.25  ? 18  ASP A OD2 1 
ATOM   112 N N   . MET A 1 16  ? -2.215  2.501   3.724   1.00 6.45  ? 19  MET A N   1 
ATOM   113 C CA  . MET A 1 16  ? -1.717  1.978   5.003   1.00 6.55  ? 19  MET A CA  1 
ATOM   114 C C   . MET A 1 16  ? -0.468  2.702   5.506   1.00 6.61  ? 19  MET A C   1 
ATOM   115 O O   . MET A 1 16  ? -0.365  2.993   6.698   1.00 6.62  ? 19  MET A O   1 
ATOM   116 C CB  . MET A 1 16  ? -1.457  0.475   4.916   1.00 6.54  ? 19  MET A CB  1 
ATOM   117 C CG  . MET A 1 16  ? -2.715  -0.369  4.947   1.00 6.54  ? 19  MET A CG  1 
ATOM   118 S SD  . MET A 1 16  ? -2.350  -2.105  4.652   1.00 6.56  ? 19  MET A SD  1 
ATOM   119 C CE  . MET A 1 16  ? -4.000  -2.800  4.750   1.00 6.56  ? 19  MET A CE  1 
ATOM   120 N N   . ILE A 1 17  ? 0.454   2.989   4.584   1.00 6.70  ? 20  ILE A N   1 
ATOM   121 C CA  . ILE A 1 17  ? 1.678   3.763   4.843   1.00 6.81  ? 20  ILE A CA  1 
ATOM   122 C C   . ILE A 1 17  ? 1.350   5.220   5.216   1.00 6.89  ? 20  ILE A C   1 
ATOM   123 O O   . ILE A 1 17  ? 2.039   5.825   6.044   1.00 6.90  ? 20  ILE A O   1 
ATOM   124 C CB  . ILE A 1 17  ? 2.655   3.659   3.639   1.00 6.81  ? 20  ILE A CB  1 
ATOM   125 C CG1 . ILE A 1 17  ? 3.319   2.280   3.614   1.00 6.81  ? 20  ILE A CG1 1 
ATOM   126 C CG2 . ILE A 1 17  ? 3.732   4.735   3.666   1.00 6.81  ? 20  ILE A CG2 1 
ATOM   127 C CD1 . ILE A 1 17  ? 3.813   1.848   2.244   1.00 6.83  ? 20  ILE A CD1 1 
ATOM   128 N N   . GLY A 1 18  ? 0.288   5.758   4.616   1.00 7.01  ? 21  GLY A N   1 
ATOM   129 C CA  . GLY A 1 18  ? -0.248  7.081   4.960   1.00 7.15  ? 21  GLY A CA  1 
ATOM   130 C C   . GLY A 1 18  ? -0.840  7.204   6.356   1.00 7.21  ? 21  GLY A C   1 
ATOM   131 O O   . GLY A 1 18  ? -0.586  8.197   7.047   1.00 7.20  ? 21  GLY A O   1 
ATOM   132 N N   . GLN A 1 19  ? -1.628  6.200   6.760   1.00 7.32  ? 22  GLN A N   1 
ATOM   133 C CA  . GLN A 1 19  ? -2.257  6.148   8.091   1.00 7.43  ? 22  GLN A CA  1 
ATOM   134 C C   . GLN A 1 19  ? -1.206  6.080   9.195   1.00 7.49  ? 22  GLN A C   1 
ATOM   135 O O   . GLN A 1 19  ? -1.241  6.857   10.152  1.00 7.48  ? 22  GLN A O   1 
ATOM   136 C CB  . GLN A 1 19  ? -3.165  4.923   8.226   1.00 7.48  ? 22  GLN A CB  1 
ATOM   137 C CG  . GLN A 1 19  ? -4.337  4.822   7.259   1.00 7.55  ? 22  GLN A CG  1 
ATOM   138 C CD  . GLN A 1 19  ? -5.029  3.461   7.327   1.00 7.62  ? 22  GLN A CD  1 
ATOM   139 O OE1 . GLN A 1 19  ? -4.817  2.684   8.273   1.00 7.66  ? 22  GLN A OE1 1 
ATOM   140 N NE2 . GLN A 1 19  ? -5.862  3.167   6.326   1.00 7.60  ? 22  GLN A NE2 1 
ATOM   141 N N   . LYS A 1 20  ? -0.283  5.130   9.044   1.00 7.58  ? 23  LYS A N   1 
ATOM   142 C CA  . LYS A 1 20  ? 0.797   4.900   9.996   1.00 7.66  ? 23  LYS A CA  1 
ATOM   143 C C   . LYS A 1 20  ? 2.048   4.407   9.270   1.00 7.73  ? 23  LYS A C   1 
ATOM   144 O O   . LYS A 1 20  ? 1.997   3.475   8.462   1.00 7.71  ? 23  LYS A O   1 
ATOM   145 C CB  . LYS A 1 20  ? 0.370   3.894   11.070  1.00 7.64  ? 23  LYS A CB  1 
ATOM   146 C CG  . LYS A 1 20  ? 1.294   3.835   12.274  1.00 7.65  ? 23  LYS A CG  1 
ATOM   147 C CD  . LYS A 1 20  ? 1.240   2.468   12.935  1.00 7.67  ? 23  LYS A CD  1 
ATOM   148 C CE  . LYS A 1 20  ? 2.423   2.244   13.871  1.00 7.71  ? 23  LYS A CE  1 
ATOM   149 N NZ  . LYS A 1 20  ? 3.717   1.977   13.164  1.00 7.70  ? 23  LYS A NZ  1 
ATOM   150 N N   . GLU A 1 21  ? 3.161   5.071   9.572   1.00 7.85  ? 24  GLU A N   1 
ATOM   151 C CA  . GLU A 1 21  ? 4.505   4.689   9.157   1.00 7.97  ? 24  GLU A CA  1 
ATOM   152 C C   . GLU A 1 21  ? 4.771   3.222   9.541   1.00 8.02  ? 24  GLU A C   1 
ATOM   153 O O   . GLU A 1 21  ? 4.756   2.876   10.730  1.00 8.05  ? 24  GLU A O   1 
ATOM   154 C CB  . GLU A 1 21  ? 5.484   5.622   9.869   1.00 8.00  ? 24  GLU A CB  1 
ATOM   155 C CG  . GLU A 1 21  ? 6.849   5.768   9.233   1.00 8.05  ? 24  GLU A CG  1 
ATOM   156 C CD  . GLU A 1 21  ? 7.675   6.860   9.887   1.00 8.08  ? 24  GLU A CD  1 
ATOM   157 O OE1 . GLU A 1 21  ? 7.105   7.935   10.207  1.00 8.08  ? 24  GLU A OE1 1 
ATOM   158 O OE2 . GLU A 1 21  ? 8.898   6.641   10.082  1.00 8.09  ? 24  GLU A OE2 1 
ATOM   159 N N   . ARG A 1 22  ? 4.986   2.369   8.535   1.00 8.06  ? 25  ARG A N   1 
ATOM   160 C CA  . ARG A 1 22  ? 5.113   0.915   8.743   1.00 8.11  ? 25  ARG A CA  1 
ATOM   161 C C   . ARG A 1 22  ? 6.333   0.293   8.067   1.00 8.10  ? 25  ARG A C   1 
ATOM   162 O O   . ARG A 1 22  ? 6.733   0.732   6.985   1.00 8.13  ? 25  ARG A O   1 
ATOM   163 C CB  . ARG A 1 22  ? 3.856   0.200   8.239   1.00 8.14  ? 25  ARG A CB  1 
ATOM   164 C CG  . ARG A 1 22  ? 2.700   0.180   9.227   1.00 8.21  ? 25  ARG A CG  1 
ATOM   165 C CD  . ARG A 1 22  ? 1.621   -0.796  8.783   1.00 8.24  ? 25  ARG A CD  1 
ATOM   166 N NE  . ARG A 1 22  ? 0.446   -0.743  9.652   1.00 8.25  ? 25  ARG A NE  1 
ATOM   167 C CZ  . ARG A 1 22  ? -0.638  0.002   9.437   1.00 8.26  ? 25  ARG A CZ  1 
ATOM   168 N NH1 . ARG A 1 22  ? -0.737  0.790   8.367   1.00 8.23  ? 25  ARG A NH1 1 
ATOM   169 N NH2 . ARG A 1 22  ? -1.636  -0.043  10.309  1.00 8.27  ? 25  ARG A NH2 1 
ATOM   170 N N   . TYR A 1 23  ? 6.906   -0.734  8.701   1.00 8.08  ? 26  TYR A N   1 
ATOM   171 C CA  . TYR A 1 23  ? 7.949   -1.551  8.063   1.00 8.06  ? 26  TYR A CA  1 
ATOM   172 C C   . TYR A 1 23  ? 7.375   -2.799  7.373   1.00 8.04  ? 26  TYR A C   1 
ATOM   173 O O   . TYR A 1 23  ? 6.235   -3.191  7.637   1.00 8.05  ? 26  TYR A O   1 
ATOM   174 C CB  . TYR A 1 23  ? 9.130   -1.867  9.011   1.00 8.08  ? 26  TYR A CB  1 
ATOM   175 C CG  . TYR A 1 23  ? 8.862   -2.753  10.214  1.00 8.08  ? 26  TYR A CG  1 
ATOM   176 C CD1 . TYR A 1 23  ? 8.970   -4.146  10.125  1.00 8.07  ? 26  TYR A CD1 1 
ATOM   177 C CD2 . TYR A 1 23  ? 8.557   -2.195  11.461  1.00 8.09  ? 26  TYR A CD2 1 
ATOM   178 C CE1 . TYR A 1 23  ? 8.743   -4.959  11.234  1.00 8.06  ? 26  TYR A CE1 1 
ATOM   179 C CE2 . TYR A 1 23  ? 8.337   -2.999  12.579  1.00 8.06  ? 26  TYR A CE2 1 
ATOM   180 C CZ  . TYR A 1 23  ? 8.424   -4.377  12.460  1.00 8.06  ? 26  TYR A CZ  1 
ATOM   181 O OH  . TYR A 1 23  ? 8.203   -5.173  13.560  1.00 8.04  ? 26  TYR A OH  1 
ATOM   182 N N   . GLY A 1 24  ? 8.175   -3.391  6.482   1.00 8.00  ? 27  GLY A N   1 
ATOM   183 C CA  . GLY A 1 24  ? 7.784   -4.510  5.614   1.00 7.98  ? 27  GLY A CA  1 
ATOM   184 C C   . GLY A 1 24  ? 6.992   -5.657  6.224   1.00 7.97  ? 27  GLY A C   1 
ATOM   185 O O   . GLY A 1 24  ? 5.969   -6.056  5.673   1.00 7.96  ? 27  GLY A O   1 
ATOM   186 N N   . TYR A 1 25  ? 7.465   -6.180  7.357   1.00 7.98  ? 28  TYR A N   1 
ATOM   187 C CA  . TYR A 1 25  ? 6.786   -7.276  8.070   1.00 7.98  ? 28  TYR A CA  1 
ATOM   188 C C   . TYR A 1 25  ? 5.398   -6.867  8.542   1.00 8.06  ? 28  TYR A C   1 
ATOM   189 O O   . TYR A 1 25  ? 4.435   -7.609  8.335   1.00 8.07  ? 28  TYR A O   1 
ATOM   190 C CB  . TYR A 1 25  ? 7.620   -7.782  9.256   1.00 7.88  ? 28  TYR A CB  1 
ATOM   191 C CG  . TYR A 1 25  ? 6.967   -8.877  10.088  1.00 7.84  ? 28  TYR A CG  1 
ATOM   192 C CD1 . TYR A 1 25  ? 7.068   -10.222 9.712   1.00 7.82  ? 28  TYR A CD1 1 
ATOM   193 C CD2 . TYR A 1 25  ? 6.266   -8.574  11.272  1.00 7.80  ? 28  TYR A CD2 1 
ATOM   194 C CE1 . TYR A 1 25  ? 6.484   -11.229 10.474  1.00 7.79  ? 28  TYR A CE1 1 
ATOM   195 C CE2 . TYR A 1 25  ? 5.676   -9.577  12.039  1.00 7.78  ? 28  TYR A CE2 1 
ATOM   196 C CZ  . TYR A 1 25  ? 5.793   -10.901 11.636  1.00 7.79  ? 28  TYR A CZ  1 
ATOM   197 O OH  . TYR A 1 25  ? 5.225   -11.907 12.383  1.00 7.79  ? 28  TYR A OH  1 
ATOM   198 N N   . GLU A 1 26  ? 5.302   -5.695  9.174   1.00 8.14  ? 29  GLU A N   1 
ATOM   199 C CA  . GLU A 1 26  ? 4.033   -5.259  9.741   1.00 8.24  ? 29  GLU A CA  1 
ATOM   200 C C   . GLU A 1 26  ? 2.999   -4.834  8.691   1.00 8.32  ? 29  GLU A C   1 
ATOM   201 O O   . GLU A 1 26  ? 1.804   -4.923  8.950   1.00 8.35  ? 29  GLU A O   1 
ATOM   202 C CB  . GLU A 1 26  ? 4.206   -4.245  10.892  1.00 8.23  ? 29  GLU A CB  1 
ATOM   203 C CG  . GLU A 1 26  ? 4.833   -2.900  10.566  1.00 8.23  ? 29  GLU A CG  1 
ATOM   204 C CD  . GLU A 1 26  ? 4.972   -2.009  11.794  1.00 8.23  ? 29  GLU A CD  1 
ATOM   205 O OE1 . GLU A 1 26  ? 5.366   -2.509  12.872  1.00 8.20  ? 29  GLU A OE1 1 
ATOM   206 O OE2 . GLU A 1 26  ? 4.681   -0.798  11.685  1.00 8.23  ? 29  GLU A OE2 1 
ATOM   207 N N   . LEU A 1 27  ? 3.466   -4.424  7.509   1.00 8.44  ? 30  LEU A N   1 
ATOM   208 C CA  . LEU A 1 27  ? 2.587   -4.148  6.365   1.00 8.52  ? 30  LEU A CA  1 
ATOM   209 C C   . LEU A 1 27  ? 1.917   -5.405  5.820   1.00 8.62  ? 30  LEU A C   1 
ATOM   210 O O   . LEU A 1 27  ? 0.717   -5.381  5.546   1.00 8.62  ? 30  LEU A O   1 
ATOM   211 C CB  . LEU A 1 27  ? 3.323   -3.406  5.242   1.00 8.52  ? 30  LEU A CB  1 
ATOM   212 C CG  . LEU A 1 27  ? 3.103   -1.890  5.155   1.00 8.55  ? 30  LEU A CG  1 
ATOM   213 C CD1 . LEU A 1 27  ? 4.267   -1.227  4.432   1.00 8.56  ? 30  LEU A CD1 1 
ATOM   214 C CD2 . LEU A 1 27  ? 1.777   -1.532  4.489   1.00 8.53  ? 30  LEU A CD2 1 
ATOM   215 N N   . VAL A 1 28  ? 2.685   -6.491  5.679   1.00 8.71  ? 31  VAL A N   1 
ATOM   216 C CA  . VAL A 1 28  ? 2.158   -7.792  5.226   1.00 8.87  ? 31  VAL A CA  1 
ATOM   217 C C   . VAL A 1 28  ? 1.078   -8.305  6.195   1.00 9.02  ? 31  VAL A C   1 
ATOM   218 O O   . VAL A 1 28  ? 0.033   -8.808  5.759   1.00 9.03  ? 31  VAL A O   1 
ATOM   219 C CB  . VAL A 1 28  ? 3.290   -8.842  5.010   1.00 8.85  ? 31  VAL A CB  1 
ATOM   220 C CG1 . VAL A 1 28  ? 2.738   -10.223 4.662   1.00 8.83  ? 31  VAL A CG1 1 
ATOM   221 C CG2 . VAL A 1 28  ? 4.248   -8.385  3.915   1.00 8.82  ? 31  VAL A CG2 1 
ATOM   222 N N   . GLN A 1 29  ? 1.323   -8.138  7.496   1.00 9.22  ? 32  GLN A N   1 
ATOM   223 C CA  . GLN A 1 29  ? 0.385   -8.580  8.543   1.00 9.39  ? 32  GLN A CA  1 
ATOM   224 C C   . GLN A 1 29  ? -0.887  -7.745  8.593   1.00 9.53  ? 32  GLN A C   1 
ATOM   225 O O   . GLN A 1 29  ? -1.967  -8.287  8.824   1.00 9.58  ? 32  GLN A O   1 
ATOM   226 C CB  . GLN A 1 29  ? 1.061   -8.626  9.919   1.00 9.40  ? 32  GLN A CB  1 
ATOM   227 C CG  . GLN A 1 29  ? 2.235   -9.604  10.033  1.00 9.45  ? 32  GLN A CG  1 
ATOM   228 C CD  . GLN A 1 29  ? 1.844   -11.069 9.885   1.00 9.47  ? 32  GLN A CD  1 
ATOM   229 O OE1 . GLN A 1 29  ? 0.686   -11.450 10.059  1.00 9.51  ? 32  GLN A OE1 1 
ATOM   230 N NE2 . GLN A 1 29  ? 2.822   -11.899 9.570   1.00 9.52  ? 32  GLN A NE2 1 
ATOM   231 N N   . THR A 1 30  ? -0.750  -6.438  8.367   1.00 9.71  ? 33  THR A N   1 
ATOM   232 C CA  . THR A 1 30  ? -1.887  -5.513  8.252   1.00 9.92  ? 33  THR A CA  1 
ATOM   233 C C   . THR A 1 30  ? -2.734  -5.842  7.017   1.00 10.06 ? 33  THR A C   1 
ATOM   234 O O   . THR A 1 30  ? -3.956  -5.729  7.052   1.00 10.08 ? 33  THR A O   1 
ATOM   235 C CB  . THR A 1 30  ? -1.404  -4.043  8.224   1.00 9.93  ? 33  THR A CB  1 
ATOM   236 O OG1 . THR A 1 30  ? -0.517  -3.821  9.327   1.00 9.96  ? 33  THR A OG1 1 
ATOM   237 C CG2 . THR A 1 30  ? -2.564  -3.056  8.337   1.00 9.95  ? 33  THR A CG2 1 
ATOM   238 N N   . LEU A 1 31  ? -2.063  -6.277  5.950   1.00 10.29 ? 34  LEU A N   1 
ATOM   239 C CA  . LEU A 1 31  ? -2.690  -6.658  4.684   1.00 10.53 ? 34  LEU A CA  1 
ATOM   240 C C   . LEU A 1 31  ? -3.492  -7.961  4.848   1.00 10.71 ? 34  LEU A C   1 
ATOM   241 O O   . LEU A 1 31  ? -4.642  -8.043  4.401   1.00 10.81 ? 34  LEU A O   1 
ATOM   242 C CB  . LEU A 1 31  ? -1.608  -6.793  3.603   1.00 10.47 ? 34  LEU A CB  1 
ATOM   243 C CG  . LEU A 1 31  ? -1.602  -6.152  2.207   1.00 10.50 ? 34  LEU A CG  1 
ATOM   244 C CD1 . LEU A 1 31  ? -2.330  -4.820  2.070   1.00 10.51 ? 34  LEU A CD1 1 
ATOM   245 C CD2 . LEU A 1 31  ? -0.157  -5.983  1.778   1.00 10.49 ? 34  LEU A CD2 1 
ATOM   246 N N   . ARG A 1 32  ? -2.889  -8.953  5.504   1.00 10.89 ? 35  ARG A N   1 
ATOM   247 C CA  . ARG A 1 32  ? -3.560  -10.218 5.828   1.00 11.14 ? 35  ARG A CA  1 
ATOM   248 C C   . ARG A 1 32  ? -4.824  -9.994  6.672   1.00 11.27 ? 35  ARG A C   1 
ATOM   249 O O   . ARG A 1 32  ? -5.883  -10.549 6.363   1.00 11.24 ? 35  ARG A O   1 
ATOM   250 C CB  . ARG A 1 32  ? -2.604  -11.190 6.537   1.00 11.21 ? 35  ARG A CB  1 
ATOM   251 C CG  . ARG A 1 32  ? -1.488  -11.757 5.665   1.00 11.27 ? 35  ARG A CG  1 
ATOM   252 C CD  . ARG A 1 32  ? -0.813  -12.945 6.334   1.00 11.33 ? 35  ARG A CD  1 
ATOM   253 N NE  . ARG A 1 32  ? 0.608   -13.067 5.983   1.00 11.45 ? 35  ARG A NE  1 
ATOM   254 C CZ  . ARG A 1 32  ? 1.093   -13.684 4.901   1.00 11.50 ? 35  ARG A CZ  1 
ATOM   255 N NH1 . ARG A 1 32  ? 0.285   -14.257 4.008   1.00 11.55 ? 35  ARG A NH1 1 
ATOM   256 N NH2 . ARG A 1 32  ? 2.404   -13.724 4.705   1.00 11.50 ? 35  ARG A NH2 1 
ATOM   257 N N   . GLU A 1 33  ? -4.701  -9.151  7.702   1.00 11.47 ? 36  GLU A N   1 
ATOM   258 C CA  . GLU A 1 33  ? -5.800  -8.787  8.610   1.00 11.67 ? 36  GLU A CA  1 
ATOM   259 C C   . GLU A 1 33  ? -6.940  -7.998  7.956   1.00 11.80 ? 36  GLU A C   1 
ATOM   260 O O   . GLU A 1 33  ? -8.051  -7.928  8.510   1.00 11.76 ? 36  GLU A O   1 
ATOM   261 C CB  . GLU A 1 33  ? -5.261  -7.994  9.802   1.00 11.74 ? 36  GLU A CB  1 
ATOM   262 C CG  . GLU A 1 33  ? -4.945  -8.832  11.031  1.00 11.79 ? 36  GLU A CG  1 
ATOM   263 C CD  . GLU A 1 33  ? -4.289  -8.026  12.140  1.00 11.91 ? 36  GLU A CD  1 
ATOM   264 O OE1 . GLU A 1 33  ? -4.727  -6.879  12.390  1.00 11.93 ? 36  GLU A OE1 1 
ATOM   265 O OE2 . GLU A 1 33  ? -3.324  -8.535  12.766  1.00 11.92 ? 36  GLU A OE2 1 
ATOM   266 N N   . ALA A 1 34  ? -6.652  -7.399  6.797   1.00 11.92 ? 37  ALA A N   1 
ATOM   267 C CA  . ALA A 1 34  ? -7.639  -6.668  5.999   1.00 12.04 ? 37  ALA A CA  1 
ATOM   268 C C   . ALA A 1 34  ? -8.407  -7.593  5.049   1.00 12.17 ? 37  ALA A C   1 
ATOM   269 O O   . ALA A 1 34  ? -9.454  -7.209  4.509   1.00 12.13 ? 37  ALA A O   1 
ATOM   270 C CB  . ALA A 1 34  ? -6.969  -5.542  5.227   1.00 12.01 ? 37  ALA A CB  1 
ATOM   271 N N   . GLY A 1 35  ? -7.885  -8.807  4.857   1.00 12.29 ? 38  GLY A N   1 
ATOM   272 C CA  . GLY A 1 35  ? -8.528  -9.813  4.006   1.00 12.49 ? 38  GLY A CA  1 
ATOM   273 C C   . GLY A 1 35  ? -7.620  -10.527 3.018   1.00 12.61 ? 38  GLY A C   1 
ATOM   274 O O   . GLY A 1 35  ? -8.010  -11.548 2.447   1.00 12.57 ? 38  GLY A O   1 
ATOM   275 N N   . PHE A 1 36  ? -6.415  -9.994  2.822   1.00 12.79 ? 39  PHE A N   1 
ATOM   276 C CA  . PHE A 1 36  ? -5.431  -10.574 1.915   1.00 13.09 ? 39  PHE A CA  1 
ATOM   277 C C   . PHE A 1 36  ? -4.756  -11.803 2.557   1.00 13.39 ? 39  PHE A C   1 
ATOM   278 O O   . PHE A 1 36  ? -3.551  -11.815 2.831   1.00 13.41 ? 39  PHE A O   1 
ATOM   279 C CB  . PHE A 1 36  ? -4.420  -9.502  1.462   1.00 13.06 ? 39  PHE A CB  1 
ATOM   280 C CG  . PHE A 1 36  ? -5.046  -8.334  0.734   1.00 13.07 ? 39  PHE A CG  1 
ATOM   281 C CD1 . PHE A 1 36  ? -5.252  -8.382  -0.648  1.00 13.08 ? 39  PHE A CD1 1 
ATOM   282 C CD2 . PHE A 1 36  ? -5.433  -7.178  1.425   1.00 13.03 ? 39  PHE A CD2 1 
ATOM   283 C CE1 . PHE A 1 36  ? -5.832  -7.307  -1.321  1.00 13.05 ? 39  PHE A CE1 1 
ATOM   284 C CE2 . PHE A 1 36  ? -6.012  -6.106  0.759   1.00 12.96 ? 39  PHE A CE2 1 
ATOM   285 C CZ  . PHE A 1 36  ? -6.208  -6.168  -0.615  1.00 13.03 ? 39  PHE A CZ  1 
ATOM   286 N N   . ASP A 1 37  ? -5.568  -12.835 2.788   1.00 13.74 ? 40  ASP A N   1 
ATOM   287 C CA  . ASP A 1 37  ? -5.163  -14.074 3.457   1.00 14.09 ? 40  ASP A CA  1 
ATOM   288 C C   . ASP A 1 37  ? -4.148  -14.869 2.651   1.00 14.34 ? 40  ASP A C   1 
ATOM   289 O O   . ASP A 1 37  ? -3.264  -15.510 3.224   1.00 14.52 ? 40  ASP A O   1 
ATOM   290 C CB  . ASP A 1 37  ? -6.389  -14.966 3.700   1.00 14.17 ? 40  ASP A CB  1 
ATOM   291 C CG  . ASP A 1 37  ? -7.410  -14.332 4.623   1.00 14.17 ? 40  ASP A CG  1 
ATOM   292 O OD1 . ASP A 1 37  ? -7.119  -14.197 5.833   1.00 14.20 ? 40  ASP A OD1 1 
ATOM   293 O OD2 . ASP A 1 37  ? -8.505  -13.974 4.135   1.00 14.17 ? 40  ASP A OD2 1 
ATOM   294 N N   . THR A 1 38  ? -4.281  -14.812 1.327   1.00 14.60 ? 41  THR A N   1 
ATOM   295 C CA  . THR A 1 38  ? -3.554  -15.695 0.411   1.00 14.87 ? 41  THR A CA  1 
ATOM   296 C C   . THR A 1 38  ? -2.362  -15.048 -0.322  1.00 15.04 ? 41  THR A C   1 
ATOM   297 O O   . THR A 1 38  ? -1.949  -15.527 -1.387  1.00 15.01 ? 41  THR A O   1 
ATOM   298 C CB  . THR A 1 38  ? -4.521  -16.351 -0.606  1.00 14.90 ? 41  THR A CB  1 
ATOM   299 O OG1 . THR A 1 38  ? -5.344  -15.343 -1.211  1.00 14.91 ? 41  THR A OG1 1 
ATOM   300 C CG2 . THR A 1 38  ? -5.406  -17.394 0.077   1.00 14.92 ? 41  THR A CG2 1 
ATOM   301 N N   . ILE A 1 39  ? -1.809  -13.972 0.243   1.00 15.31 ? 42  ILE A N   1 
ATOM   302 C CA  . ILE A 1 39  ? -0.594  -13.360 -0.314  1.00 15.60 ? 42  ILE A CA  1 
ATOM   303 C C   . ILE A 1 39  ? 0.639   -14.129 0.168   1.00 15.68 ? 42  ILE A C   1 
ATOM   304 O O   . ILE A 1 39  ? 0.869   -14.275 1.380   1.00 15.52 ? 42  ILE A O   1 
ATOM   305 C CB  . ILE A 1 39  ? -0.475  -11.821 -0.076  1.00 15.73 ? 42  ILE A CB  1 
ATOM   306 C CG1 . ILE A 1 39  ? -0.642  -11.455 1.409   1.00 15.76 ? 42  ILE A CG1 1 
ATOM   307 C CG2 . ILE A 1 39  ? -1.461  -11.067 -0.974  1.00 15.76 ? 42  ILE A CG2 1 
ATOM   308 C CD1 . ILE A 1 39  ? -0.257  -10.033 1.765   1.00 15.86 ? 42  ILE A CD1 1 
ATOM   309 N N   . VAL A 1 40  ? 1.400   -14.646 -0.796  1.00 15.90 ? 43  VAL A N   1 
ATOM   310 C CA  . VAL A 1 40  ? 2.560   -15.500 -0.505  1.00 16.09 ? 43  VAL A CA  1 
ATOM   311 C C   . VAL A 1 40  ? 3.747   -14.662 -0.024  1.00 16.10 ? 43  VAL A C   1 
ATOM   312 O O   . VAL A 1 40  ? 4.355   -14.974 1.003   1.00 16.33 ? 43  VAL A O   1 
ATOM   313 C CB  . VAL A 1 40  ? 2.913   -16.456 -1.688  1.00 16.11 ? 43  VAL A CB  1 
ATOM   314 C CG1 . VAL A 1 40  ? 3.340   -15.696 -2.944  1.00 16.10 ? 43  VAL A CG1 1 
ATOM   315 C CG2 . VAL A 1 40  ? 3.965   -17.481 -1.272  1.00 16.15 ? 43  VAL A CG2 1 
ATOM   316 N N   . GLY A 1 42  ? 6.667   -13.667 -0.578  1.00 13.78 ? 45  GLY A N   1 
ATOM   317 C CA  . GLY A 1 42  ? 7.385   -12.398 -0.726  1.00 13.81 ? 45  GLY A CA  1 
ATOM   318 C C   . GLY A 1 42  ? 6.994   -11.617 -1.972  1.00 13.77 ? 45  GLY A C   1 
ATOM   319 O O   . GLY A 1 42  ? 7.854   -11.240 -2.769  1.00 13.80 ? 45  GLY A O   1 
ATOM   320 N N   . THR A 1 43  ? 5.689   -11.377 -2.123  1.00 13.67 ? 46  THR A N   1 
ATOM   321 C CA  . THR A 1 43  ? 5.103   -10.669 -3.275  1.00 13.48 ? 46  THR A CA  1 
ATOM   322 C C   . THR A 1 43  ? 4.842   -9.188  -2.994  1.00 13.29 ? 46  THR A C   1 
ATOM   323 O O   . THR A 1 43  ? 4.567   -8.413  -3.920  1.00 13.37 ? 46  THR A O   1 
ATOM   324 C CB  . THR A 1 43  ? 3.785   -11.331 -3.723  1.00 13.58 ? 46  THR A CB  1 
ATOM   325 O OG1 . THR A 1 43  ? 3.078   -11.817 -2.574  1.00 13.65 ? 46  THR A OG1 1 
ATOM   326 C CG2 . THR A 1 43  ? 4.061   -12.502 -4.666  1.00 13.64 ? 46  THR A CG2 1 
ATOM   327 N N   . ILE A 1 44  ? 4.956   -8.807  -1.719  1.00 12.94 ? 47  ILE A N   1 
ATOM   328 C CA  . ILE A 1 44  ? 4.665   -7.454  -1.238  1.00 12.59 ? 47  ILE A CA  1 
ATOM   329 C C   . ILE A 1 44  ? 5.883   -6.524  -1.313  1.00 12.36 ? 47  ILE A C   1 
ATOM   330 O O   . ILE A 1 44  ? 5.758   -5.370  -1.734  1.00 12.25 ? 47  ILE A O   1 
ATOM   331 C CB  . ILE A 1 44  ? 4.052   -7.489  0.197   1.00 12.60 ? 47  ILE A CB  1 
ATOM   332 C CG1 . ILE A 1 44  ? 2.731   -8.294  0.237   1.00 12.65 ? 47  ILE A CG1 1 
ATOM   333 C CG2 . ILE A 1 44  ? 3.876   -6.093  0.792   1.00 12.62 ? 47  ILE A CG2 1 
ATOM   334 C CD1 . ILE A 1 44  ? 1.676   -7.939  -0.806  1.00 12.63 ? 47  ILE A CD1 1 
ATOM   335 N N   . TYR A 1 45  ? 7.051   -7.031  -0.915  1.00 12.10 ? 48  TYR A N   1 
ATOM   336 C CA  . TYR A 1 45  ? 8.283   -6.239  -0.939  1.00 11.91 ? 48  TYR A CA  1 
ATOM   337 C C   . TYR A 1 45  ? 8.733   -5.785  -2.349  1.00 11.87 ? 48  TYR A C   1 
ATOM   338 O O   . TYR A 1 45  ? 9.315   -4.703  -2.459  1.00 11.92 ? 48  TYR A O   1 
ATOM   339 C CB  . TYR A 1 45  ? 9.429   -6.924  -0.181  1.00 11.81 ? 48  TYR A CB  1 
ATOM   340 C CG  . TYR A 1 45  ? 10.270  -5.965  0.638   1.00 11.70 ? 48  TYR A CG  1 
ATOM   341 C CD1 . TYR A 1 45  ? 11.247  -5.169  0.035   1.00 11.71 ? 48  TYR A CD1 1 
ATOM   342 C CD2 . TYR A 1 45  ? 10.089  -5.852  2.018   1.00 11.67 ? 48  TYR A CD2 1 
ATOM   343 C CE1 . TYR A 1 45  ? 12.016  -4.280  0.778   1.00 11.70 ? 48  TYR A CE1 1 
ATOM   344 C CE2 . TYR A 1 45  ? 10.850  -4.968  2.772   1.00 11.69 ? 48  TYR A CE2 1 
ATOM   345 C CZ  . TYR A 1 45  ? 11.817  -4.179  2.143   1.00 11.69 ? 48  TYR A CZ  1 
ATOM   346 O OH  . TYR A 1 45  ? 12.586  -3.297  2.875   1.00 11.65 ? 48  TYR A OH  1 
ATOM   347 N N   . PRO A 1 46  ? 8.478   -6.592  -3.417  1.00 11.76 ? 49  PRO A N   1 
ATOM   348 C CA  . PRO A 1 46  ? 8.655   -6.048  -4.777  1.00 11.70 ? 49  PRO A CA  1 
ATOM   349 C C   . PRO A 1 46  ? 7.860   -4.766  -5.055  1.00 11.70 ? 49  PRO A C   1 
ATOM   350 O O   . PRO A 1 46  ? 8.396   -3.845  -5.691  1.00 11.65 ? 49  PRO A O   1 
ATOM   351 C CB  . PRO A 1 46  ? 8.166   -7.185  -5.674  1.00 11.69 ? 49  PRO A CB  1 
ATOM   352 C CG  . PRO A 1 46  ? 8.491   -8.408  -4.905  1.00 11.69 ? 49  PRO A CG  1 
ATOM   353 C CD  . PRO A 1 46  ? 8.293   -8.059  -3.457  1.00 11.72 ? 49  PRO A CD  1 
ATOM   354 N N   . LEU A 1 47  ? 6.609   -4.709  -4.576  1.00 11.67 ? 50  LEU A N   1 
ATOM   355 C CA  . LEU A 1 47  ? 5.780   -3.500  -4.659  1.00 11.68 ? 50  LEU A CA  1 
ATOM   356 C C   . LEU A 1 47  ? 6.361   -2.331  -3.843  1.00 11.71 ? 50  LEU A C   1 
ATOM   357 O O   . LEU A 1 47  ? 6.435   -1.199  -4.343  1.00 11.74 ? 50  LEU A O   1 
ATOM   358 C CB  . LEU A 1 47  ? 4.325   -3.798  -4.257  1.00 11.71 ? 50  LEU A CB  1 
ATOM   359 C CG  . LEU A 1 47  ? 3.305   -2.657  -4.105  1.00 11.67 ? 50  LEU A CG  1 
ATOM   360 C CD1 . LEU A 1 47  ? 3.018   -1.976  -5.441  1.00 11.65 ? 50  LEU A CD1 1 
ATOM   361 C CD2 . LEU A 1 47  ? 2.022   -3.172  -3.467  1.00 11.62 ? 50  LEU A CD2 1 
ATOM   362 N N   . LEU A 1 48  ? 6.785   -2.613  -2.608  1.00 11.76 ? 51  LEU A N   1 
ATOM   363 C CA  . LEU A 1 48  ? 7.456   -1.624  -1.762  1.00 11.84 ? 51  LEU A CA  1 
ATOM   364 C C   . LEU A 1 48  ? 8.734   -1.101  -2.411  1.00 11.96 ? 51  LEU A C   1 
ATOM   365 O O   . LEU A 1 48  ? 9.016   0.095   -2.339  1.00 12.09 ? 51  LEU A O   1 
ATOM   366 C CB  . LEU A 1 48  ? 7.756   -2.187  -0.365  1.00 11.78 ? 51  LEU A CB  1 
ATOM   367 C CG  . LEU A 1 48  ? 6.602   -2.536  0.586   1.00 11.78 ? 51  LEU A CG  1 
ATOM   368 C CD1 . LEU A 1 48  ? 7.146   -3.234  1.829   1.00 11.69 ? 51  LEU A CD1 1 
ATOM   369 C CD2 . LEU A 1 48  ? 5.783   -1.312  0.978   1.00 11.72 ? 51  LEU A CD2 1 
ATOM   370 N N   . GLN A 1 49  ? 9.482   -2.002  -3.051  1.00 12.06 ? 52  GLN A N   1 
ATOM   371 C CA  . GLN A 1 49  ? 10.701  -1.670  -3.796  1.00 12.23 ? 52  GLN A CA  1 
ATOM   372 C C   . GLN A 1 49  ? 10.410  -0.683  -4.937  1.00 12.20 ? 52  GLN A C   1 
ATOM   373 O O   . GLN A 1 49  ? 11.151  0.286   -5.116  1.00 12.12 ? 52  GLN A O   1 
ATOM   374 C CB  . GLN A 1 49  ? 11.339  -2.947  -4.355  1.00 12.37 ? 52  GLN A CB  1 
ATOM   375 C CG  . GLN A 1 49  ? 12.849  -2.900  -4.527  1.00 12.65 ? 52  GLN A CG  1 
ATOM   376 C CD  . GLN A 1 49  ? 13.575  -3.924  -3.670  1.00 12.80 ? 52  GLN A CD  1 
ATOM   377 O OE1 . GLN A 1 49  ? 13.202  -5.104  -3.629  1.00 13.03 ? 52  GLN A OE1 1 
ATOM   378 N NE2 . GLN A 1 49  ? 14.629  -3.485  -2.997  1.00 12.83 ? 52  GLN A NE2 1 
ATOM   379 N N   . LYS A 1 50  ? 9.324   -0.942  -5.678  1.00 12.22 ? 53  LYS A N   1 
ATOM   380 C CA  . LYS A 1 50  ? 8.884   -0.123  -6.809  1.00 12.28 ? 53  LYS A CA  1 
ATOM   381 C C   . LYS A 1 50  ? 8.489   1.290   -6.384  1.00 12.45 ? 53  LYS A C   1 
ATOM   382 O O   . LYS A 1 50  ? 8.940   2.263   -6.992  1.00 12.42 ? 53  LYS A O   1 
ATOM   383 C CB  . LYS A 1 50  ? 7.740   -0.809  -7.563  1.00 12.25 ? 53  LYS A CB  1 
ATOM   384 C CG  . LYS A 1 50  ? 7.383   -0.177  -8.908  1.00 12.25 ? 53  LYS A CG  1 
ATOM   385 C CD  . LYS A 1 50  ? 6.455   -1.068  -9.722  1.00 12.27 ? 53  LYS A CD  1 
ATOM   386 C CE  . LYS A 1 50  ? 4.994   -0.866  -9.352  1.00 12.37 ? 53  LYS A CE  1 
ATOM   387 N NZ  . LYS A 1 50  ? 4.271   -2.164  -9.222  1.00 12.35 ? 53  LYS A NZ  1 
ATOM   388 N N   . LEU A 1 51  ? 7.656   1.377   -5.344  1.00 12.66 ? 54  LEU A N   1 
ATOM   389 C CA  . LEU A 1 51  ? 7.196   2.632   -4.755  1.00 12.80 ? 54  LEU A CA  1 
ATOM   390 C C   . LEU A 1 51  ? 8.338   3.496   -4.204  1.00 12.98 ? 54  LEU A C   1 
ATOM   391 O O   . LEU A 1 51  ? 8.327   4.710   -4.388  1.00 13.00 ? 54  LEU A O   1 
ATOM   392 C CB  . LEU A 1 51  ? 6.181   2.337   -3.643  1.00 12.89 ? 54  LEU A CB  1 
ATOM   393 C CG  . LEU A 1 51  ? 4.658   2.179   -3.793  1.00 12.87 ? 54  LEU A CG  1 
ATOM   394 C CD1 . LEU A 1 51  ? 4.160   1.747   -5.169  1.00 12.86 ? 54  LEU A CD1 1 
ATOM   395 C CD2 . LEU A 1 51  ? 4.181   1.205   -2.724  1.00 12.86 ? 54  LEU A CD2 1 
ATOM   396 N N   . GLU A 1 52  ? 9.314   2.876   -3.534  1.00 13.20 ? 55  GLU A N   1 
ATOM   397 C CA  . GLU A 1 52  ? 10.486  3.605   -3.013  1.00 13.42 ? 55  GLU A CA  1 
ATOM   398 C C   . GLU A 1 52  ? 11.338  4.196   -4.146  1.00 13.48 ? 55  GLU A C   1 
ATOM   399 O O   . GLU A 1 52  ? 11.739  5.363   -4.085  1.00 13.47 ? 55  GLU A O   1 
ATOM   400 C CB  . GLU A 1 52  ? 11.343  2.717   -2.094  1.00 13.48 ? 55  GLU A CB  1 
ATOM   401 C CG  . GLU A 1 52  ? 12.399  3.487   -1.299  1.00 13.58 ? 55  GLU A CG  1 
ATOM   402 C CD  . GLU A 1 52  ? 13.376  2.610   -0.519  1.00 13.69 ? 55  GLU A CD  1 
ATOM   403 O OE1 . GLU A 1 52  ? 13.344  1.362   -0.648  1.00 13.70 ? 55  GLU A OE1 1 
ATOM   404 O OE2 . GLU A 1 52  ? 14.195  3.183   0.241   1.00 13.73 ? 55  GLU A OE2 1 
ATOM   405 N N   . LYS A 1 53  ? 11.595  3.378   -5.167  1.00 13.59 ? 56  LYS A N   1 
ATOM   406 C CA  . LYS A 1 53  ? 12.340  3.779   -6.365  1.00 13.72 ? 56  LYS A CA  1 
ATOM   407 C C   . LYS A 1 53  ? 11.586  4.854   -7.169  1.00 13.73 ? 56  LYS A C   1 
ATOM   408 O O   . LYS A 1 53  ? 12.206  5.782   -7.703  1.00 13.76 ? 56  LYS A O   1 
ATOM   409 C CB  . LYS A 1 53  ? 12.701  2.527   -7.199  1.00 13.82 ? 56  LYS A CB  1 
ATOM   410 C CG  . LYS A 1 53  ? 13.387  2.763   -8.541  1.00 13.92 ? 56  LYS A CG  1 
ATOM   411 C CD  . LYS A 1 53  ? 12.390  2.501   -9.661  1.00 14.05 ? 56  LYS A CD  1 
ATOM   412 C CE  . LYS A 1 53  ? 12.474  3.533   -10.773 1.00 14.13 ? 56  LYS A CE  1 
ATOM   413 N NZ  . LYS A 1 53  ? 11.216  3.523   -11.574 1.00 14.14 ? 56  LYS A NZ  1 
ATOM   414 N N   . ASN A 1 54  ? 10.255  4.737   -7.217  1.00 13.72 ? 57  ASN A N   1 
ATOM   415 C CA  . ASN A 1 54  ? 9.371   5.764   -7.795  1.00 13.69 ? 57  ASN A CA  1 
ATOM   416 C C   . ASN A 1 54  ? 9.321   7.080   -7.008  1.00 13.63 ? 57  ASN A C   1 
ATOM   417 O O   . ASN A 1 54  ? 8.712   8.055   -7.469  1.00 13.63 ? 57  ASN A O   1 
ATOM   418 C CB  . ASN A 1 54  ? 7.937   5.228   -7.923  1.00 13.75 ? 57  ASN A CB  1 
ATOM   419 C CG  . ASN A 1 54  ? 7.749   4.282   -9.095  1.00 13.82 ? 57  ASN A CG  1 
ATOM   420 O OD1 . ASN A 1 54  ? 8.623   4.135   -9.959  1.00 13.76 ? 57  ASN A OD1 1 
ATOM   421 N ND2 . ASN A 1 54  ? 6.588   3.627   -9.127  1.00 13.86 ? 57  ASN A ND2 1 
ATOM   422 N N   . GLN A 1 55  ? 9.944   7.091   -5.825  1.00 13.56 ? 58  GLN A N   1 
ATOM   423 C CA  . GLN A 1 55  ? 9.927   8.218   -4.877  1.00 13.53 ? 58  GLN A CA  1 
ATOM   424 C C   . GLN A 1 55  ? 8.508   8.570   -4.387  1.00 13.37 ? 58  GLN A C   1 
ATOM   425 O O   . GLN A 1 55  ? 8.199   9.732   -4.134  1.00 13.28 ? 58  GLN A O   1 
ATOM   426 C CB  . GLN A 1 55  ? 10.672  9.452   -5.439  1.00 13.67 ? 58  GLN A CB  1 
ATOM   427 C CG  . GLN A 1 55  ? 12.187  9.302   -5.539  1.00 13.85 ? 58  GLN A CG  1 
ATOM   428 C CD  . GLN A 1 55  ? 12.853  10.431  -6.316  1.00 14.04 ? 58  GLN A CD  1 
ATOM   429 O OE1 . GLN A 1 55  ? 12.524  11.612  -6.143  1.00 14.19 ? 58  GLN A OE1 1 
ATOM   430 N NE2 . GLN A 1 55  ? 13.806  10.073  -7.174  1.00 14.05 ? 58  GLN A NE2 1 
ATOM   431 N N   . TRP A 1 56  ? 7.656   7.550   -4.262  1.00 13.21 ? 59  TRP A N   1 
ATOM   432 C CA  . TRP A 1 56  ? 6.308   7.703   -3.705  1.00 13.08 ? 59  TRP A CA  1 
ATOM   433 C C   . TRP A 1 56  ? 6.356   7.513   -2.193  1.00 13.12 ? 59  TRP A C   1 
ATOM   434 O O   . TRP A 1 56  ? 5.636   8.177   -1.447  1.00 12.99 ? 59  TRP A O   1 
ATOM   435 C CB  . TRP A 1 56  ? 5.345   6.689   -4.330  1.00 13.01 ? 59  TRP A CB  1 
ATOM   436 C CG  . TRP A 1 56  ? 5.056   6.872   -5.813  1.00 12.96 ? 59  TRP A CG  1 
ATOM   437 C CD1 . TRP A 1 56  ? 5.650   7.756   -6.679  1.00 12.93 ? 59  TRP A CD1 1 
ATOM   438 C CD2 . TRP A 1 56  ? 4.127   6.113   -6.599  1.00 12.89 ? 59  TRP A CD2 1 
ATOM   439 N NE1 . TRP A 1 56  ? 5.137   7.603   -7.944  1.00 12.88 ? 59  TRP A NE1 1 
ATOM   440 C CE2 . TRP A 1 56  ? 4.202   6.601   -7.926  1.00 12.89 ? 59  TRP A CE2 1 
ATOM   441 C CE3 . TRP A 1 56  ? 3.231   5.073   -6.310  1.00 12.86 ? 59  TRP A CE3 1 
ATOM   442 C CZ2 . TRP A 1 56  ? 3.417   6.079   -8.967  1.00 12.83 ? 59  TRP A CZ2 1 
ATOM   443 C CZ3 . TRP A 1 56  ? 2.445   4.552   -7.349  1.00 12.85 ? 59  TRP A CZ3 1 
ATOM   444 C CH2 . TRP A 1 56  ? 2.544   5.062   -8.658  1.00 12.85 ? 59  TRP A CH2 1 
ATOM   445 N N   . ILE A 1 57  ? 7.207   6.587   -1.754  1.00 13.29 ? 60  ILE A N   1 
ATOM   446 C CA  . ILE A 1 57  ? 7.465   6.342   -0.331  1.00 13.42 ? 60  ILE A CA  1 
ATOM   447 C C   . ILE A 1 57  ? 8.968   6.414   -0.042  1.00 13.61 ? 60  ILE A C   1 
ATOM   448 O O   . ILE A 1 57  ? 9.786   6.369   -0.965  1.00 13.65 ? 60  ILE A O   1 
ATOM   449 C CB  . ILE A 1 57  ? 6.869   4.990   0.156   1.00 13.33 ? 60  ILE A CB  1 
ATOM   450 C CG1 . ILE A 1 57  ? 7.537   3.799   -0.552  1.00 13.26 ? 60  ILE A CG1 1 
ATOM   451 C CG2 . ILE A 1 57  ? 5.350   4.982   -0.001  1.00 13.23 ? 60  ILE A CG2 1 
ATOM   452 C CD1 . ILE A 1 57  ? 7.247   2.442   0.060   1.00 13.22 ? 60  ILE A CD1 1 
ATOM   453 N N   . ARG A 1 58  ? 9.325   6.537   1.234   1.00 13.91 ? 61  ARG A N   1 
ATOM   454 C CA  . ARG A 1 58  ? 10.724  6.483   1.648   1.00 14.17 ? 61  ARG A CA  1 
ATOM   455 C C   . ARG A 1 58  ? 10.940  5.534   2.818   1.00 14.32 ? 61  ARG A C   1 
ATOM   456 O O   . ARG A 1 58  ? 10.099  5.449   3.721   1.00 14.27 ? 61  ARG A O   1 
ATOM   457 C CB  . ARG A 1 58  ? 11.284  7.884   1.945   1.00 14.43 ? 61  ARG A CB  1 
ATOM   458 C CG  . ARG A 1 58  ? 10.680  8.632   3.131   1.00 14.58 ? 61  ARG A CG  1 
ATOM   459 C CD  . ARG A 1 58  ? 11.224  10.050  3.202   1.00 14.87 ? 61  ARG A CD  1 
ATOM   460 N NE  . ARG A 1 58  ? 12.657  10.110  3.521   1.00 15.10 ? 61  ARG A NE  1 
ATOM   461 C CZ  . ARG A 1 58  ? 13.186  10.751  4.569   1.00 15.30 ? 61  ARG A CZ  1 
ATOM   462 N NH1 . ARG A 1 58  ? 12.419  11.409  5.430   1.00 15.40 ? 61  ARG A NH1 1 
ATOM   463 N NH2 . ARG A 1 58  ? 14.501  10.739  4.760   1.00 15.35 ? 61  ARG A NH2 1 
ATOM   464 N N   . GLY A 1 59  ? 12.068  4.823   2.778   1.00 14.51 ? 62  GLY A N   1 
ATOM   465 C CA  . GLY A 1 59  ? 12.472  3.906   3.844   1.00 14.68 ? 62  GLY A CA  1 
ATOM   466 C C   . GLY A 1 59  ? 13.587  4.485   4.690   1.00 14.88 ? 62  GLY A C   1 
ATOM   467 O O   . GLY A 1 59  ? 14.641  4.850   4.169   1.00 14.89 ? 62  GLY A O   1 
ATOM   468 N N   . ASP A 1 60  ? 13.336  4.582   5.994   1.00 15.12 ? 63  ASP A N   1 
ATOM   469 C CA  . ASP A 1 60  ? 14.323  5.073   6.965   1.00 15.43 ? 63  ASP A CA  1 
ATOM   470 C C   . ASP A 1 60  ? 14.451  4.104   8.140   1.00 15.63 ? 63  ASP A C   1 
ATOM   471 O O   . ASP A 1 60  ? 13.449  3.560   8.618   1.00 15.71 ? 63  ASP A O   1 
ATOM   472 C CB  . ASP A 1 60  ? 13.953  6.477   7.468   1.00 15.45 ? 63  ASP A CB  1 
ATOM   473 C CG  . ASP A 1 60  ? 13.919  7.515   6.352   1.00 15.45 ? 63  ASP A CG  1 
ATOM   474 O OD1 . ASP A 1 60  ? 14.985  7.871   5.807   1.00 15.52 ? 63  ASP A OD1 1 
ATOM   475 O OD2 . ASP A 1 60  ? 12.816  7.983   6.023   1.00 15.50 ? 63  ASP A OD2 1 
ATOM   476 N N   . MET A 1 61  ? 15.686  3.892   8.591   1.00 15.92 ? 64  MET A N   1 
ATOM   477 C CA  . MET A 1 61  ? 15.980  2.951   9.673   1.00 16.16 ? 64  MET A CA  1 
ATOM   478 C C   . MET A 1 61  ? 15.726  3.581   11.042  1.00 16.29 ? 64  MET A C   1 
ATOM   479 O O   . MET A 1 61  ? 16.292  4.631   11.358  1.00 16.30 ? 64  MET A O   1 
ATOM   480 C CB  . MET A 1 61  ? 17.432  2.459   9.582   1.00 16.23 ? 64  MET A CB  1 
ATOM   481 C CG  . MET A 1 61  ? 17.777  1.640   8.342   1.00 16.29 ? 64  MET A CG  1 
ATOM   482 S SD  . MET A 1 61  ? 16.854  0.103   8.102   1.00 16.42 ? 64  MET A SD  1 
ATOM   483 C CE  . MET A 1 61  ? 17.117  -0.759  9.653   1.00 16.31 ? 64  MET A CE  1 
ATOM   484 N N   . ARG A 1 62  ? 14.861  2.939   11.832  1.00 16.48 ? 65  ARG A N   1 
ATOM   485 C CA  . ARG A 1 62  ? 14.551  3.357   13.214  1.00 16.64 ? 65  ARG A CA  1 
ATOM   486 C C   . ARG A 1 62  ? 14.065  2.180   14.101  1.00 16.69 ? 65  ARG A C   1 
ATOM   487 O O   . ARG A 1 62  ? 13.649  1.145   13.558  1.00 16.70 ? 65  ARG A O   1 
ATOM   488 C CB  . ARG A 1 62  ? 13.596  4.576   13.243  1.00 16.72 ? 65  ARG A CB  1 
ATOM   489 C CG  . ARG A 1 62  ? 12.165  4.363   12.776  1.00 16.88 ? 65  ARG A CG  1 
ATOM   490 C CD  . ARG A 1 62  ? 11.287  5.498   13.286  1.00 17.11 ? 65  ARG A CD  1 
ATOM   491 N NE  . ARG A 1 62  ? 9.920   5.494   12.755  1.00 17.29 ? 65  ARG A NE  1 
ATOM   492 C CZ  . ARG A 1 62  ? 8.864   4.920   13.340  1.00 17.45 ? 65  ARG A CZ  1 
ATOM   493 N NH1 . ARG A 1 62  ? 8.983   4.258   14.489  1.00 17.49 ? 65  ARG A NH1 1 
ATOM   494 N NH2 . ARG A 1 62  ? 7.670   5.002   12.768  1.00 17.50 ? 65  ARG A NH2 1 
ATOM   495 N N   . PRO A 1 63  ? 14.129  2.323   15.457  1.00 16.73 ? 66  PRO A N   1 
ATOM   496 C CA  . PRO A 1 63  ? 13.827  1.168   16.321  1.00 16.80 ? 66  PRO A CA  1 
ATOM   497 C C   . PRO A 1 63  ? 12.355  0.757   16.388  1.00 16.86 ? 66  PRO A C   1 
ATOM   498 O O   . PRO A 1 63  ? 11.492  1.575   16.729  1.00 16.99 ? 66  PRO A O   1 
ATOM   499 C CB  . PRO A 1 63  ? 14.329  1.613   17.711  1.00 16.80 ? 66  PRO A CB  1 
ATOM   500 C CG  . PRO A 1 63  ? 15.199  2.799   17.468  1.00 16.74 ? 66  PRO A CG  1 
ATOM   501 C CD  . PRO A 1 63  ? 14.608  3.466   16.262  1.00 16.77 ? 66  PRO A CD  1 
ATOM   502 N N   . SER A 1 64  ? 12.095  -0.517  16.077  1.00 16.85 ? 67  SER A N   1 
ATOM   503 C CA  . SER A 1 64  ? 10.776  -1.142  16.241  1.00 16.89 ? 67  SER A CA  1 
ATOM   504 C C   . SER A 1 64  ? 10.396  -1.270  17.744  1.00 16.85 ? 67  SER A C   1 
ATOM   505 O O   . SER A 1 64  ? 11.262  -1.056  18.607  1.00 16.91 ? 67  SER A O   1 
ATOM   506 C CB  . SER A 1 64  ? 10.735  -2.495  15.505  1.00 16.92 ? 67  SER A CB  1 
ATOM   507 O OG  . SER A 1 64  ? 11.586  -3.448  16.112  1.00 17.01 ? 67  SER A OG  1 
ATOM   508 N N   . PRO A 1 65  ? 9.111   -1.605  18.069  1.00 16.69 ? 68  PRO A N   1 
ATOM   509 C CA  . PRO A 1 65  ? 8.696   -1.537  19.483  1.00 16.55 ? 68  PRO A CA  1 
ATOM   510 C C   . PRO A 1 65  ? 9.404   -2.524  20.423  1.00 16.43 ? 68  PRO A C   1 
ATOM   511 O O   . PRO A 1 65  ? 9.356   -2.340  21.641  1.00 16.41 ? 68  PRO A O   1 
ATOM   512 C CB  . PRO A 1 65  ? 7.186   -1.833  19.430  1.00 16.57 ? 68  PRO A CB  1 
ATOM   513 C CG  . PRO A 1 65  ? 6.786   -1.597  18.012  1.00 16.51 ? 68  PRO A CG  1 
ATOM   514 C CD  . PRO A 1 65  ? 7.981   -2.033  17.218  1.00 16.60 ? 68  PRO A CD  1 
ATOM   515 N N   . ASP A 1 66  ? 10.054  -3.546  19.865  1.00 16.24 ? 69  ASP A N   1 
ATOM   516 C CA  . ASP A 1 66  ? 10.860  -4.478  20.661  1.00 16.07 ? 69  ASP A CA  1 
ATOM   517 C C   . ASP A 1 66  ? 12.302  -4.008  20.860  1.00 15.80 ? 69  ASP A C   1 
ATOM   518 O O   . ASP A 1 66  ? 12.972  -4.449  21.797  1.00 15.82 ? 69  ASP A O   1 
ATOM   519 C CB  . ASP A 1 66  ? 10.836  -5.889  20.064  1.00 16.20 ? 69  ASP A CB  1 
ATOM   520 C CG  . ASP A 1 66  ? 9.439   -6.470  20.000  1.00 16.31 ? 69  ASP A CG  1 
ATOM   521 O OD1 . ASP A 1 66  ? 8.735   -6.195  19.001  1.00 16.39 ? 69  ASP A OD1 1 
ATOM   522 O OD2 . ASP A 1 66  ? 9.042   -7.185  20.950  1.00 16.32 ? 69  ASP A OD2 1 
ATOM   523 N N   . GLY A 1 67  ? 12.774  -3.123  19.983  1.00 15.51 ? 70  GLY A N   1 
ATOM   524 C CA  . GLY A 1 67  ? 14.160  -2.655  20.024  1.00 15.19 ? 70  GLY A CA  1 
ATOM   525 C C   . GLY A 1 67  ? 15.231  -2.905  18.968  1.00 14.98 ? 70  GLY A C   1 
ATOM   526 O O   . GLY A 1 67  ? 16.322  -2.337  19.078  1.00 15.05 ? 70  GLY A O   1 
ATOM   527 N N   . PRO A 1 68  ? 14.946  -3.765  17.956  1.00 14.80 ? 71  PRO A N   1 
ATOM   528 C CA  . PRO A 1 68  ? 15.682  -3.836  16.682  1.00 14.66 ? 71  PRO A CA  1 
ATOM   529 C C   . PRO A 1 68  ? 15.271  -2.812  15.627  1.00 14.51 ? 71  PRO A C   1 
ATOM   530 O O   . PRO A 1 68  ? 14.083  -2.498  15.489  1.00 14.53 ? 71  PRO A O   1 
ATOM   531 C CB  . PRO A 1 68  ? 15.375  -5.248  16.181  1.00 14.68 ? 71  PRO A CB  1 
ATOM   532 C CG  . PRO A 1 68  ? 15.198  -6.032  17.431  1.00 14.77 ? 71  PRO A CG  1 
ATOM   533 C CD  . PRO A 1 68  ? 14.472  -5.106  18.360  1.00 14.79 ? 71  PRO A CD  1 
ATOM   534 N N   . ASP A 1 69  ? 16.270  -2.301  14.905  1.00 14.29 ? 72  ASP A N   1 
ATOM   535 C CA  . ASP A 1 69  ? 16.067  -1.338  13.829  1.00 14.10 ? 72  ASP A CA  1 
ATOM   536 C C   . ASP A 1 69  ? 15.420  -1.991  12.613  1.00 13.93 ? 72  ASP A C   1 
ATOM   537 O O   . ASP A 1 69  ? 15.897  -3.017  12.108  1.00 13.90 ? 72  ASP A O   1 
ATOM   538 C CB  . ASP A 1 69  ? 17.391  -0.671  13.428  1.00 14.18 ? 72  ASP A CB  1 
ATOM   539 C CG  . ASP A 1 69  ? 17.775  0.491   14.336  1.00 14.26 ? 72  ASP A CG  1 
ATOM   540 O OD1 . ASP A 1 69  ? 16.925  0.994   15.107  1.00 14.34 ? 72  ASP A OD1 1 
ATOM   541 O OD2 . ASP A 1 69  ? 18.949  0.911   14.269  1.00 14.28 ? 72  ASP A OD2 1 
ATOM   542 N N   . ARG A 1 70  ? 14.324  -1.388  12.166  1.00 13.66 ? 73  ARG A N   1 
ATOM   543 C CA  . ARG A 1 70  ? 13.620  -1.817  10.969  1.00 13.39 ? 73  ARG A CA  1 
ATOM   544 C C   . ARG A 1 70  ? 13.507  -0.638  10.009  1.00 13.14 ? 73  ARG A C   1 
ATOM   545 O O   . ARG A 1 70  ? 13.606  0.518   10.430  1.00 13.13 ? 73  ARG A O   1 
ATOM   546 C CB  . ARG A 1 70  ? 12.234  -2.372  11.332  1.00 13.52 ? 73  ARG A CB  1 
ATOM   547 C CG  . ARG A 1 70  ? 12.229  -3.709  12.080  1.00 13.69 ? 73  ARG A CG  1 
ATOM   548 C CD  . ARG A 1 70  ? 12.461  -4.900  11.154  1.00 13.80 ? 73  ARG A CD  1 
ATOM   549 N NE  . ARG A 1 70  ? 12.855  -6.103  11.884  1.00 13.93 ? 73  ARG A NE  1 
ATOM   550 C CZ  . ARG A 1 70  ? 14.104  -6.399  12.251  1.00 14.07 ? 73  ARG A CZ  1 
ATOM   551 N NH1 . ARG A 1 70  ? 15.114  -5.583  11.963  1.00 14.16 ? 73  ARG A NH1 1 
ATOM   552 N NH2 . ARG A 1 70  ? 14.353  -7.519  12.915  1.00 14.12 ? 73  ARG A NH2 1 
ATOM   553 N N   . LYS A 1 71  ? 13.327  -0.937  8.726   1.00 12.87 ? 74  LYS A N   1 
ATOM   554 C CA  . LYS A 1 71  ? 13.150  0.086   7.702   1.00 12.64 ? 74  LYS A CA  1 
ATOM   555 C C   . LYS A 1 71  ? 11.677  0.493   7.598   1.00 12.48 ? 74  LYS A C   1 
ATOM   556 O O   . LYS A 1 71  ? 10.880  -0.198  6.966   1.00 12.31 ? 74  LYS A O   1 
ATOM   557 C CB  . LYS A 1 71  ? 13.682  -0.405  6.349   1.00 12.65 ? 74  LYS A CB  1 
ATOM   558 C CG  . LYS A 1 71  ? 13.881  0.706   5.331   1.00 12.68 ? 74  LYS A CG  1 
ATOM   559 C CD  . LYS A 1 71  ? 13.879  0.178   3.905   1.00 12.71 ? 74  LYS A CD  1 
ATOM   560 C CE  . LYS A 1 71  ? 15.283  0.053   3.342   1.00 12.72 ? 74  LYS A CE  1 
ATOM   561 N NZ  . LYS A 1 71  ? 15.224  0.107   1.855   1.00 12.77 ? 74  LYS A NZ  1 
ATOM   562 N N   . TYR A 1 72  ? 11.335  1.621   8.224   1.00 12.36 ? 75  TYR A N   1 
ATOM   563 C CA  . TYR A 1 72  ? 9.972   2.149   8.207   1.00 12.23 ? 75  TYR A CA  1 
ATOM   564 C C   . TYR A 1 72  ? 9.687   2.945   6.936   1.00 12.09 ? 75  TYR A C   1 
ATOM   565 O O   . TYR A 1 72  ? 10.456  3.829   6.556   1.00 12.07 ? 75  TYR A O   1 
ATOM   566 C CB  . TYR A 1 72  ? 9.712   3.019   9.437   1.00 12.32 ? 75  TYR A CB  1 
ATOM   567 C CG  . TYR A 1 72  ? 9.363   2.252   10.687  1.00 12.36 ? 75  TYR A CG  1 
ATOM   568 C CD1 . TYR A 1 72  ? 10.363  1.799   11.555  1.00 12.43 ? 75  TYR A CD1 1 
ATOM   569 C CD2 . TYR A 1 72  ? 8.032   1.985   11.015  1.00 12.38 ? 75  TYR A CD2 1 
ATOM   570 C CE1 . TYR A 1 72  ? 10.051  1.107   12.719  1.00 12.46 ? 75  TYR A CE1 1 
ATOM   571 C CE2 . TYR A 1 72  ? 7.705   1.285   12.171  1.00 12.44 ? 75  TYR A CE2 1 
ATOM   572 C CZ  . TYR A 1 72  ? 8.722   0.850   13.020  1.00 12.46 ? 75  TYR A CZ  1 
ATOM   573 O OH  . TYR A 1 72  ? 8.407   0.154   14.166  1.00 12.58 ? 75  TYR A OH  1 
ATOM   574 N N   . PHE A 1 73  ? 8.575   2.615   6.289   1.00 11.93 ? 76  PHE A N   1 
ATOM   575 C CA  . PHE A 1 73  ? 8.131   3.314   5.094   1.00 11.88 ? 76  PHE A CA  1 
ATOM   576 C C   . PHE A 1 73  ? 7.100   4.388   5.435   1.00 11.86 ? 76  PHE A C   1 
ATOM   577 O O   . PHE A 1 73  ? 6.137   4.129   6.162   1.00 11.87 ? 76  PHE A O   1 
ATOM   578 C CB  . PHE A 1 73  ? 7.569   2.332   4.059   1.00 11.80 ? 76  PHE A CB  1 
ATOM   579 C CG  . PHE A 1 73  ? 8.564   1.310   3.586   1.00 11.77 ? 76  PHE A CG  1 
ATOM   580 C CD1 . PHE A 1 73  ? 9.573   1.658   2.674   1.00 11.74 ? 76  PHE A CD1 1 
ATOM   581 C CD2 . PHE A 1 73  ? 8.501   -0.010  4.047   1.00 11.69 ? 76  PHE A CD2 1 
ATOM   582 C CE1 . PHE A 1 73  ? 10.494  0.714   2.239   1.00 11.68 ? 76  PHE A CE1 1 
ATOM   583 C CE2 . PHE A 1 73  ? 9.423   -0.956  3.610   1.00 11.65 ? 76  PHE A CE2 1 
ATOM   584 C CZ  . PHE A 1 73  ? 10.417  -0.594  2.706   1.00 11.64 ? 76  PHE A CZ  1 
ATOM   585 N N   . SER A 1 74  ? 7.336   5.593   4.920   1.00 11.85 ? 77  SER A N   1 
ATOM   586 C CA  . SER A 1 74  ? 6.411   6.731   5.035   1.00 11.83 ? 77  SER A CA  1 
ATOM   587 C C   . SER A 1 74  ? 6.221   7.383   3.661   1.00 11.77 ? 77  SER A C   1 
ATOM   588 O O   . SER A 1 74  ? 7.106   7.290   2.797   1.00 11.92 ? 77  SER A O   1 
ATOM   589 C CB  . SER A 1 74  ? 6.938   7.754   6.040   1.00 11.81 ? 77  SER A CB  1 
ATOM   590 O OG  . SER A 1 74  ? 8.240   8.177   5.679   1.00 11.83 ? 77  SER A OG  1 
ATOM   591 N N   . LEU A 1 75  ? 5.079   8.040   3.464   1.00 11.57 ? 78  LEU A N   1 
ATOM   592 C CA  . LEU A 1 75  ? 4.759   8.672   2.181   1.00 11.43 ? 78  LEU A CA  1 
ATOM   593 C C   . LEU A 1 75  ? 5.599   9.913   1.862   1.00 11.32 ? 78  LEU A C   1 
ATOM   594 O O   . LEU A 1 75  ? 5.853   10.752  2.726   1.00 11.26 ? 78  LEU A O   1 
ATOM   595 C CB  . LEU A 1 75  ? 3.266   9.021   2.097   1.00 11.45 ? 78  LEU A CB  1 
ATOM   596 C CG  . LEU A 1 75  ? 2.196   7.932   1.962   1.00 11.42 ? 78  LEU A CG  1 
ATOM   597 C CD1 . LEU A 1 75  ? 0.835   8.598   1.915   1.00 11.38 ? 78  LEU A CD1 1 
ATOM   598 C CD2 . LEU A 1 75  ? 2.384   7.055   0.731   1.00 11.41 ? 78  LEU A CD2 1 
ATOM   599 N N   . MET A 1 76  ? 6.036   9.991   0.605   1.00 11.23 ? 79  MET A N   1 
ATOM   600 C CA  . MET A 1 76  ? 6.674   11.180  0.041   1.00 11.12 ? 79  MET A CA  1 
ATOM   601 C C   . MET A 1 76  ? 5.546   12.102  -0.433  1.00 10.99 ? 79  MET A C   1 
ATOM   602 O O   . MET A 1 76  ? 4.364   11.755  -0.302  1.00 10.99 ? 79  MET A O   1 
ATOM   603 C CB  . MET A 1 76  ? 7.552   10.785  -1.149  1.00 11.18 ? 79  MET A CB  1 
ATOM   604 C CG  . MET A 1 76  ? 8.961   11.350  -1.160  1.00 11.25 ? 79  MET A CG  1 
ATOM   605 S SD  . MET A 1 76  ? 10.175  10.029  -0.976  1.00 11.37 ? 79  MET A SD  1 
ATOM   606 C CE  . MET A 1 76  ? 11.663  10.805  -1.605  1.00 11.36 ? 79  MET A CE  1 
ATOM   607 N N   . LYS A 1 77  ? 5.907   13.262  -0.989  1.00 10.81 ? 80  LYS A N   1 
ATOM   608 C CA  . LYS A 1 77  ? 4.927   14.208  -1.537  1.00 10.65 ? 80  LYS A CA  1 
ATOM   609 C C   . LYS A 1 77  ? 4.109   13.583  -2.676  1.00 10.52 ? 80  LYS A C   1 
ATOM   610 O O   . LYS A 1 77  ? 2.884   13.718  -2.707  1.00 10.48 ? 80  LYS A O   1 
ATOM   611 C CB  . LYS A 1 77  ? 5.604   15.512  -1.986  1.00 10.65 ? 80  LYS A CB  1 
ATOM   612 C CG  . LYS A 1 77  ? 6.222   16.286  -0.957  0.00 20.00 ? 80  LYS A CG  1 
ATOM   613 C CD  . LYS A 1 77  ? 6.927   17.514  -1.514  0.00 20.00 ? 80  LYS A CD  1 
ATOM   614 C CE  . LYS A 1 77  ? 7.520   18.366  -0.404  0.00 20.00 ? 80  LYS A CE  1 
ATOM   615 N NZ  . LYS A 1 77  ? 8.233   19.557  -0.939  0.00 20.00 ? 80  LYS A NZ  1 
ATOM   616 N N   . GLU A 1 78  ? 4.793   12.886  -3.583  1.00 10.38 ? 81  GLU A N   1 
ATOM   617 C CA  . GLU A 1 78  ? 4.147   12.168  -4.683  1.00 10.30 ? 81  GLU A CA  1 
ATOM   618 C C   . GLU A 1 78  ? 3.220   11.035  -4.240  1.00 10.14 ? 81  GLU A C   1 
ATOM   619 O O   . GLU A 1 78  ? 2.164   10.841  -4.836  1.00 10.10 ? 81  GLU A O   1 
ATOM   620 C CB  . GLU A 1 78  ? 5.191   11.656  -5.676  1.00 10.40 ? 81  GLU A CB  1 
ATOM   621 C CG  . GLU A 1 78  ? 5.181   12.412  -6.996  1.00 10.57 ? 81  GLU A CG  1 
ATOM   622 C CD  . GLU A 1 78  ? 4.375   11.695  -8.066  1.00 10.64 ? 81  GLU A CD  1 
ATOM   623 O OE1 . GLU A 1 78  ? 4.929   10.745  -8.663  1.00 10.72 ? 81  GLU A OE1 1 
ATOM   624 O OE2 . GLU A 1 78  ? 3.203   12.075  -8.318  1.00 10.66 ? 81  GLU A OE2 1 
ATOM   625 N N   . GLY A 1 79  ? 3.611   10.316  -3.190  1.00 10.01 ? 82  GLY A N   1 
ATOM   626 C CA  . GLY A 1 79  ? 2.835   9.191   -2.658  1.00 9.91  ? 82  GLY A CA  1 
ATOM   627 C C   . GLY A 1 79  ? 1.473   9.554   -2.086  1.00 9.83  ? 82  GLY A C   1 
ATOM   628 O O   . GLY A 1 79  ? 0.495   8.818   -2.285  1.00 9.78  ? 82  GLY A O   1 
ATOM   629 N N   . GLU A 1 80  ? 1.410   10.684  -1.377  1.00 9.71  ? 83  GLU A N   1 
ATOM   630 C CA  . GLU A 1 80  ? 0.158   11.158  -0.777  1.00 9.59  ? 83  GLU A CA  1 
ATOM   631 C C   . GLU A 1 80  ? -0.814  11.761  -1.812  1.00 9.51  ? 83  GLU A C   1 
ATOM   632 O O   . GLU A 1 80  ? -2.025  11.820  -1.572  1.00 9.47  ? 83  GLU A O   1 
ATOM   633 C CB  . GLU A 1 80  ? 0.406   12.076  0.436   1.00 9.61  ? 83  GLU A CB  1 
ATOM   634 C CG  . GLU A 1 80  ? 1.226   13.329  0.174   1.00 9.64  ? 83  GLU A CG  1 
ATOM   635 C CD  . GLU A 1 80  ? 1.579   14.072  1.449   1.00 9.65  ? 83  GLU A CD  1 
ATOM   636 O OE1 . GLU A 1 80  ? 2.571   13.696  2.108   1.00 9.66  ? 83  GLU A OE1 1 
ATOM   637 O OE2 . GLU A 1 80  ? 0.867   15.040  1.788   1.00 9.66  ? 83  GLU A OE2 1 
ATOM   638 N N   . GLU A 1 81  ? -0.263  12.189  -2.952  1.00 9.40  ? 84  GLU A N   1 
ATOM   639 C CA  . GLU A 1 81  ? -1.035  12.544  -4.149  1.00 9.31  ? 84  GLU A CA  1 
ATOM   640 C C   . GLU A 1 81  ? -1.594  11.302  -4.847  1.00 9.23  ? 84  GLU A C   1 
ATOM   641 O O   . GLU A 1 81  ? -2.749  11.299  -5.267  1.00 9.21  ? 84  GLU A O   1 
ATOM   642 C CB  . GLU A 1 81  ? -0.176  13.338  -5.135  1.00 9.33  ? 84  GLU A CB  1 
ATOM   643 C CG  . GLU A 1 81  ? -0.108  14.830  -4.855  1.00 9.39  ? 84  GLU A CG  1 
ATOM   644 C CD  . GLU A 1 81  ? 1.057   15.496  -5.559  1.00 9.40  ? 84  GLU A CD  1 
ATOM   645 O OE1 . GLU A 1 81  ? 2.219   15.179  -5.226  1.00 9.42  ? 84  GLU A OE1 1 
ATOM   646 O OE2 . GLU A 1 81  ? 0.813   16.343  -6.442  1.00 9.43  ? 84  GLU A OE2 1 
ATOM   647 N N   . ARG A 1 82  ? -0.764  10.261  -4.960  1.00 9.12  ? 85  ARG A N   1 
ATOM   648 C CA  . ARG A 1 82  ? -1.141  8.996   -5.600  1.00 9.05  ? 85  ARG A CA  1 
ATOM   649 C C   . ARG A 1 82  ? -2.261  8.249   -4.866  1.00 8.98  ? 85  ARG A C   1 
ATOM   650 O O   . ARG A 1 82  ? -3.039  7.525   -5.496  1.00 9.04  ? 85  ARG A O   1 
ATOM   651 C CB  . ARG A 1 82  ? 0.082   8.074   -5.765  1.00 9.02  ? 85  ARG A CB  1 
ATOM   652 C CG  . ARG A 1 82  ? 1.139   8.549   -6.758  1.00 9.04  ? 85  ARG A CG  1 
ATOM   653 C CD  . ARG A 1 82  ? 0.734   8.384   -8.218  1.00 9.05  ? 85  ARG A CD  1 
ATOM   654 N NE  . ARG A 1 82  ? 1.714   9.007   -9.114  1.00 9.09  ? 85  ARG A NE  1 
ATOM   655 C CZ  . ARG A 1 82  ? 1.849   8.745   -10.415 1.00 9.07  ? 85  ARG A CZ  1 
ATOM   656 N NH1 . ARG A 1 82  ? 1.073   7.849   -11.017 1.00 9.05  ? 85  ARG A NH1 1 
ATOM   657 N NH2 . ARG A 1 82  ? 2.782   9.379   -11.116 1.00 9.03  ? 85  ARG A NH2 1 
ATOM   658 N N   . VAL A 1 83  ? -2.327  8.422   -3.545  1.00 8.85  ? 86  VAL A N   1 
ATOM   659 C CA  . VAL A 1 83  ? -3.353  7.778   -2.721  1.00 8.76  ? 86  VAL A CA  1 
ATOM   660 C C   . VAL A 1 83  ? -4.680  8.553   -2.735  1.00 8.66  ? 86  VAL A C   1 
ATOM   661 O O   . VAL A 1 83  ? -5.752  7.940   -2.686  1.00 8.67  ? 86  VAL A O   1 
ATOM   662 C CB  . VAL A 1 83  ? -2.846  7.434   -1.286  1.00 8.79  ? 86  VAL A CB  1 
ATOM   663 C CG1 . VAL A 1 83  ? -2.610  8.672   -0.433  1.00 8.80  ? 86  VAL A CG1 1 
ATOM   664 C CG2 . VAL A 1 83  ? -3.798  6.473   -0.591  1.00 8.81  ? 86  VAL A CG2 1 
ATOM   665 N N   . SER A 1 84  ? -4.605  9.884   -2.813  1.00 8.52  ? 87  SER A N   1 
ATOM   666 C CA  . SER A 1 84  ? -5.799  10.709  -3.022  1.00 8.43  ? 87  SER A CA  1 
ATOM   667 C C   . SER A 1 84  ? -6.382  10.453  -4.416  1.00 8.30  ? 87  SER A C   1 
ATOM   668 O O   . SER A 1 84  ? -7.597  10.369  -4.564  1.00 8.29  ? 87  SER A O   1 
ATOM   669 C CB  . SER A 1 84  ? -5.512  12.199  -2.794  1.00 8.45  ? 87  SER A CB  1 
ATOM   670 O OG  . SER A 1 84  ? -4.804  12.762  -3.883  1.00 8.48  ? 87  SER A OG  1 
ATOM   671 N N   . VAL A 1 85  ? -5.497  10.313  -5.412  1.00 8.17  ? 88  VAL A N   1 
ATOM   672 C CA  . VAL A 1 85  ? -5.854  9.849   -6.766  1.00 8.08  ? 88  VAL A CA  1 
ATOM   673 C C   . VAL A 1 85  ? -6.547  8.483   -6.711  1.00 8.03  ? 88  VAL A C   1 
ATOM   674 O O   . VAL A 1 85  ? -7.596  8.308   -7.334  1.00 8.02  ? 88  VAL A O   1 
ATOM   675 C CB  . VAL A 1 85  ? -4.626  9.831   -7.731  1.00 8.07  ? 88  VAL A CB  1 
ATOM   676 C CG1 . VAL A 1 85  ? -4.866  8.948   -8.954  1.00 8.03  ? 88  VAL A CG1 1 
ATOM   677 C CG2 . VAL A 1 85  ? -4.281  11.243  -8.184  1.00 8.05  ? 88  VAL A CG2 1 
ATOM   678 N N   . PHE A 1 86  ? -5.963  7.546   -5.951  1.00 7.96  ? 89  PHE A N   1 
ATOM   679 C CA  . PHE A 1 86  ? -6.532  6.207   -5.739  1.00 7.87  ? 89  PHE A CA  1 
ATOM   680 C C   . PHE A 1 86  ? -7.962  6.227   -5.192  1.00 7.85  ? 89  PHE A C   1 
ATOM   681 O O   . PHE A 1 86  ? -8.833  5.548   -5.741  1.00 7.83  ? 89  PHE A O   1 
ATOM   682 C CB  . PHE A 1 86  ? -5.632  5.328   -4.846  1.00 7.85  ? 89  PHE A CB  1 
ATOM   683 C CG  . PHE A 1 86  ? -6.311  4.068   -4.352  1.00 7.81  ? 89  PHE A CG  1 
ATOM   684 C CD1 . PHE A 1 86  ? -6.526  2.986   -5.213  1.00 7.80  ? 89  PHE A CD1 1 
ATOM   685 C CD2 . PHE A 1 86  ? -6.757  3.971   -3.031  1.00 7.80  ? 89  PHE A CD2 1 
ATOM   686 C CE1 . PHE A 1 86  ? -7.166  1.837   -4.766  1.00 7.79  ? 89  PHE A CE1 1 
ATOM   687 C CE2 . PHE A 1 86  ? -7.395  2.823   -2.578  1.00 7.79  ? 89  PHE A CE2 1 
ATOM   688 C CZ  . PHE A 1 86  ? -7.599  1.755   -3.448  1.00 7.80  ? 89  PHE A CZ  1 
ATOM   689 N N   . TRP A 1 87  ? -8.190  6.988   -4.117  1.00 7.79  ? 90  TRP A N   1 
ATOM   690 C CA  . TRP A 1 87  ? -9.519  7.052   -3.497  1.00 7.79  ? 90  TRP A CA  1 
ATOM   691 C C   . TRP A 1 87  ? -10.576 7.716   -4.367  1.00 7.82  ? 90  TRP A C   1 
ATOM   692 O O   . TRP A 1 87  ? -11.739 7.313   -4.335  1.00 7.83  ? 90  TRP A O   1 
ATOM   693 C CB  . TRP A 1 87  ? -9.479  7.688   -2.104  1.00 7.71  ? 90  TRP A CB  1 
ATOM   694 C CG  . TRP A 1 87  ? -8.859  6.794   -1.063  1.00 7.67  ? 90  TRP A CG  1 
ATOM   695 C CD1 . TRP A 1 87  ? -7.796  7.090   -0.258  1.00 7.63  ? 90  TRP A CD1 1 
ATOM   696 C CD2 . TRP A 1 87  ? -9.254  5.452   -0.725  1.00 7.63  ? 90  TRP A CD2 1 
ATOM   697 N NE1 . TRP A 1 87  ? -7.510  6.029   0.566   1.00 7.60  ? 90  TRP A NE1 1 
ATOM   698 C CE2 . TRP A 1 87  ? -8.385  5.009   0.302   1.00 7.61  ? 90  TRP A CE2 1 
ATOM   699 C CE3 . TRP A 1 87  ? -10.262 4.588   -1.183  1.00 7.61  ? 90  TRP A CE3 1 
ATOM   700 C CZ2 . TRP A 1 87  ? -8.487  3.733   0.879   1.00 7.59  ? 90  TRP A CZ2 1 
ATOM   701 C CZ3 . TRP A 1 87  ? -10.366 3.318   -0.607  1.00 7.61  ? 90  TRP A CZ3 1 
ATOM   702 C CH2 . TRP A 1 87  ? -9.482  2.905   0.415   1.00 7.59  ? 90  TRP A CH2 1 
ATOM   703 N N   . GLN A 1 88  ? -10.167 8.712   -5.149  1.00 7.87  ? 91  GLN A N   1 
ATOM   704 C CA  . GLN A 1 88  ? -11.057 9.327   -6.136  1.00 7.92  ? 91  GLN A CA  1 
ATOM   705 C C   . GLN A 1 88  ? -11.366 8.356   -7.281  1.00 7.90  ? 91  GLN A C   1 
ATOM   706 O O   . GLN A 1 88  ? -12.524 8.231   -7.696  1.00 7.90  ? 91  GLN A O   1 
ATOM   707 C CB  . GLN A 1 88  ? -10.472 10.635  -6.670  1.00 7.94  ? 91  GLN A CB  1 
ATOM   708 C CG  . GLN A 1 88  ? -10.396 11.731  -5.625  1.00 8.00  ? 91  GLN A CG  1 
ATOM   709 C CD  . GLN A 1 88  ? -9.821  13.016  -6.176  1.00 8.03  ? 91  GLN A CD  1 
ATOM   710 O OE1 . GLN A 1 88  ? -8.651  13.336  -5.942  1.00 8.05  ? 91  GLN A OE1 1 
ATOM   711 N NE2 . GLN A 1 88  ? -10.639 13.763  -6.918  1.00 8.02  ? 91  GLN A NE2 1 
ATOM   712 N N   . GLN A 1 89  ? -10.333 7.667   -7.762  1.00 7.89  ? 92  GLN A N   1 
ATOM   713 C CA  . GLN A 1 89  ? -10.483 6.657   -8.813  1.00 7.91  ? 92  GLN A CA  1 
ATOM   714 C C   . GLN A 1 89  ? -11.281 5.441   -8.341  1.00 7.90  ? 92  GLN A C   1 
ATOM   715 O O   . GLN A 1 89  ? -12.051 4.882   -9.113  1.00 7.93  ? 92  GLN A O   1 
ATOM   716 C CB  . GLN A 1 89  ? -9.127  6.228   -9.367  1.00 7.91  ? 92  GLN A CB  1 
ATOM   717 C CG  . GLN A 1 89  ? -9.201  5.680   -10.783 1.00 7.97  ? 92  GLN A CG  1 
ATOM   718 C CD  . GLN A 1 89  ? -7.846  5.526   -11.445 1.00 7.99  ? 92  GLN A CD  1 
ATOM   719 O OE1 . GLN A 1 89  ? -7.654  5.960   -12.579 1.00 8.00  ? 92  GLN A OE1 1 
ATOM   720 N NE2 . GLN A 1 89  ? -6.902  4.899   -10.746 1.00 8.01  ? 92  GLN A NE2 1 
ATOM   721 N N   . TRP A 1 90  ? -11.106 5.048   -7.080  1.00 7.91  ? 93  TRP A N   1 
ATOM   722 C CA  . TRP A 1 90  ? -11.870 3.938   -6.514  1.00 7.92  ? 93  TRP A CA  1 
ATOM   723 C C   . TRP A 1 90  ? -13.360 4.282   -6.377  1.00 7.98  ? 93  TRP A C   1 
ATOM   724 O O   . TRP A 1 90  ? -14.209 3.473   -6.764  1.00 8.00  ? 93  TRP A O   1 
ATOM   725 C CB  . TRP A 1 90  ? -11.294 3.438   -5.180  1.00 7.82  ? 93  TRP A CB  1 
ATOM   726 C CG  . TRP A 1 90  ? -12.095 2.300   -4.641  1.00 7.76  ? 93  TRP A CG  1 
ATOM   727 C CD1 . TRP A 1 90  ? -13.031 2.352   -3.637  1.00 7.75  ? 93  TRP A CD1 1 
ATOM   728 C CD2 . TRP A 1 90  ? -12.084 0.948   -5.111  1.00 7.73  ? 93  TRP A CD2 1 
ATOM   729 N NE1 . TRP A 1 90  ? -13.584 1.107   -3.439  1.00 7.72  ? 93  TRP A NE1 1 
ATOM   730 C CE2 . TRP A 1 90  ? -13.024 0.225   -4.328  1.00 7.72  ? 93  TRP A CE2 1 
ATOM   731 C CE3 . TRP A 1 90  ? -11.365 0.269   -6.108  1.00 7.70  ? 93  TRP A CE3 1 
ATOM   732 C CZ2 . TRP A 1 90  ? -13.263 -1.144  -4.513  1.00 7.69  ? 93  TRP A CZ2 1 
ATOM   733 C CZ3 . TRP A 1 90  ? -11.598 -1.094  -6.290  1.00 7.70  ? 93  TRP A CZ3 1 
ATOM   734 C CH2 . TRP A 1 90  ? -12.546 -1.786  -5.494  1.00 7.71  ? 93  TRP A CH2 1 
ATOM   735 N N   . ASP A 1 91  ? -13.656 5.468   -5.835  1.00 8.04  ? 94  ASP A N   1 
ATOM   736 C CA  . ASP A 1 91  ? -15.025 5.987   -5.724  1.00 8.11  ? 94  ASP A CA  1 
ATOM   737 C C   . ASP A 1 91  ? -15.713 6.125   -7.088  1.00 8.13  ? 94  ASP A C   1 
ATOM   738 O O   . ASP A 1 91  ? -16.899 5.800   -7.219  1.00 8.13  ? 94  ASP A O   1 
ATOM   739 C CB  . ASP A 1 91  ? -15.038 7.338   -4.996  1.00 8.17  ? 94  ASP A CB  1 
ATOM   740 C CG  . ASP A 1 91  ? -14.859 7.208   -3.482  1.00 8.23  ? 94  ASP A CG  1 
ATOM   741 O OD1 . ASP A 1 91  ? -14.177 6.266   -3.011  1.00 8.28  ? 94  ASP A OD1 1 
ATOM   742 O OD2 . ASP A 1 91  ? -15.396 8.073   -2.752  1.00 8.25  ? 94  ASP A OD2 1 
ATOM   743 N N   . ASP A 1 92  ? -14.960 6.600   -8.086  1.00 8.15  ? 95  ASP A N   1 
ATOM   744 C CA  . ASP A 1 92  ? -15.460 6.800   -9.449  1.00 8.18  ? 95  ASP A CA  1 
ATOM   745 C C   . ASP A 1 92  ? -15.793 5.466   -10.122 1.00 8.20  ? 95  ASP A C   1 
ATOM   746 O O   . ASP A 1 92  ? -16.907 5.285   -10.613 1.00 8.18  ? 95  ASP A O   1 
ATOM   747 C CB  . ASP A 1 92  ? -14.463 7.629   -10.283 1.00 8.21  ? 95  ASP A CB  1 
ATOM   748 C CG  . ASP A 1 92  ? -14.877 7.772   -11.754 1.00 8.25  ? 95  ASP A CG  1 
ATOM   749 O OD1 . ASP A 1 92  ? -15.958 8.338   -12.044 1.00 8.29  ? 95  ASP A OD1 1 
ATOM   750 O OD2 . ASP A 1 92  ? -14.101 7.330   -12.627 1.00 8.26  ? 95  ASP A OD2 1 
ATOM   751 N N   . LEU A 1 93  ? -14.836 4.538   -10.109 1.00 8.22  ? 96  LEU A N   1 
ATOM   752 C CA  . LEU A 1 93  ? -14.996 3.245   -10.775 1.00 8.27  ? 96  LEU A CA  1 
ATOM   753 C C   . LEU A 1 93  ? -16.029 2.334   -10.100 1.00 8.31  ? 96  LEU A C   1 
ATOM   754 O O   . LEU A 1 93  ? -16.702 1.564   -10.787 1.00 8.36  ? 96  LEU A O   1 
ATOM   755 C CB  . LEU A 1 93  ? -13.643 2.536   -10.963 1.00 8.24  ? 96  LEU A CB  1 
ATOM   756 C CG  . LEU A 1 93  ? -12.608 3.209   -11.887 1.00 8.23  ? 96  LEU A CG  1 
ATOM   757 C CD1 . LEU A 1 93  ? -11.236 2.567   -11.727 1.00 8.22  ? 96  LEU A CD1 1 
ATOM   758 C CD2 . LEU A 1 93  ? -13.038 3.200   -13.349 1.00 8.21  ? 96  LEU A CD2 1 
ATOM   759 N N   . SER A 1 94  ? -16.171 2.452   -8.776  1.00 8.31  ? 97  SER A N   1 
ATOM   760 C CA  . SER A 1 94  ? -17.184 1.703   -8.015  1.00 8.31  ? 97  SER A CA  1 
ATOM   761 C C   . SER A 1 94  ? -18.609 1.995   -8.488  1.00 8.31  ? 97  SER A C   1 
ATOM   762 O O   . SER A 1 94  ? -19.370 1.056   -8.730  1.00 8.29  ? 97  SER A O   1 
ATOM   763 C CB  . SER A 1 94  ? -17.057 1.954   -6.506  1.00 8.31  ? 97  SER A CB  1 
ATOM   764 O OG  . SER A 1 94  ? -15.788 1.542   -6.024  1.00 8.30  ? 97  SER A OG  1 
ATOM   765 N N   . GLN A 1 95  ? -18.952 3.280   -8.631  1.00 8.34  ? 98  GLN A N   1 
ATOM   766 C CA  . GLN A 1 95  ? -20.289 3.682   -9.095  1.00 8.37  ? 98  GLN A CA  1 
ATOM   767 C C   . GLN A 1 95  ? -20.551 3.396   -10.581 1.00 8.39  ? 98  GLN A C   1 
ATOM   768 O O   . GLN A 1 95  ? -21.691 3.136   -10.973 1.00 8.38  ? 98  GLN A O   1 
ATOM   769 C CB  . GLN A 1 95  ? -20.643 5.130   -8.698  1.00 8.39  ? 98  GLN A CB  1 
ATOM   770 C CG  . GLN A 1 95  ? -20.018 6.245   -9.532  1.00 8.43  ? 98  GLN A CG  1 
ATOM   771 C CD  . GLN A 1 95  ? -20.807 7.549   -9.462  1.00 8.44  ? 98  GLN A CD  1 
ATOM   772 O OE1 . GLN A 1 95  ? -21.113 8.051   -8.379  1.00 8.49  ? 98  GLN A OE1 1 
ATOM   773 N NE2 . GLN A 1 95  ? -21.132 8.107   -10.622 1.00 8.43  ? 98  GLN A NE2 1 
ATOM   774 N N   . LYS A 1 96  ? -19.487 3.424   -11.388 1.00 8.42  ? 99  LYS A N   1 
ATOM   775 C CA  . LYS A 1 96  ? -19.541 3.005   -12.796 1.00 8.45  ? 99  LYS A CA  1 
ATOM   776 C C   . LYS A 1 96  ? -19.835 1.504   -12.933 1.00 8.46  ? 99  LYS A C   1 
ATOM   777 O O   . LYS A 1 96  ? -20.691 1.108   -13.732 1.00 8.43  ? 99  LYS A O   1 
ATOM   778 C CB  . LYS A 1 96  ? -18.223 3.326   -13.515 1.00 8.47  ? 99  LYS A CB  1 
ATOM   779 C CG  . LYS A 1 96  ? -17.976 4.797   -13.797 1.00 8.47  ? 99  LYS A CG  1 
ATOM   780 C CD  . LYS A 1 96  ? -16.612 4.977   -14.438 1.00 8.49  ? 99  LYS A CD  1 
ATOM   781 C CE  . LYS A 1 96  ? -16.394 6.406   -14.891 1.00 8.49  ? 99  LYS A CE  1 
ATOM   782 N NZ  . LYS A 1 96  ? -15.176 6.514   -15.741 1.00 8.50  ? 99  LYS A NZ  1 
ATOM   783 N N   . VAL A 1 97  ? -19.105 0.695   -12.156 1.00 8.47  ? 100 VAL A N   1 
ATOM   784 C CA  . VAL A 1 97  ? -19.210 -0.768  -12.163 1.00 8.50  ? 100 VAL A CA  1 
ATOM   785 C C   . VAL A 1 97  ? -20.591 -1.221  -11.674 1.00 8.53  ? 100 VAL A C   1 
ATOM   786 O O   . VAL A 1 97  ? -21.199 -2.110  -12.284 1.00 8.52  ? 100 VAL A O   1 
ATOM   787 C CB  . VAL A 1 97  ? -18.039 -1.434  -11.377 1.00 8.49  ? 100 VAL A CB  1 
ATOM   788 C CG1 . VAL A 1 97  ? -18.313 -2.895  -11.050 1.00 8.47  ? 100 VAL A CG1 1 
ATOM   789 C CG2 . VAL A 1 97  ? -16.748 -1.340  -12.173 1.00 8.49  ? 100 VAL A CG2 1 
ATOM   790 N N   . GLU A 1 98  ? -21.069 -0.594  -10.592 1.00 8.58  ? 101 GLU A N   1 
ATOM   791 C CA  . GLU A 1 98  ? -22.438 -0.771  -10.077 1.00 8.63  ? 101 GLU A CA  1 
ATOM   792 C C   . GLU A 1 98  ? -23.489 -0.587  -11.182 1.00 8.63  ? 101 GLU A C   1 
ATOM   793 O O   . GLU A 1 98  ? -24.352 -1.454  -11.368 1.00 8.65  ? 101 GLU A O   1 
ATOM   794 C CB  . GLU A 1 98  ? -22.688 0.184   -8.893  1.00 8.69  ? 101 GLU A CB  1 
ATOM   795 C CG  . GLU A 1 98  ? -24.145 0.408   -8.502  1.00 8.74  ? 101 GLU A CG  1 
ATOM   796 C CD  . GLU A 1 98  ? -24.633 -0.566  -7.446  1.00 8.80  ? 101 GLU A CD  1 
ATOM   797 O OE1 . GLU A 1 98  ? -24.409 -0.291  -6.243  1.00 8.82  ? 101 GLU A OE1 1 
ATOM   798 O OE2 . GLU A 1 98  ? -25.243 -1.600  -7.816  1.00 8.82  ? 101 GLU A OE2 1 
ATOM   799 N N   . GLY A 1 99  ? -23.384 0.526   -11.911 1.00 8.62  ? 102 GLY A N   1 
ATOM   800 C CA  . GLY A 1 99  ? -24.273 0.855   -13.030 1.00 8.65  ? 102 GLY A CA  1 
ATOM   801 C C   . GLY A 1 99  ? -24.297 -0.166  -14.154 1.00 8.68  ? 102 GLY A C   1 
ATOM   802 O O   . GLY A 1 99  ? -25.356 -0.444  -14.714 1.00 8.72  ? 102 GLY A O   1 
ATOM   803 N N   . ILE A 1 100 ? -23.131 -0.722  -14.474 1.00 8.71  ? 103 ILE A N   1 
ATOM   804 C CA  . ILE A 1 100 ? -22.980 -1.737  -15.532 1.00 8.74  ? 103 ILE A CA  1 
ATOM   805 C C   . ILE A 1 100 ? -23.544 -3.095  -15.084 1.00 8.77  ? 103 ILE A C   1 
ATOM   806 O O   . ILE A 1 100 ? -24.273 -3.753  -15.841 1.00 8.72  ? 103 ILE A O   1 
ATOM   807 C CB  . ILE A 1 100 ? -21.500 -1.849  -15.991 1.00 8.70  ? 103 ILE A CB  1 
ATOM   808 C CG1 . ILE A 1 100 ? -21.074 -0.549  -16.685 1.00 8.70  ? 103 ILE A CG1 1 
ATOM   809 C CG2 . ILE A 1 100 ? -21.285 -3.041  -16.924 1.00 8.71  ? 103 ILE A CG2 1 
ATOM   810 C CD1 . ILE A 1 100 ? -19.588 -0.253  -16.658 1.00 8.69  ? 103 ILE A CD1 1 
ATOM   811 N N   . LYS A 1 101 ? -23.204 -3.483  -13.853 1.00 8.83  ? 104 LYS A N   1 
ATOM   812 C CA  . LYS A 1 101 ? -23.641 -4.732  -13.221 1.00 8.89  ? 104 LYS A CA  1 
ATOM   813 C C   . LYS A 1 101 ? -25.157 -4.927  -13.285 1.00 8.92  ? 104 LYS A C   1 
ATOM   814 O O   . LYS A 1 101 ? -25.621 -6.020  -13.616 1.00 8.96  ? 104 LYS A O   1 
ATOM   815 C CB  . LYS A 1 101 ? -23.145 -4.775  -11.767 1.00 8.91  ? 104 LYS A CB  1 
ATOM   816 C CG  . LYS A 1 101 ? -23.425 -6.057  -10.996 1.00 8.91  ? 104 LYS A CG  1 
ATOM   817 C CD  . LYS A 1 101 ? -22.705 -6.016  -9.658  1.00 8.91  ? 104 LYS A CD  1 
ATOM   818 C CE  . LYS A 1 101 ? -23.537 -6.638  -8.548  1.00 8.91  ? 104 LYS A CE  1 
ATOM   819 N NZ  . LYS A 1 101 ? -23.041 -6.228  -7.204  1.00 8.88  ? 104 LYS A NZ  1 
ATOM   820 N N   . ASN A 1 102 ? -25.905 -3.861  -12.988 1.00 8.94  ? 105 ASN A N   1 
ATOM   821 C CA  . ASN A 1 102 ? -27.373 -3.883  -12.981 1.00 8.93  ? 105 ASN A CA  1 
ATOM   822 C C   . ASN A 1 102 ? -27.957 -3.410  -14.312 1.00 8.94  ? 105 ASN A C   1 
ATOM   823 O O   . ASN A 1 102 ? -27.432 -3.721  -15.387 1.00 8.93  ? 105 ASN A O   1 
ATOM   824 C CB  . ASN A 1 102 ? -27.931 -3.020  -11.837 1.00 8.93  ? 105 ASN A CB  1 
ATOM   825 C CG  . ASN A 1 102 ? -27.087 -3.080  -10.567 1.00 8.95  ? 105 ASN A CG  1 
ATOM   826 O OD1 . ASN A 1 102 ? -26.382 -4.056  -10.307 1.00 8.99  ? 105 ASN A OD1 1 
ATOM   827 N ND2 . ASN A 1 102 ? -27.159 -2.025  -9.768  1.00 8.95  ? 105 ASN A ND2 1 
HETATM 828 O O   . HOH B 2 .   ? 10.275  6.711   6.638   1.00 15.47 ? 201 HOH A O   1 
HETATM 829 O O   . HOH B 2 .   ? -5.201  4.742   -8.658  1.00 17.44 ? 202 HOH A O   1 
HETATM 830 O O   . HOH B 2 .   ? 1.638   -1.615  -8.535  1.00 10.71 ? 203 HOH A O   1 
HETATM 831 O O   . HOH B 2 .   ? -4.129  2.102   -7.739  1.00 10.99 ? 204 HOH A O   1 
HETATM 832 O O   . HOH B 2 .   ? -7.356  -7.024  -14.506 1.00 12.29 ? 205 HOH A O   1 
HETATM 833 O O   . HOH B 2 .   ? -2.547  6.023   -8.078  1.00 16.53 ? 206 HOH A O   1 
HETATM 834 O O   . HOH B 2 .   ? -28.168 0.311   -13.856 1.00 14.16 ? 207 HOH A O   1 
HETATM 835 O O   . HOH B 2 .   ? -3.404  7.522   4.082   1.00 17.76 ? 208 HOH A O   1 
HETATM 836 O O   . HOH B 2 .   ? -14.491 10.541  -7.368  1.00 17.76 ? 209 HOH A O   1 
HETATM 837 O O   . HOH B 2 .   ? -8.308  -5.562  10.620  1.00 36.56 ? 210 HOH A O   1 
HETATM 838 O O   . HOH B 2 .   ? 17.687  3.061   4.598   1.00 33.21 ? 211 HOH A O   1 
HETATM 839 O O   . HOH B 2 .   ? -15.612 0.513   -0.501  1.00 30.32 ? 212 HOH A O   1 
HETATM 840 O O   . HOH B 2 .   ? 16.763  -4.421  -5.840  1.00 28.99 ? 213 HOH A O   1 
HETATM 841 O O   . HOH B 2 .   ? -0.311  2.728   -11.485 1.00 17.40 ? 214 HOH A O   1 
HETATM 842 O O   . HOH B 2 .   ? -10.899 9.188   -11.291 1.00 32.82 ? 215 HOH A O   1 
HETATM 843 O O   . HOH B 2 .   ? 1.384   -6.682  -7.062  1.00 18.67 ? 216 HOH A O   1 
# 
loop_
_pdbx_poly_seq_scheme.asym_id 
_pdbx_poly_seq_scheme.entity_id 
_pdbx_poly_seq_scheme.seq_id 
_pdbx_poly_seq_scheme.mon_id 
_pdbx_poly_seq_scheme.ndb_seq_num 
_pdbx_poly_seq_scheme.pdb_seq_num 
_pdbx_poly_seq_scheme.auth_seq_num 
_pdbx_poly_seq_scheme.pdb_mon_id 
_pdbx_poly_seq_scheme.auth_mon_id 
_pdbx_poly_seq_scheme.pdb_strand_id 
_pdbx_poly_seq_scheme.pdb_ins_code 
_pdbx_poly_seq_scheme.hetero 
A 1 1   GLU 1   4   4   GLU GLU A . n 
A 1 2   THR 2   5   5   THR THR A . n 
A 1 3   GLN 3   6   6   GLN GLN A . n 
A 1 4   LEU 4   7   7   LEU LEU A . n 
A 1 5   LEU 5   8   8   LEU LEU A . n 
A 1 6   LYS 6   9   9   LYS LYS A . n 
A 1 7   GLY 7   10  10  GLY GLY A . n 
A 1 8   VAL 8   11  11  VAL VAL A . n 
A 1 9   LEU 9   12  12  LEU LEU A . n 
A 1 10  GLU 10  13  13  GLU GLU A . n 
A 1 11  GLY 11  14  14  GLY GLY A . n 
A 1 12  CYS 12  15  15  CYS CYS A . n 
A 1 13  VAL 13  16  16  VAL VAL A . n 
A 1 14  LEU 14  17  17  LEU LEU A . n 
A 1 15  ASP 15  18  18  ASP ASP A . n 
A 1 16  MET 16  19  19  MET MET A . n 
A 1 17  ILE 17  20  20  ILE ILE A . n 
A 1 18  GLY 18  21  21  GLY GLY A . n 
A 1 19  GLN 19  22  22  GLN GLN A . n 
A 1 20  LYS 20  23  23  LYS LYS A . n 
A 1 21  GLU 21  24  24  GLU GLU A . n 
A 1 22  ARG 22  25  25  ARG ARG A . n 
A 1 23  TYR 23  26  26  TYR TYR A . n 
A 1 24  GLY 24  27  27  GLY GLY A . n 
A 1 25  TYR 25  28  28  TYR TYR A . n 
A 1 26  GLU 26  29  29  GLU GLU A . n 
A 1 27  LEU 27  30  30  LEU LEU A . n 
A 1 28  VAL 28  31  31  VAL VAL A . n 
A 1 29  GLN 29  32  32  GLN GLN A . n 
A 1 30  THR 30  33  33  THR THR A . n 
A 1 31  LEU 31  34  34  LEU LEU A . n 
A 1 32  ARG 32  35  35  ARG ARG A . n 
A 1 33  GLU 33  36  36  GLU GLU A . n 
A 1 34  ALA 34  37  37  ALA ALA A . n 
A 1 35  GLY 35  38  38  GLY GLY A . n 
A 1 36  PHE 36  39  39  PHE PHE A . n 
A 1 37  ASP 37  40  40  ASP ASP A . n 
A 1 38  THR 38  41  41  THR THR A . n 
A 1 39  ILE 39  42  42  ILE ILE A . n 
A 1 40  VAL 40  43  43  VAL VAL A . n 
A 1 41  PRO 41  44  ?   ?   ?   A . n 
A 1 42  GLY 42  45  45  GLY GLY A . n 
A 1 43  THR 43  46  46  THR THR A . n 
A 1 44  ILE 44  47  47  ILE ILE A . n 
A 1 45  TYR 45  48  48  TYR TYR A . n 
A 1 46  PRO 46  49  49  PRO PRO A . n 
A 1 47  LEU 47  50  50  LEU LEU A . n 
A 1 48  LEU 48  51  51  LEU LEU A . n 
A 1 49  GLN 49  52  52  GLN GLN A . n 
A 1 50  LYS 50  53  53  LYS LYS A . n 
A 1 51  LEU 51  54  54  LEU LEU A . n 
A 1 52  GLU 52  55  55  GLU GLU A . n 
A 1 53  LYS 53  56  56  LYS LYS A . n 
A 1 54  ASN 54  57  57  ASN ASN A . n 
A 1 55  GLN 55  58  58  GLN GLN A . n 
A 1 56  TRP 56  59  59  TRP TRP A . n 
A 1 57  ILE 57  60  60  ILE ILE A . n 
A 1 58  ARG 58  61  61  ARG ARG A . n 
A 1 59  GLY 59  62  62  GLY GLY A . n 
A 1 60  ASP 60  63  63  ASP ASP A . n 
A 1 61  MET 61  64  64  MET MET A . n 
A 1 62  ARG 62  65  65  ARG ARG A . n 
A 1 63  PRO 63  66  66  PRO PRO A . n 
A 1 64  SER 64  67  67  SER SER A . n 
A 1 65  PRO 65  68  68  PRO PRO A . n 
A 1 66  ASP 66  69  69  ASP ASP A . n 
A 1 67  GLY 67  70  70  GLY GLY A . n 
A 1 68  PRO 68  71  71  PRO PRO A . n 
A 1 69  ASP 69  72  72  ASP ASP A . n 
A 1 70  ARG 70  73  73  ARG ARG A . n 
A 1 71  LYS 71  74  74  LYS LYS A . n 
A 1 72  TYR 72  75  75  TYR TYR A . n 
A 1 73  PHE 73  76  76  PHE PHE A . n 
A 1 74  SER 74  77  77  SER SER A . n 
A 1 75  LEU 75  78  78  LEU LEU A . n 
A 1 76  MET 76  79  79  MET MET A . n 
A 1 77  LYS 77  80  80  LYS LYS A . n 
A 1 78  GLU 78  81  81  GLU GLU A . n 
A 1 79  GLY 79  82  82  GLY GLY A . n 
A 1 80  GLU 80  83  83  GLU GLU A . n 
A 1 81  GLU 81  84  84  GLU GLU A . n 
A 1 82  ARG 82  85  85  ARG ARG A . n 
A 1 83  VAL 83  86  86  VAL VAL A . n 
A 1 84  SER 84  87  87  SER SER A . n 
A 1 85  VAL 85  88  88  VAL VAL A . n 
A 1 86  PHE 86  89  89  PHE PHE A . n 
A 1 87  TRP 87  90  90  TRP TRP A . n 
A 1 88  GLN 88  91  91  GLN GLN A . n 
A 1 89  GLN 89  92  92  GLN GLN A . n 
A 1 90  TRP 90  93  93  TRP TRP A . n 
A 1 91  ASP 91  94  94  ASP ASP A . n 
A 1 92  ASP 92  95  95  ASP ASP A . n 
A 1 93  LEU 93  96  96  LEU LEU A . n 
A 1 94  SER 94  97  97  SER SER A . n 
A 1 95  GLN 95  98  98  GLN GLN A . n 
A 1 96  LYS 96  99  99  LYS LYS A . n 
A 1 97  VAL 97  100 100 VAL VAL A . n 
A 1 98  GLU 98  101 101 GLU GLU A . n 
A 1 99  GLY 99  102 102 GLY GLY A . n 
A 1 100 ILE 100 103 103 ILE ILE A . n 
A 1 101 LYS 101 104 104 LYS LYS A . n 
A 1 102 ASN 102 105 105 ASN ASN A . n 
# 
loop_
_pdbx_nonpoly_scheme.asym_id 
_pdbx_nonpoly_scheme.entity_id 
_pdbx_nonpoly_scheme.mon_id 
_pdbx_nonpoly_scheme.ndb_seq_num 
_pdbx_nonpoly_scheme.pdb_seq_num 
_pdbx_nonpoly_scheme.auth_seq_num 
_pdbx_nonpoly_scheme.pdb_mon_id 
_pdbx_nonpoly_scheme.auth_mon_id 
_pdbx_nonpoly_scheme.pdb_strand_id 
_pdbx_nonpoly_scheme.pdb_ins_code 
B 2 HOH 1  201 16 HOH HOH A . 
B 2 HOH 2  202 14 HOH HOH A . 
B 2 HOH 3  203 7  HOH HOH A . 
B 2 HOH 4  204 4  HOH HOH A . 
B 2 HOH 5  205 11 HOH HOH A . 
B 2 HOH 6  206 5  HOH HOH A . 
B 2 HOH 7  207 12 HOH HOH A . 
B 2 HOH 8  208 15 HOH HOH A . 
B 2 HOH 9  209 9  HOH HOH A . 
B 2 HOH 10 210 1  HOH HOH A . 
B 2 HOH 11 211 6  HOH HOH A . 
B 2 HOH 12 212 8  HOH HOH A . 
B 2 HOH 13 213 2  HOH HOH A . 
B 2 HOH 14 214 17 HOH HOH A . 
B 2 HOH 15 215 13 HOH HOH A . 
B 2 HOH 16 216 3  HOH HOH A . 
# 
_pdbx_struct_assembly.id                   1 
_pdbx_struct_assembly.details              author_and_software_defined_assembly 
_pdbx_struct_assembly.method_details       PISA 
_pdbx_struct_assembly.oligomeric_details   dimeric 
_pdbx_struct_assembly.oligomeric_count     2 
# 
_pdbx_struct_assembly_gen.assembly_id       1 
_pdbx_struct_assembly_gen.oper_expression   1,2 
_pdbx_struct_assembly_gen.asym_id_list      A,B 
# 
loop_
_pdbx_struct_assembly_prop.biol_id 
_pdbx_struct_assembly_prop.type 
_pdbx_struct_assembly_prop.value 
_pdbx_struct_assembly_prop.details 
1 'ABSA (A^2)' 2690  ? 
1 MORE         -22   ? 
1 'SSA (A^2)'  11550 ? 
# 
loop_
_pdbx_struct_oper_list.id 
_pdbx_struct_oper_list.type 
_pdbx_struct_oper_list.name 
_pdbx_struct_oper_list.symmetry_operation 
_pdbx_struct_oper_list.matrix[1][1] 
_pdbx_struct_oper_list.matrix[1][2] 
_pdbx_struct_oper_list.matrix[1][3] 
_pdbx_struct_oper_list.vector[1] 
_pdbx_struct_oper_list.matrix[2][1] 
_pdbx_struct_oper_list.matrix[2][2] 
_pdbx_struct_oper_list.matrix[2][3] 
_pdbx_struct_oper_list.vector[2] 
_pdbx_struct_oper_list.matrix[3][1] 
_pdbx_struct_oper_list.matrix[3][2] 
_pdbx_struct_oper_list.matrix[3][3] 
_pdbx_struct_oper_list.vector[3] 
1 'identity operation'         1_555 x,y,z       1.0000000000 0.0000000000  0.0000000000  0.0000000000   0.0000000000  1.0000000000  0.0000000000 0.0000000000  0.0000000000  0.0000000000 1.0000000000  0.0000000000   
2 'crystal symmetry operation' 2_656 -x+1,y,-z+1 0.3596729160 -0.2277435347 -0.9048581524 -15.2930497939 -0.2277435347 -0.9618532391 0.1515626233 -5.0496377491 -0.9048581524 0.1515626233 -0.3978196769 -21.7089531741 
# 
loop_
_pdbx_audit_revision_history.ordinal 
_pdbx_audit_revision_history.data_content_type 
_pdbx_audit_revision_history.major_revision 
_pdbx_audit_revision_history.minor_revision 
_pdbx_audit_revision_history.revision_date 
1 'Structure model' 1 0 2019-05-01 
2 'Structure model' 1 1 2020-11-11 
3 'Structure model' 1 2 2023-11-22 
# 
_pdbx_audit_revision_details.ordinal             1 
_pdbx_audit_revision_details.revision_ordinal    1 
_pdbx_audit_revision_details.data_content_type   'Structure model' 
_pdbx_audit_revision_details.provider            repository 
_pdbx_audit_revision_details.type                'Initial release' 
_pdbx_audit_revision_details.description         ? 
_pdbx_audit_revision_details.details             ? 
# 
loop_
_pdbx_audit_revision_group.ordinal 
_pdbx_audit_revision_group.revision_ordinal 
_pdbx_audit_revision_group.data_content_type 
_pdbx_audit_revision_group.group 
1 2 'Structure model' 'Database references'    
2 2 'Structure model' 'Structure summary'      
3 3 'Structure model' Advisory                 
4 3 'Structure model' 'Data collection'        
5 3 'Structure model' 'Database references'    
6 3 'Structure model' 'Refinement description' 
# 
loop_
_pdbx_audit_revision_category.ordinal 
_pdbx_audit_revision_category.revision_ordinal 
_pdbx_audit_revision_category.data_content_type 
_pdbx_audit_revision_category.category 
1 2 'Structure model' citation                      
2 2 'Structure model' citation_author               
3 2 'Structure model' struct                        
4 3 'Structure model' chem_comp_atom                
5 3 'Structure model' chem_comp_bond                
6 3 'Structure model' database_2                    
7 3 'Structure model' pdbx_initial_refinement_model 
8 3 'Structure model' pdbx_unobs_or_zero_occ_atoms  
# 
loop_
_pdbx_audit_revision_item.ordinal 
_pdbx_audit_revision_item.revision_ordinal 
_pdbx_audit_revision_item.data_content_type 
_pdbx_audit_revision_item.item 
1  2 'Structure model' '_citation.country'                   
2  2 'Structure model' '_citation.journal_abbrev'            
3  2 'Structure model' '_citation.journal_id_ASTM'           
4  2 'Structure model' '_citation.journal_id_CSD'            
5  2 'Structure model' '_citation.journal_id_ISSN'           
6  2 'Structure model' '_citation.journal_volume'            
7  2 'Structure model' '_citation.page_first'                
8  2 'Structure model' '_citation.page_last'                 
9  2 'Structure model' '_citation.pdbx_database_id_DOI'      
10 2 'Structure model' '_citation.pdbx_database_id_PubMed'   
11 2 'Structure model' '_citation.title'                     
12 2 'Structure model' '_citation.year'                      
13 2 'Structure model' '_struct.pdbx_descriptor'             
14 3 'Structure model' '_database_2.pdbx_DOI'                
15 3 'Structure model' '_database_2.pdbx_database_accession' 
# 
loop_
_software.citation_id 
_software.classification 
_software.compiler_name 
_software.compiler_version 
_software.contact_author 
_software.contact_author_email 
_software.date 
_software.description 
_software.dependencies 
_software.hardware 
_software.language 
_software.location 
_software.mods 
_software.name 
_software.os 
_software.os_version 
_software.type 
_software.version 
_software.pdbx_ordinal 
? 'data scaling'    ? ? ? ? ? ? ? ? ? ? ? SCALEPACK   ? ? ? .        1 
? refinement        ? ? ? ? ? ? ? ? ? ? ? REFMAC      ? ? ? 5.8.0103 2 
? 'data extraction' ? ? ? ? ? ? ? ? ? ? ? PDB_EXTRACT ? ? ? 3.24     3 
? 'data reduction'  ? ? ? ? ? ? ? ? ? ? ? HKL-2000    ? ? ? .        4 
? phasing           ? ? ? ? ? ? ? ? ? ? ? PHASER      ? ? ? .        5 
# 
_pdbx_validate_rmsd_angle.id                         1 
_pdbx_validate_rmsd_angle.PDB_model_num              1 
_pdbx_validate_rmsd_angle.auth_atom_id_1             CA 
_pdbx_validate_rmsd_angle.auth_asym_id_1             A 
_pdbx_validate_rmsd_angle.auth_comp_id_1             LEU 
_pdbx_validate_rmsd_angle.auth_seq_id_1              12 
_pdbx_validate_rmsd_angle.PDB_ins_code_1             ? 
_pdbx_validate_rmsd_angle.label_alt_id_1             ? 
_pdbx_validate_rmsd_angle.auth_atom_id_2             CB 
_pdbx_validate_rmsd_angle.auth_asym_id_2             A 
_pdbx_validate_rmsd_angle.auth_comp_id_2             LEU 
_pdbx_validate_rmsd_angle.auth_seq_id_2              12 
_pdbx_validate_rmsd_angle.PDB_ins_code_2             ? 
_pdbx_validate_rmsd_angle.label_alt_id_2             ? 
_pdbx_validate_rmsd_angle.auth_atom_id_3             CG 
_pdbx_validate_rmsd_angle.auth_asym_id_3             A 
_pdbx_validate_rmsd_angle.auth_comp_id_3             LEU 
_pdbx_validate_rmsd_angle.auth_seq_id_3              12 
_pdbx_validate_rmsd_angle.PDB_ins_code_3             ? 
_pdbx_validate_rmsd_angle.label_alt_id_3             ? 
_pdbx_validate_rmsd_angle.angle_value                130.83 
_pdbx_validate_rmsd_angle.angle_target_value         115.30 
_pdbx_validate_rmsd_angle.angle_deviation            15.53 
_pdbx_validate_rmsd_angle.angle_standard_deviation   2.30 
_pdbx_validate_rmsd_angle.linker_flag                N 
# 
loop_
_pdbx_unobs_or_zero_occ_atoms.id 
_pdbx_unobs_or_zero_occ_atoms.PDB_model_num 
_pdbx_unobs_or_zero_occ_atoms.polymer_flag 
_pdbx_unobs_or_zero_occ_atoms.occupancy_flag 
_pdbx_unobs_or_zero_occ_atoms.auth_asym_id 
_pdbx_unobs_or_zero_occ_atoms.auth_comp_id 
_pdbx_unobs_or_zero_occ_atoms.auth_seq_id 
_pdbx_unobs_or_zero_occ_atoms.PDB_ins_code 
_pdbx_unobs_or_zero_occ_atoms.auth_atom_id 
_pdbx_unobs_or_zero_occ_atoms.label_alt_id 
_pdbx_unobs_or_zero_occ_atoms.label_asym_id 
_pdbx_unobs_or_zero_occ_atoms.label_comp_id 
_pdbx_unobs_or_zero_occ_atoms.label_seq_id 
_pdbx_unobs_or_zero_occ_atoms.label_atom_id 
1 1 Y 0 A LYS 80 ? CG ? A LYS 77 CG 
2 1 Y 0 A LYS 80 ? CD ? A LYS 77 CD 
3 1 Y 0 A LYS 80 ? CE ? A LYS 77 CE 
4 1 Y 0 A LYS 80 ? NZ ? A LYS 77 NZ 
# 
_pdbx_unobs_or_zero_occ_residues.id               1 
_pdbx_unobs_or_zero_occ_residues.PDB_model_num    1 
_pdbx_unobs_or_zero_occ_residues.polymer_flag     Y 
_pdbx_unobs_or_zero_occ_residues.occupancy_flag   1 
_pdbx_unobs_or_zero_occ_residues.auth_asym_id     A 
_pdbx_unobs_or_zero_occ_residues.auth_comp_id     PRO 
_pdbx_unobs_or_zero_occ_residues.auth_seq_id      44 
_pdbx_unobs_or_zero_occ_residues.PDB_ins_code     ? 
_pdbx_unobs_or_zero_occ_residues.label_asym_id    A 
_pdbx_unobs_or_zero_occ_residues.label_comp_id    PRO 
_pdbx_unobs_or_zero_occ_residues.label_seq_id     41 
# 
loop_
_chem_comp_atom.comp_id 
_chem_comp_atom.atom_id 
_chem_comp_atom.type_symbol 
_chem_comp_atom.pdbx_aromatic_flag 
_chem_comp_atom.pdbx_stereo_config 
_chem_comp_atom.pdbx_ordinal 
ALA N    N N N 1   
ALA CA   C N S 2   
ALA C    C N N 3   
ALA O    O N N 4   
ALA CB   C N N 5   
ALA OXT  O N N 6   
ALA H    H N N 7   
ALA H2   H N N 8   
ALA HA   H N N 9   
ALA HB1  H N N 10  
ALA HB2  H N N 11  
ALA HB3  H N N 12  
ALA HXT  H N N 13  
ARG N    N N N 14  
ARG CA   C N S 15  
ARG C    C N N 16  
ARG O    O N N 17  
ARG CB   C N N 18  
ARG CG   C N N 19  
ARG CD   C N N 20  
ARG NE   N N N 21  
ARG CZ   C N N 22  
ARG NH1  N N N 23  
ARG NH2  N N N 24  
ARG OXT  O N N 25  
ARG H    H N N 26  
ARG H2   H N N 27  
ARG HA   H N N 28  
ARG HB2  H N N 29  
ARG HB3  H N N 30  
ARG HG2  H N N 31  
ARG HG3  H N N 32  
ARG HD2  H N N 33  
ARG HD3  H N N 34  
ARG HE   H N N 35  
ARG HH11 H N N 36  
ARG HH12 H N N 37  
ARG HH21 H N N 38  
ARG HH22 H N N 39  
ARG HXT  H N N 40  
ASN N    N N N 41  
ASN CA   C N S 42  
ASN C    C N N 43  
ASN O    O N N 44  
ASN CB   C N N 45  
ASN CG   C N N 46  
ASN OD1  O N N 47  
ASN ND2  N N N 48  
ASN OXT  O N N 49  
ASN H    H N N 50  
ASN H2   H N N 51  
ASN HA   H N N 52  
ASN HB2  H N N 53  
ASN HB3  H N N 54  
ASN HD21 H N N 55  
ASN HD22 H N N 56  
ASN HXT  H N N 57  
ASP N    N N N 58  
ASP CA   C N S 59  
ASP C    C N N 60  
ASP O    O N N 61  
ASP CB   C N N 62  
ASP CG   C N N 63  
ASP OD1  O N N 64  
ASP OD2  O N N 65  
ASP OXT  O N N 66  
ASP H    H N N 67  
ASP H2   H N N 68  
ASP HA   H N N 69  
ASP HB2  H N N 70  
ASP HB3  H N N 71  
ASP HD2  H N N 72  
ASP HXT  H N N 73  
CYS N    N N N 74  
CYS CA   C N R 75  
CYS C    C N N 76  
CYS O    O N N 77  
CYS CB   C N N 78  
CYS SG   S N N 79  
CYS OXT  O N N 80  
CYS H    H N N 81  
CYS H2   H N N 82  
CYS HA   H N N 83  
CYS HB2  H N N 84  
CYS HB3  H N N 85  
CYS HG   H N N 86  
CYS HXT  H N N 87  
GLN N    N N N 88  
GLN CA   C N S 89  
GLN C    C N N 90  
GLN O    O N N 91  
GLN CB   C N N 92  
GLN CG   C N N 93  
GLN CD   C N N 94  
GLN OE1  O N N 95  
GLN NE2  N N N 96  
GLN OXT  O N N 97  
GLN H    H N N 98  
GLN H2   H N N 99  
GLN HA   H N N 100 
GLN HB2  H N N 101 
GLN HB3  H N N 102 
GLN HG2  H N N 103 
GLN HG3  H N N 104 
GLN HE21 H N N 105 
GLN HE22 H N N 106 
GLN HXT  H N N 107 
GLU N    N N N 108 
GLU CA   C N S 109 
GLU C    C N N 110 
GLU O    O N N 111 
GLU CB   C N N 112 
GLU CG   C N N 113 
GLU CD   C N N 114 
GLU OE1  O N N 115 
GLU OE2  O N N 116 
GLU OXT  O N N 117 
GLU H    H N N 118 
GLU H2   H N N 119 
GLU HA   H N N 120 
GLU HB2  H N N 121 
GLU HB3  H N N 122 
GLU HG2  H N N 123 
GLU HG3  H N N 124 
GLU HE2  H N N 125 
GLU HXT  H N N 126 
GLY N    N N N 127 
GLY CA   C N N 128 
GLY C    C N N 129 
GLY O    O N N 130 
GLY OXT  O N N 131 
GLY H    H N N 132 
GLY H2   H N N 133 
GLY HA2  H N N 134 
GLY HA3  H N N 135 
GLY HXT  H N N 136 
HOH O    O N N 137 
HOH H1   H N N 138 
HOH H2   H N N 139 
ILE N    N N N 140 
ILE CA   C N S 141 
ILE C    C N N 142 
ILE O    O N N 143 
ILE CB   C N S 144 
ILE CG1  C N N 145 
ILE CG2  C N N 146 
ILE CD1  C N N 147 
ILE OXT  O N N 148 
ILE H    H N N 149 
ILE H2   H N N 150 
ILE HA   H N N 151 
ILE HB   H N N 152 
ILE HG12 H N N 153 
ILE HG13 H N N 154 
ILE HG21 H N N 155 
ILE HG22 H N N 156 
ILE HG23 H N N 157 
ILE HD11 H N N 158 
ILE HD12 H N N 159 
ILE HD13 H N N 160 
ILE HXT  H N N 161 
LEU N    N N N 162 
LEU CA   C N S 163 
LEU C    C N N 164 
LEU O    O N N 165 
LEU CB   C N N 166 
LEU CG   C N N 167 
LEU CD1  C N N 168 
LEU CD2  C N N 169 
LEU OXT  O N N 170 
LEU H    H N N 171 
LEU H2   H N N 172 
LEU HA   H N N 173 
LEU HB2  H N N 174 
LEU HB3  H N N 175 
LEU HG   H N N 176 
LEU HD11 H N N 177 
LEU HD12 H N N 178 
LEU HD13 H N N 179 
LEU HD21 H N N 180 
LEU HD22 H N N 181 
LEU HD23 H N N 182 
LEU HXT  H N N 183 
LYS N    N N N 184 
LYS CA   C N S 185 
LYS C    C N N 186 
LYS O    O N N 187 
LYS CB   C N N 188 
LYS CG   C N N 189 
LYS CD   C N N 190 
LYS CE   C N N 191 
LYS NZ   N N N 192 
LYS OXT  O N N 193 
LYS H    H N N 194 
LYS H2   H N N 195 
LYS HA   H N N 196 
LYS HB2  H N N 197 
LYS HB3  H N N 198 
LYS HG2  H N N 199 
LYS HG3  H N N 200 
LYS HD2  H N N 201 
LYS HD3  H N N 202 
LYS HE2  H N N 203 
LYS HE3  H N N 204 
LYS HZ1  H N N 205 
LYS HZ2  H N N 206 
LYS HZ3  H N N 207 
LYS HXT  H N N 208 
MET N    N N N 209 
MET CA   C N S 210 
MET C    C N N 211 
MET O    O N N 212 
MET CB   C N N 213 
MET CG   C N N 214 
MET SD   S N N 215 
MET CE   C N N 216 
MET OXT  O N N 217 
MET H    H N N 218 
MET H2   H N N 219 
MET HA   H N N 220 
MET HB2  H N N 221 
MET HB3  H N N 222 
MET HG2  H N N 223 
MET HG3  H N N 224 
MET HE1  H N N 225 
MET HE2  H N N 226 
MET HE3  H N N 227 
MET HXT  H N N 228 
PHE N    N N N 229 
PHE CA   C N S 230 
PHE C    C N N 231 
PHE O    O N N 232 
PHE CB   C N N 233 
PHE CG   C Y N 234 
PHE CD1  C Y N 235 
PHE CD2  C Y N 236 
PHE CE1  C Y N 237 
PHE CE2  C Y N 238 
PHE CZ   C Y N 239 
PHE OXT  O N N 240 
PHE H    H N N 241 
PHE H2   H N N 242 
PHE HA   H N N 243 
PHE HB2  H N N 244 
PHE HB3  H N N 245 
PHE HD1  H N N 246 
PHE HD2  H N N 247 
PHE HE1  H N N 248 
PHE HE2  H N N 249 
PHE HZ   H N N 250 
PHE HXT  H N N 251 
PRO N    N N N 252 
PRO CA   C N S 253 
PRO C    C N N 254 
PRO O    O N N 255 
PRO CB   C N N 256 
PRO CG   C N N 257 
PRO CD   C N N 258 
PRO OXT  O N N 259 
PRO H    H N N 260 
PRO HA   H N N 261 
PRO HB2  H N N 262 
PRO HB3  H N N 263 
PRO HG2  H N N 264 
PRO HG3  H N N 265 
PRO HD2  H N N 266 
PRO HD3  H N N 267 
PRO HXT  H N N 268 
SER N    N N N 269 
SER CA   C N S 270 
SER C    C N N 271 
SER O    O N N 272 
SER CB   C N N 273 
SER OG   O N N 274 
SER OXT  O N N 275 
SER H    H N N 276 
SER H2   H N N 277 
SER HA   H N N 278 
SER HB2  H N N 279 
SER HB3  H N N 280 
SER HG   H N N 281 
SER HXT  H N N 282 
THR N    N N N 283 
THR CA   C N S 284 
THR C    C N N 285 
THR O    O N N 286 
THR CB   C N R 287 
THR OG1  O N N 288 
THR CG2  C N N 289 
THR OXT  O N N 290 
THR H    H N N 291 
THR H2   H N N 292 
THR HA   H N N 293 
THR HB   H N N 294 
THR HG1  H N N 295 
THR HG21 H N N 296 
THR HG22 H N N 297 
THR HG23 H N N 298 
THR HXT  H N N 299 
TRP N    N N N 300 
TRP CA   C N S 301 
TRP C    C N N 302 
TRP O    O N N 303 
TRP CB   C N N 304 
TRP CG   C Y N 305 
TRP CD1  C Y N 306 
TRP CD2  C Y N 307 
TRP NE1  N Y N 308 
TRP CE2  C Y N 309 
TRP CE3  C Y N 310 
TRP CZ2  C Y N 311 
TRP CZ3  C Y N 312 
TRP CH2  C Y N 313 
TRP OXT  O N N 314 
TRP H    H N N 315 
TRP H2   H N N 316 
TRP HA   H N N 317 
TRP HB2  H N N 318 
TRP HB3  H N N 319 
TRP HD1  H N N 320 
TRP HE1  H N N 321 
TRP HE3  H N N 322 
TRP HZ2  H N N 323 
TRP HZ3  H N N 324 
TRP HH2  H N N 325 
TRP HXT  H N N 326 
TYR N    N N N 327 
TYR CA   C N S 328 
TYR C    C N N 329 
TYR O    O N N 330 
TYR CB   C N N 331 
TYR CG   C Y N 332 
TYR CD1  C Y N 333 
TYR CD2  C Y N 334 
TYR CE1  C Y N 335 
TYR CE2  C Y N 336 
TYR CZ   C Y N 337 
TYR OH   O N N 338 
TYR OXT  O N N 339 
TYR H    H N N 340 
TYR H2   H N N 341 
TYR HA   H N N 342 
TYR HB2  H N N 343 
TYR HB3  H N N 344 
TYR HD1  H N N 345 
TYR HD2  H N N 346 
TYR HE1  H N N 347 
TYR HE2  H N N 348 
TYR HH   H N N 349 
TYR HXT  H N N 350 
VAL N    N N N 351 
VAL CA   C N S 352 
VAL C    C N N 353 
VAL O    O N N 354 
VAL CB   C N N 355 
VAL CG1  C N N 356 
VAL CG2  C N N 357 
VAL OXT  O N N 358 
VAL H    H N N 359 
VAL H2   H N N 360 
VAL HA   H N N 361 
VAL HB   H N N 362 
VAL HG11 H N N 363 
VAL HG12 H N N 364 
VAL HG13 H N N 365 
VAL HG21 H N N 366 
VAL HG22 H N N 367 
VAL HG23 H N N 368 
VAL HXT  H N N 369 
# 
loop_
_chem_comp_bond.comp_id 
_chem_comp_bond.atom_id_1 
_chem_comp_bond.atom_id_2 
_chem_comp_bond.value_order 
_chem_comp_bond.pdbx_aromatic_flag 
_chem_comp_bond.pdbx_stereo_config 
_chem_comp_bond.pdbx_ordinal 
ALA N   CA   sing N N 1   
ALA N   H    sing N N 2   
ALA N   H2   sing N N 3   
ALA CA  C    sing N N 4   
ALA CA  CB   sing N N 5   
ALA CA  HA   sing N N 6   
ALA C   O    doub N N 7   
ALA C   OXT  sing N N 8   
ALA CB  HB1  sing N N 9   
ALA CB  HB2  sing N N 10  
ALA CB  HB3  sing N N 11  
ALA OXT HXT  sing N N 12  
ARG N   CA   sing N N 13  
ARG N   H    sing N N 14  
ARG N   H2   sing N N 15  
ARG CA  C    sing N N 16  
ARG CA  CB   sing N N 17  
ARG CA  HA   sing N N 18  
ARG C   O    doub N N 19  
ARG C   OXT  sing N N 20  
ARG CB  CG   sing N N 21  
ARG CB  HB2  sing N N 22  
ARG CB  HB3  sing N N 23  
ARG CG  CD   sing N N 24  
ARG CG  HG2  sing N N 25  
ARG CG  HG3  sing N N 26  
ARG CD  NE   sing N N 27  
ARG CD  HD2  sing N N 28  
ARG CD  HD3  sing N N 29  
ARG NE  CZ   sing N N 30  
ARG NE  HE   sing N N 31  
ARG CZ  NH1  sing N N 32  
ARG CZ  NH2  doub N N 33  
ARG NH1 HH11 sing N N 34  
ARG NH1 HH12 sing N N 35  
ARG NH2 HH21 sing N N 36  
ARG NH2 HH22 sing N N 37  
ARG OXT HXT  sing N N 38  
ASN N   CA   sing N N 39  
ASN N   H    sing N N 40  
ASN N   H2   sing N N 41  
ASN CA  C    sing N N 42  
ASN CA  CB   sing N N 43  
ASN CA  HA   sing N N 44  
ASN C   O    doub N N 45  
ASN C   OXT  sing N N 46  
ASN CB  CG   sing N N 47  
ASN CB  HB2  sing N N 48  
ASN CB  HB3  sing N N 49  
ASN CG  OD1  doub N N 50  
ASN CG  ND2  sing N N 51  
ASN ND2 HD21 sing N N 52  
ASN ND2 HD22 sing N N 53  
ASN OXT HXT  sing N N 54  
ASP N   CA   sing N N 55  
ASP N   H    sing N N 56  
ASP N   H2   sing N N 57  
ASP CA  C    sing N N 58  
ASP CA  CB   sing N N 59  
ASP CA  HA   sing N N 60  
ASP C   O    doub N N 61  
ASP C   OXT  sing N N 62  
ASP CB  CG   sing N N 63  
ASP CB  HB2  sing N N 64  
ASP CB  HB3  sing N N 65  
ASP CG  OD1  doub N N 66  
ASP CG  OD2  sing N N 67  
ASP OD2 HD2  sing N N 68  
ASP OXT HXT  sing N N 69  
CYS N   CA   sing N N 70  
CYS N   H    sing N N 71  
CYS N   H2   sing N N 72  
CYS CA  C    sing N N 73  
CYS CA  CB   sing N N 74  
CYS CA  HA   sing N N 75  
CYS C   O    doub N N 76  
CYS C   OXT  sing N N 77  
CYS CB  SG   sing N N 78  
CYS CB  HB2  sing N N 79  
CYS CB  HB3  sing N N 80  
CYS SG  HG   sing N N 81  
CYS OXT HXT  sing N N 82  
GLN N   CA   sing N N 83  
GLN N   H    sing N N 84  
GLN N   H2   sing N N 85  
GLN CA  C    sing N N 86  
GLN CA  CB   sing N N 87  
GLN CA  HA   sing N N 88  
GLN C   O    doub N N 89  
GLN C   OXT  sing N N 90  
GLN CB  CG   sing N N 91  
GLN CB  HB2  sing N N 92  
GLN CB  HB3  sing N N 93  
GLN CG  CD   sing N N 94  
GLN CG  HG2  sing N N 95  
GLN CG  HG3  sing N N 96  
GLN CD  OE1  doub N N 97  
GLN CD  NE2  sing N N 98  
GLN NE2 HE21 sing N N 99  
GLN NE2 HE22 sing N N 100 
GLN OXT HXT  sing N N 101 
GLU N   CA   sing N N 102 
GLU N   H    sing N N 103 
GLU N   H2   sing N N 104 
GLU CA  C    sing N N 105 
GLU CA  CB   sing N N 106 
GLU CA  HA   sing N N 107 
GLU C   O    doub N N 108 
GLU C   OXT  sing N N 109 
GLU CB  CG   sing N N 110 
GLU CB  HB2  sing N N 111 
GLU CB  HB3  sing N N 112 
GLU CG  CD   sing N N 113 
GLU CG  HG2  sing N N 114 
GLU CG  HG3  sing N N 115 
GLU CD  OE1  doub N N 116 
GLU CD  OE2  sing N N 117 
GLU OE2 HE2  sing N N 118 
GLU OXT HXT  sing N N 119 
GLY N   CA   sing N N 120 
GLY N   H    sing N N 121 
GLY N   H2   sing N N 122 
GLY CA  C    sing N N 123 
GLY CA  HA2  sing N N 124 
GLY CA  HA3  sing N N 125 
GLY C   O    doub N N 126 
GLY C   OXT  sing N N 127 
GLY OXT HXT  sing N N 128 
HOH O   H1   sing N N 129 
HOH O   H2   sing N N 130 
ILE N   CA   sing N N 131 
ILE N   H    sing N N 132 
ILE N   H2   sing N N 133 
ILE CA  C    sing N N 134 
ILE CA  CB   sing N N 135 
ILE CA  HA   sing N N 136 
ILE C   O    doub N N 137 
ILE C   OXT  sing N N 138 
ILE CB  CG1  sing N N 139 
ILE CB  CG2  sing N N 140 
ILE CB  HB   sing N N 141 
ILE CG1 CD1  sing N N 142 
ILE CG1 HG12 sing N N 143 
ILE CG1 HG13 sing N N 144 
ILE CG2 HG21 sing N N 145 
ILE CG2 HG22 sing N N 146 
ILE CG2 HG23 sing N N 147 
ILE CD1 HD11 sing N N 148 
ILE CD1 HD12 sing N N 149 
ILE CD1 HD13 sing N N 150 
ILE OXT HXT  sing N N 151 
LEU N   CA   sing N N 152 
LEU N   H    sing N N 153 
LEU N   H2   sing N N 154 
LEU CA  C    sing N N 155 
LEU CA  CB   sing N N 156 
LEU CA  HA   sing N N 157 
LEU C   O    doub N N 158 
LEU C   OXT  sing N N 159 
LEU CB  CG   sing N N 160 
LEU CB  HB2  sing N N 161 
LEU CB  HB3  sing N N 162 
LEU CG  CD1  sing N N 163 
LEU CG  CD2  sing N N 164 
LEU CG  HG   sing N N 165 
LEU CD1 HD11 sing N N 166 
LEU CD1 HD12 sing N N 167 
LEU CD1 HD13 sing N N 168 
LEU CD2 HD21 sing N N 169 
LEU CD2 HD22 sing N N 170 
LEU CD2 HD23 sing N N 171 
LEU OXT HXT  sing N N 172 
LYS N   CA   sing N N 173 
LYS N   H    sing N N 174 
LYS N   H2   sing N N 175 
LYS CA  C    sing N N 176 
LYS CA  CB   sing N N 177 
LYS CA  HA   sing N N 178 
LYS C   O    doub N N 179 
LYS C   OXT  sing N N 180 
LYS CB  CG   sing N N 181 
LYS CB  HB2  sing N N 182 
LYS CB  HB3  sing N N 183 
LYS CG  CD   sing N N 184 
LYS CG  HG2  sing N N 185 
LYS CG  HG3  sing N N 186 
LYS CD  CE   sing N N 187 
LYS CD  HD2  sing N N 188 
LYS CD  HD3  sing N N 189 
LYS CE  NZ   sing N N 190 
LYS CE  HE2  sing N N 191 
LYS CE  HE3  sing N N 192 
LYS NZ  HZ1  sing N N 193 
LYS NZ  HZ2  sing N N 194 
LYS NZ  HZ3  sing N N 195 
LYS OXT HXT  sing N N 196 
MET N   CA   sing N N 197 
MET N   H    sing N N 198 
MET N   H2   sing N N 199 
MET CA  C    sing N N 200 
MET CA  CB   sing N N 201 
MET CA  HA   sing N N 202 
MET C   O    doub N N 203 
MET C   OXT  sing N N 204 
MET CB  CG   sing N N 205 
MET CB  HB2  sing N N 206 
MET CB  HB3  sing N N 207 
MET CG  SD   sing N N 208 
MET CG  HG2  sing N N 209 
MET CG  HG3  sing N N 210 
MET SD  CE   sing N N 211 
MET CE  HE1  sing N N 212 
MET CE  HE2  sing N N 213 
MET CE  HE3  sing N N 214 
MET OXT HXT  sing N N 215 
PHE N   CA   sing N N 216 
PHE N   H    sing N N 217 
PHE N   H2   sing N N 218 
PHE CA  C    sing N N 219 
PHE CA  CB   sing N N 220 
PHE CA  HA   sing N N 221 
PHE C   O    doub N N 222 
PHE C   OXT  sing N N 223 
PHE CB  CG   sing N N 224 
PHE CB  HB2  sing N N 225 
PHE CB  HB3  sing N N 226 
PHE CG  CD1  doub Y N 227 
PHE CG  CD2  sing Y N 228 
PHE CD1 CE1  sing Y N 229 
PHE CD1 HD1  sing N N 230 
PHE CD2 CE2  doub Y N 231 
PHE CD2 HD2  sing N N 232 
PHE CE1 CZ   doub Y N 233 
PHE CE1 HE1  sing N N 234 
PHE CE2 CZ   sing Y N 235 
PHE CE2 HE2  sing N N 236 
PHE CZ  HZ   sing N N 237 
PHE OXT HXT  sing N N 238 
PRO N   CA   sing N N 239 
PRO N   CD   sing N N 240 
PRO N   H    sing N N 241 
PRO CA  C    sing N N 242 
PRO CA  CB   sing N N 243 
PRO CA  HA   sing N N 244 
PRO C   O    doub N N 245 
PRO C   OXT  sing N N 246 
PRO CB  CG   sing N N 247 
PRO CB  HB2  sing N N 248 
PRO CB  HB3  sing N N 249 
PRO CG  CD   sing N N 250 
PRO CG  HG2  sing N N 251 
PRO CG  HG3  sing N N 252 
PRO CD  HD2  sing N N 253 
PRO CD  HD3  sing N N 254 
PRO OXT HXT  sing N N 255 
SER N   CA   sing N N 256 
SER N   H    sing N N 257 
SER N   H2   sing N N 258 
SER CA  C    sing N N 259 
SER CA  CB   sing N N 260 
SER CA  HA   sing N N 261 
SER C   O    doub N N 262 
SER C   OXT  sing N N 263 
SER CB  OG   sing N N 264 
SER CB  HB2  sing N N 265 
SER CB  HB3  sing N N 266 
SER OG  HG   sing N N 267 
SER OXT HXT  sing N N 268 
THR N   CA   sing N N 269 
THR N   H    sing N N 270 
THR N   H2   sing N N 271 
THR CA  C    sing N N 272 
THR CA  CB   sing N N 273 
THR CA  HA   sing N N 274 
THR C   O    doub N N 275 
THR C   OXT  sing N N 276 
THR CB  OG1  sing N N 277 
THR CB  CG2  sing N N 278 
THR CB  HB   sing N N 279 
THR OG1 HG1  sing N N 280 
THR CG2 HG21 sing N N 281 
THR CG2 HG22 sing N N 282 
THR CG2 HG23 sing N N 283 
THR OXT HXT  sing N N 284 
TRP N   CA   sing N N 285 
TRP N   H    sing N N 286 
TRP N   H2   sing N N 287 
TRP CA  C    sing N N 288 
TRP CA  CB   sing N N 289 
TRP CA  HA   sing N N 290 
TRP C   O    doub N N 291 
TRP C   OXT  sing N N 292 
TRP CB  CG   sing N N 293 
TRP CB  HB2  sing N N 294 
TRP CB  HB3  sing N N 295 
TRP CG  CD1  doub Y N 296 
TRP CG  CD2  sing Y N 297 
TRP CD1 NE1  sing Y N 298 
TRP CD1 HD1  sing N N 299 
TRP CD2 CE2  doub Y N 300 
TRP CD2 CE3  sing Y N 301 
TRP NE1 CE2  sing Y N 302 
TRP NE1 HE1  sing N N 303 
TRP CE2 CZ2  sing Y N 304 
TRP CE3 CZ3  doub Y N 305 
TRP CE3 HE3  sing N N 306 
TRP CZ2 CH2  doub Y N 307 
TRP CZ2 HZ2  sing N N 308 
TRP CZ3 CH2  sing Y N 309 
TRP CZ3 HZ3  sing N N 310 
TRP CH2 HH2  sing N N 311 
TRP OXT HXT  sing N N 312 
TYR N   CA   sing N N 313 
TYR N   H    sing N N 314 
TYR N   H2   sing N N 315 
TYR CA  C    sing N N 316 
TYR CA  CB   sing N N 317 
TYR CA  HA   sing N N 318 
TYR C   O    doub N N 319 
TYR C   OXT  sing N N 320 
TYR CB  CG   sing N N 321 
TYR CB  HB2  sing N N 322 
TYR CB  HB3  sing N N 323 
TYR CG  CD1  doub Y N 324 
TYR CG  CD2  sing Y N 325 
TYR CD1 CE1  sing Y N 326 
TYR CD1 HD1  sing N N 327 
TYR CD2 CE2  doub Y N 328 
TYR CD2 HD2  sing N N 329 
TYR CE1 CZ   doub Y N 330 
TYR CE1 HE1  sing N N 331 
TYR CE2 CZ   sing Y N 332 
TYR CE2 HE2  sing N N 333 
TYR CZ  OH   sing N N 334 
TYR OH  HH   sing N N 335 
TYR OXT HXT  sing N N 336 
VAL N   CA   sing N N 337 
VAL N   H    sing N N 338 
VAL N   H2   sing N N 339 
VAL CA  C    sing N N 340 
VAL CA  CB   sing N N 341 
VAL CA  HA   sing N N 342 
VAL C   O    doub N N 343 
VAL C   OXT  sing N N 344 
VAL CB  CG1  sing N N 345 
VAL CB  CG2  sing N N 346 
VAL CB  HB   sing N N 347 
VAL CG1 HG11 sing N N 348 
VAL CG1 HG12 sing N N 349 
VAL CG1 HG13 sing N N 350 
VAL CG2 HG21 sing N N 351 
VAL CG2 HG22 sing N N 352 
VAL CG2 HG23 sing N N 353 
VAL OXT HXT  sing N N 354 
# 
_pdbx_audit_support.funding_organization   'National Research Foundation (Korea)' 
_pdbx_audit_support.country                'Korea, Republic Of' 
_pdbx_audit_support.grant_number           2015R1D1A1A01057574 
_pdbx_audit_support.ordinal                1 
# 
_pdbx_entity_nonpoly.entity_id   2 
_pdbx_entity_nonpoly.name        water 
_pdbx_entity_nonpoly.comp_id     HOH 
# 
_pdbx_initial_refinement_model.id               1 
_pdbx_initial_refinement_model.entity_id_list   ? 
_pdbx_initial_refinement_model.type             'experimental model' 
_pdbx_initial_refinement_model.source_name      PDB 
_pdbx_initial_refinement_model.accession_code   4ESF 
_pdbx_initial_refinement_model.details          ? 
# 
_pdbx_struct_assembly_auth_evidence.id                     1 
_pdbx_struct_assembly_auth_evidence.assembly_id            1 
_pdbx_struct_assembly_auth_evidence.experimental_support   'gel filtration' 
_pdbx_struct_assembly_auth_evidence.details                ? 
# 
